data_5YG4
#
_entry.id   5YG4
#
_cell.length_a   100.848
_cell.length_b   58.207
_cell.length_c   234.497
_cell.angle_alpha   90.000
_cell.angle_beta   89.990
_cell.angle_gamma   90.000
#
_symmetry.space_group_name_H-M   'C 1 2 1'
#
loop_
_entity.id
_entity.type
_entity.pdbx_description
1 polymer 'Serine hydroxymethyltransferase'
2 non-polymer N-GLYCINE-[3-HYDROXY-2-METHYL-5-PHOSPHONOOXYMETHYL-PYRIDIN-4-YL-METHANE]
3 non-polymer "2-[1-[(3~{S})-6'-azanyl-5'-cyano-7-fluoranyl-2,2,3'-trimethyl-spiro[1~{H}-indene-3,4'-2~{H}-pyrano[2,3-c]pyrazole]-5-yl]piperidin-4-yl]ethanoic acid"
4 non-polymer 'CHLORIDE ION'
5 non-polymer GLYCEROL
6 water water
#
_entity_poly.entity_id   1
_entity_poly.type   'polypeptide(L)'
_entity_poly.pdbx_seq_one_letter_code
;MFNNEPLEQIDKELHDILADEEKRQRETINLIASENLTNGAVRECLGNRVSNKYSEGYPKKRYYGGNDFIDKIEELCQKR
ALEAFNVSDEEWGVNVQPLSGSAANVQALYALVGVKGKIMGMHLCSGGHLTHGFFDEKKKVSITSDMFESKLYKCNSQGY
VDLDAVREMALSFKPKVIICGYTSYPRDIDYQQFRQICDEVNAYLFADISHISSFVACNILNNPFLHADVVTTTTHKILR
GPRSALIFFNKKRNPGIEQKINSAVFPSFQGGPHNNKIAAVACQLKEVHSPAFKEYTQQVLLNSKALAKALISKQIDLVT
NGTDNHLIVVDLRKFSITGSKLQETCNAINVSLNKNTIPSDVDCVSPSGVRIGTPAMTTRGAKEKDMEFIADVLARAIKI
TVDLQEQYGKKLVDFKKGLPGNAQLQQLKQEVVTWAGALPFP
;
_entity_poly.pdbx_strand_id   A,B,C
#
# COMPACT_ATOMS: atom_id res chain seq x y z
N MET A 1 1.69 -21.03 -16.25
CA MET A 1 2.57 -21.10 -15.04
C MET A 1 1.81 -21.61 -13.79
N PHE A 2 1.02 -22.66 -13.98
CA PHE A 2 0.29 -23.29 -12.88
C PHE A 2 0.49 -24.80 -12.84
N ASN A 3 0.28 -25.36 -11.66
CA ASN A 3 0.28 -26.80 -11.45
C ASN A 3 -1.16 -27.30 -11.47
N ASN A 4 -1.47 -28.16 -12.44
CA ASN A 4 -2.82 -28.69 -12.58
C ASN A 4 -3.02 -30.11 -12.02
N GLU A 5 -2.02 -30.62 -11.29
CA GLU A 5 -2.11 -31.93 -10.62
C GLU A 5 -3.31 -32.00 -9.67
N PRO A 6 -4.07 -33.13 -9.67
CA PRO A 6 -5.22 -33.22 -8.75
C PRO A 6 -4.85 -33.11 -7.26
N LEU A 7 -5.89 -32.94 -6.45
CA LEU A 7 -5.74 -32.62 -5.01
C LEU A 7 -4.98 -33.68 -4.26
N GLU A 8 -5.32 -34.94 -4.55
CA GLU A 8 -4.60 -36.13 -4.03
C GLU A 8 -3.10 -36.15 -4.36
N GLN A 9 -2.76 -35.72 -5.56
CA GLN A 9 -1.35 -35.68 -5.99
C GLN A 9 -0.62 -34.45 -5.48
N ILE A 10 -1.24 -33.29 -5.64
CA ILE A 10 -0.60 -32.01 -5.28
C ILE A 10 -0.44 -31.82 -3.79
N ASP A 11 -1.39 -32.31 -2.99
CA ASP A 11 -1.34 -32.15 -1.54
C ASP A 11 -1.89 -33.39 -0.89
N LYS A 12 -1.01 -34.38 -0.72
CA LYS A 12 -1.39 -35.67 -0.14
C LYS A 12 -1.71 -35.56 1.33
N GLU A 13 -0.96 -34.74 2.06
CA GLU A 13 -1.26 -34.54 3.48
C GLU A 13 -2.72 -34.11 3.69
N LEU A 14 -3.12 -33.01 3.04
CA LEU A 14 -4.47 -32.45 3.18
C LEU A 14 -5.51 -33.41 2.70
N HIS A 15 -5.25 -34.09 1.60
CA HIS A 15 -6.22 -35.03 1.03
C HIS A 15 -6.59 -36.19 1.97
N ASP A 16 -5.68 -36.57 2.86
CA ASP A 16 -5.94 -37.67 3.81
C ASP A 16 -6.83 -37.22 4.96
N ILE A 17 -6.52 -36.05 5.51
CA ILE A 17 -7.35 -35.45 6.54
C ILE A 17 -8.80 -35.29 6.03
N LEU A 18 -8.95 -34.86 4.77
CA LEU A 18 -10.28 -34.69 4.16
C LEU A 18 -10.96 -36.04 3.85
N ALA A 19 -10.17 -37.04 3.48
CA ALA A 19 -10.70 -38.41 3.32
C ALA A 19 -11.20 -38.89 4.68
N ASP A 20 -10.42 -38.65 5.73
CA ASP A 20 -10.82 -38.97 7.09
C ASP A 20 -12.09 -38.22 7.51
N GLU A 21 -12.09 -36.89 7.36
CA GLU A 21 -13.29 -36.08 7.62
C GLU A 21 -14.50 -36.70 6.95
N GLU A 22 -14.36 -37.03 5.67
CA GLU A 22 -15.42 -37.70 4.89
C GLU A 22 -15.91 -39.01 5.54
N LYS A 23 -14.95 -39.84 5.98
CA LYS A 23 -15.23 -41.12 6.63
C LYS A 23 -15.96 -40.87 7.99
N ARG A 24 -15.48 -39.92 8.78
CA ARG A 24 -16.14 -39.51 10.04
C ARG A 24 -17.59 -39.05 9.81
N GLN A 25 -17.85 -38.31 8.74
CA GLN A 25 -19.21 -37.81 8.44
C GLN A 25 -20.12 -38.97 8.06
N ARG A 26 -19.55 -39.89 7.29
CA ARG A 26 -20.26 -41.08 6.82
C ARG A 26 -20.66 -42.03 7.98
N GLU A 27 -19.85 -42.08 9.04
CA GLU A 27 -20.01 -43.03 10.14
C GLU A 27 -20.51 -42.39 11.44
N THR A 28 -21.32 -41.33 11.33
CA THR A 28 -21.77 -40.57 12.50
C THR A 28 -23.28 -40.43 12.46
N ILE A 29 -23.90 -40.57 13.63
CA ILE A 29 -25.27 -40.09 13.81
C ILE A 29 -25.17 -38.59 14.14
N ASN A 30 -25.37 -37.76 13.11
CA ASN A 30 -25.24 -36.31 13.23
C ASN A 30 -26.57 -35.69 13.64
N LEU A 31 -26.63 -35.26 14.89
CA LEU A 31 -27.76 -34.58 15.44
C LEU A 31 -27.44 -33.11 15.73
N ILE A 32 -26.44 -32.52 15.06
CA ILE A 32 -26.20 -31.06 15.21
C ILE A 32 -27.34 -30.40 14.47
N ALA A 33 -28.18 -29.69 15.20
CA ALA A 33 -29.43 -29.17 14.66
C ALA A 33 -29.20 -28.19 13.52
N SER A 34 -28.01 -27.58 13.50
CA SER A 34 -27.63 -26.57 12.52
C SER A 34 -26.85 -27.09 11.32
N GLU A 35 -26.71 -28.41 11.16
CA GLU A 35 -25.91 -28.98 10.08
C GLU A 35 -26.78 -29.77 9.14
N ASN A 36 -26.28 -29.93 7.92
CA ASN A 36 -26.95 -30.75 6.90
C ASN A 36 -25.89 -31.33 5.97
N LEU A 37 -26.31 -31.98 4.89
CA LEU A 37 -25.36 -32.53 3.92
C LEU A 37 -25.65 -31.97 2.54
N THR A 38 -24.69 -31.30 1.92
CA THR A 38 -24.89 -30.78 0.57
C THR A 38 -24.77 -31.88 -0.48
N ASN A 39 -25.58 -31.78 -1.53
CA ASN A 39 -25.48 -32.70 -2.67
C ASN A 39 -24.30 -32.31 -3.57
N GLY A 40 -24.02 -33.16 -4.57
CA GLY A 40 -22.90 -32.96 -5.49
C GLY A 40 -23.01 -31.66 -6.32
N ALA A 41 -24.23 -31.32 -6.74
CA ALA A 41 -24.44 -30.12 -7.54
C ALA A 41 -24.08 -28.84 -6.79
N VAL A 42 -24.48 -28.75 -5.53
CA VAL A 42 -24.15 -27.59 -4.70
C VAL A 42 -22.64 -27.50 -4.52
N ARG A 43 -21.99 -28.63 -4.31
CA ARG A 43 -20.53 -28.66 -4.25
C ARG A 43 -19.82 -28.41 -5.59
N GLU A 44 -20.46 -28.66 -6.71
CA GLU A 44 -19.92 -28.28 -8.03
C GLU A 44 -19.92 -26.77 -8.18
N CYS A 45 -21.00 -26.13 -7.76
CA CYS A 45 -21.08 -24.67 -7.76
C CYS A 45 -19.97 -24.06 -6.92
N LEU A 46 -19.85 -24.54 -5.70
CA LEU A 46 -18.84 -24.10 -4.76
C LEU A 46 -17.43 -24.23 -5.32
N GLY A 47 -17.21 -25.25 -6.15
CA GLY A 47 -15.93 -25.45 -6.83
C GLY A 47 -15.81 -24.82 -8.22
N ASN A 48 -16.71 -23.92 -8.59
CA ASN A 48 -16.73 -23.39 -9.96
C ASN A 48 -15.84 -22.15 -10.14
N ARG A 49 -15.19 -22.04 -11.28
CA ARG A 49 -14.29 -20.91 -11.60
C ARG A 49 -14.96 -19.52 -11.56
N VAL A 50 -16.28 -19.49 -11.47
CA VAL A 50 -16.97 -18.24 -11.24
C VAL A 50 -16.46 -17.48 -9.99
N SER A 51 -15.89 -18.17 -8.99
CA SER A 51 -15.22 -17.50 -7.85
C SER A 51 -13.97 -16.65 -8.25
N ASN A 52 -13.47 -16.82 -9.48
CA ASN A 52 -12.40 -15.93 -10.01
C ASN A 52 -12.79 -14.46 -10.19
N LYS A 53 -14.08 -14.17 -10.31
CA LYS A 53 -14.56 -12.85 -10.72
C LYS A 53 -14.81 -11.89 -9.56
N TYR A 54 -14.16 -10.74 -9.65
CA TYR A 54 -14.46 -9.60 -8.82
C TYR A 54 -15.68 -8.94 -9.46
N SER A 55 -16.74 -8.75 -8.68
CA SER A 55 -17.95 -8.17 -9.19
C SER A 55 -18.61 -7.32 -8.13
N GLU A 56 -17.83 -6.37 -7.61
CA GLU A 56 -18.33 -5.45 -6.58
C GLU A 56 -19.48 -4.61 -7.07
N GLY A 57 -20.45 -4.38 -6.22
CA GLY A 57 -21.69 -3.70 -6.61
C GLY A 57 -22.85 -4.68 -6.69
N TYR A 58 -23.79 -4.36 -7.59
CA TYR A 58 -25.00 -5.15 -7.77
C TYR A 58 -25.21 -5.33 -9.25
N PRO A 59 -26.12 -6.23 -9.67
CA PRO A 59 -26.35 -6.48 -11.09
C PRO A 59 -26.81 -5.24 -11.88
N LYS A 60 -26.24 -5.03 -13.06
CA LYS A 60 -26.50 -3.86 -13.91
C LYS A 60 -26.00 -2.53 -13.31
N LYS A 61 -25.37 -2.55 -12.14
CA LYS A 61 -24.85 -1.35 -11.44
C LYS A 61 -23.55 -1.77 -10.80
N ARG A 62 -22.72 -2.37 -11.64
CA ARG A 62 -21.48 -3.02 -11.24
C ARG A 62 -20.41 -1.98 -11.41
N TYR A 63 -19.35 -2.09 -10.64
CA TYR A 63 -18.23 -1.17 -10.75
C TYR A 63 -17.36 -1.58 -11.92
N TYR A 64 -17.26 -2.88 -12.13
CA TYR A 64 -16.45 -3.48 -13.18
C TYR A 64 -17.29 -4.01 -14.32
N GLY A 65 -16.63 -4.29 -15.44
CA GLY A 65 -17.25 -4.95 -16.57
C GLY A 65 -16.91 -6.43 -16.58
N GLY A 66 -17.42 -7.14 -17.58
CA GLY A 66 -17.20 -8.57 -17.69
C GLY A 66 -18.10 -9.34 -16.73
N ASN A 67 -19.16 -8.69 -16.28
CA ASN A 67 -20.06 -9.20 -15.26
C ASN A 67 -21.40 -9.62 -15.81
N ASP A 68 -21.43 -9.90 -17.11
CA ASP A 68 -22.68 -10.20 -17.78
C ASP A 68 -23.22 -11.55 -17.32
N PHE A 69 -22.35 -12.53 -17.31
CA PHE A 69 -22.75 -13.84 -16.82
C PHE A 69 -22.92 -13.86 -15.28
N ILE A 70 -22.14 -13.05 -14.56
CA ILE A 70 -22.28 -12.95 -13.10
C ILE A 70 -23.62 -12.33 -12.70
N ASP A 71 -24.00 -11.26 -13.41
CA ASP A 71 -25.30 -10.62 -13.25
C ASP A 71 -26.45 -11.61 -13.43
N LYS A 72 -26.33 -12.47 -14.44
CA LYS A 72 -27.36 -13.49 -14.69
C LYS A 72 -27.46 -14.45 -13.51
N ILE A 73 -26.30 -14.84 -12.97
CA ILE A 73 -26.28 -15.73 -11.84
C ILE A 73 -26.88 -15.05 -10.63
N GLU A 74 -26.43 -13.82 -10.34
CA GLU A 74 -26.96 -13.11 -9.16
C GLU A 74 -28.44 -12.88 -9.23
N GLU A 75 -28.95 -12.47 -10.39
CA GLU A 75 -30.40 -12.20 -10.58
C GLU A 75 -31.26 -13.45 -10.47
N LEU A 76 -30.76 -14.56 -11.01
CA LEU A 76 -31.38 -15.88 -10.86
C LEU A 76 -31.47 -16.35 -9.41
N CYS A 77 -30.45 -16.03 -8.62
CA CYS A 77 -30.45 -16.34 -7.22
C CYS A 77 -31.48 -15.52 -6.47
N GLN A 78 -31.56 -14.24 -6.78
CA GLN A 78 -32.58 -13.33 -6.22
C GLN A 78 -34.01 -13.79 -6.59
N LYS A 79 -34.21 -14.09 -7.88
CA LYS A 79 -35.52 -14.53 -8.36
C LYS A 79 -35.93 -15.76 -7.54
N ARG A 80 -35.08 -16.78 -7.56
CA ARG A 80 -35.36 -18.07 -6.94
C ARG A 80 -35.51 -18.00 -5.41
N ALA A 81 -34.86 -17.04 -4.76
CA ALA A 81 -35.07 -16.81 -3.33
C ALA A 81 -36.45 -16.27 -3.03
N LEU A 82 -36.88 -15.30 -3.82
CA LEU A 82 -38.21 -14.71 -3.68
C LEU A 82 -39.27 -15.76 -3.99
N GLU A 83 -39.03 -16.57 -5.01
CA GLU A 83 -39.93 -17.68 -5.32
C GLU A 83 -40.05 -18.63 -4.14
N ALA A 84 -38.89 -19.15 -3.67
CA ALA A 84 -38.83 -20.18 -2.64
C ALA A 84 -39.57 -19.81 -1.40
N PHE A 85 -39.59 -18.54 -1.04
CA PHE A 85 -40.33 -18.09 0.14
C PHE A 85 -41.68 -17.46 -0.20
N ASN A 86 -42.15 -17.67 -1.44
CA ASN A 86 -43.49 -17.25 -1.89
C ASN A 86 -43.82 -15.79 -1.53
N VAL A 87 -42.94 -14.90 -1.98
CA VAL A 87 -43.14 -13.46 -1.87
C VAL A 87 -43.01 -12.90 -3.27
N SER A 88 -43.70 -11.78 -3.49
CA SER A 88 -43.74 -11.13 -4.79
C SER A 88 -42.56 -10.20 -4.90
N ASP A 89 -41.84 -10.26 -6.03
CA ASP A 89 -40.74 -9.33 -6.32
C ASP A 89 -41.13 -7.84 -6.31
N GLU A 90 -42.44 -7.55 -6.37
CA GLU A 90 -42.93 -6.16 -6.28
C GLU A 90 -42.95 -5.68 -4.82
N GLU A 91 -43.29 -6.59 -3.90
CA GLU A 91 -43.39 -6.30 -2.45
C GLU A 91 -42.07 -6.54 -1.64
N TRP A 92 -41.33 -7.58 -2.02
CA TRP A 92 -40.13 -8.00 -1.29
C TRP A 92 -38.92 -7.92 -2.14
N GLY A 93 -37.84 -7.43 -1.54
CA GLY A 93 -36.53 -7.61 -2.17
C GLY A 93 -35.60 -8.45 -1.31
N VAL A 94 -34.57 -9.01 -1.95
CA VAL A 94 -33.59 -9.85 -1.29
C VAL A 94 -32.15 -9.52 -1.73
N ASN A 95 -31.25 -9.47 -0.74
CA ASN A 95 -29.81 -9.40 -0.99
C ASN A 95 -29.11 -10.77 -0.75
N VAL A 96 -28.46 -11.27 -1.80
CA VAL A 96 -27.84 -12.60 -1.83
C VAL A 96 -26.29 -12.60 -1.65
N GLN A 97 -25.72 -11.46 -1.27
CA GLN A 97 -24.28 -11.32 -1.08
C GLN A 97 -23.67 -11.61 0.32
N PRO A 98 -24.45 -11.52 1.43
CA PRO A 98 -23.87 -11.86 2.75
C PRO A 98 -23.19 -13.22 2.78
N LEU A 99 -21.95 -13.23 3.25
CA LEU A 99 -21.11 -14.43 3.24
C LEU A 99 -21.50 -15.50 4.23
N SER A 100 -22.21 -15.15 5.30
CA SER A 100 -22.71 -16.11 6.28
C SER A 100 -23.77 -15.43 7.16
N GLY A 101 -24.45 -16.19 8.00
CA GLY A 101 -25.57 -15.64 8.77
C GLY A 101 -25.25 -14.52 9.72
N SER A 102 -24.07 -14.57 10.34
CA SER A 102 -23.67 -13.56 11.31
C SER A 102 -23.41 -12.24 10.59
N ALA A 103 -22.73 -12.29 9.45
CA ALA A 103 -22.53 -11.10 8.62
C ALA A 103 -23.89 -10.48 8.17
N ALA A 104 -24.79 -11.32 7.70
CA ALA A 104 -26.10 -10.89 7.23
C ALA A 104 -26.86 -10.13 8.29
N ASN A 105 -26.85 -10.63 9.52
CA ASN A 105 -27.50 -9.96 10.64
C ASN A 105 -26.83 -8.65 11.06
N VAL A 106 -25.50 -8.62 11.15
CA VAL A 106 -24.81 -7.40 11.53
C VAL A 106 -25.08 -6.33 10.50
N GLN A 107 -24.97 -6.72 9.23
CA GLN A 107 -25.28 -5.86 8.09
C GLN A 107 -26.72 -5.38 8.10
N ALA A 108 -27.67 -6.30 8.22
CA ALA A 108 -29.09 -5.94 8.20
C ALA A 108 -29.47 -5.05 9.39
N LEU A 109 -28.87 -5.29 10.56
CA LEU A 109 -29.15 -4.52 11.74
C LEU A 109 -28.61 -3.11 11.57
N TYR A 110 -27.38 -2.99 11.06
CA TYR A 110 -26.78 -1.70 10.82
C TYR A 110 -27.61 -0.88 9.83
N ALA A 111 -28.08 -1.50 8.77
CA ALA A 111 -28.98 -0.82 7.81
C ALA A 111 -30.17 -0.13 8.52
N LEU A 112 -30.80 -0.86 9.46
CA LEU A 112 -32.02 -0.40 10.14
C LEU A 112 -31.79 0.65 11.20
N VAL A 113 -30.74 0.49 12.03
CA VAL A 113 -30.51 1.33 13.21
C VAL A 113 -29.22 2.12 13.29
N GLY A 114 -28.14 1.62 12.67
CA GLY A 114 -26.86 2.29 12.66
C GLY A 114 -26.08 2.16 13.96
N VAL A 115 -24.90 2.77 13.98
CA VAL A 115 -24.05 2.73 15.17
C VAL A 115 -24.75 3.41 16.33
N LYS A 116 -24.55 2.85 17.54
CA LYS A 116 -25.28 3.24 18.76
C LYS A 116 -26.82 2.99 18.69
N GLY A 117 -27.31 2.38 17.61
CA GLY A 117 -28.72 2.06 17.48
C GLY A 117 -29.17 1.01 18.48
N LYS A 118 -30.47 1.05 18.81
CA LYS A 118 -31.02 0.21 19.87
C LYS A 118 -31.69 -0.99 19.26
N ILE A 119 -31.36 -2.17 19.80
CA ILE A 119 -31.95 -3.40 19.37
C ILE A 119 -32.34 -4.30 20.56
N MET A 120 -33.33 -5.14 20.31
CA MET A 120 -33.80 -6.11 21.28
C MET A 120 -33.70 -7.49 20.65
N GLY A 121 -33.19 -8.46 21.40
CA GLY A 121 -33.18 -9.85 20.93
C GLY A 121 -33.38 -10.80 22.09
N MET A 122 -33.59 -12.08 21.78
CA MET A 122 -33.66 -13.09 22.81
C MET A 122 -32.27 -13.41 23.30
N HIS A 123 -32.19 -13.64 24.60
CA HIS A 123 -30.94 -13.91 25.28
C HIS A 123 -30.40 -15.26 24.80
N LEU A 124 -29.08 -15.38 24.75
CA LEU A 124 -28.39 -16.62 24.35
C LEU A 124 -28.84 -17.87 25.08
N CYS A 125 -28.83 -17.82 26.40
CA CYS A 125 -29.37 -18.88 27.27
C CYS A 125 -30.80 -19.30 27.03
N SER A 126 -31.64 -18.41 26.55
CA SER A 126 -33.04 -18.77 26.23
C SER A 126 -33.25 -19.33 24.82
N GLY A 127 -32.21 -19.28 23.97
CA GLY A 127 -32.32 -19.72 22.57
C GLY A 127 -31.89 -18.71 21.51
N GLY A 128 -31.66 -17.45 21.89
CA GLY A 128 -31.18 -16.44 20.95
C GLY A 128 -29.77 -16.71 20.45
N HIS A 129 -29.47 -16.17 19.26
CA HIS A 129 -28.12 -16.19 18.69
C HIS A 129 -27.26 -15.06 19.22
N LEU A 130 -25.95 -15.22 19.10
CA LEU A 130 -24.97 -14.21 19.48
C LEU A 130 -25.19 -12.88 18.77
N THR A 131 -25.58 -12.93 17.50
CA THR A 131 -25.82 -11.72 16.70
C THR A 131 -27.15 -11.02 16.96
N HIS A 132 -27.89 -11.47 18.00
CA HIS A 132 -29.12 -10.82 18.45
C HIS A 132 -28.84 -9.92 19.65
N GLY A 133 -27.60 -9.45 19.75
CA GLY A 133 -27.22 -8.50 20.76
C GLY A 133 -26.57 -9.09 21.98
N PHE A 134 -25.98 -10.29 21.87
CA PHE A 134 -25.52 -10.96 23.07
C PHE A 134 -24.32 -10.31 23.76
N PHE A 135 -24.48 -10.10 25.07
CA PHE A 135 -23.40 -9.74 25.94
C PHE A 135 -23.63 -10.41 27.30
N ASP A 136 -22.61 -10.40 28.13
CA ASP A 136 -22.70 -10.85 29.51
C ASP A 136 -22.21 -9.70 30.40
N GLU A 137 -22.34 -9.89 31.71
CA GLU A 137 -21.94 -8.87 32.68
C GLU A 137 -20.47 -8.47 32.47
N LYS A 138 -19.63 -9.47 32.19
CA LYS A 138 -18.18 -9.27 32.09
C LYS A 138 -17.70 -8.61 30.78
N LYS A 139 -18.47 -8.76 29.68
CA LYS A 139 -18.01 -8.31 28.35
C LYS A 139 -19.13 -8.24 27.30
N LYS A 140 -18.92 -7.40 26.30
CA LYS A 140 -19.75 -7.37 25.09
C LYS A 140 -19.29 -8.44 24.11
N VAL A 141 -19.77 -9.67 24.35
CA VAL A 141 -19.39 -10.86 23.59
C VAL A 141 -19.58 -10.68 22.06
N SER A 142 -20.75 -10.18 21.67
CA SER A 142 -21.04 -9.98 20.25
C SER A 142 -20.83 -8.53 19.87
N ILE A 143 -20.39 -8.29 18.63
CA ILE A 143 -20.35 -6.94 18.09
C ILE A 143 -21.73 -6.27 18.14
N THR A 144 -22.79 -7.08 18.04
CA THR A 144 -24.14 -6.57 18.12
C THR A 144 -24.56 -6.07 19.49
N SER A 145 -23.74 -6.29 20.51
CA SER A 145 -23.96 -5.64 21.81
C SER A 145 -23.08 -4.42 22.00
N ASP A 146 -22.06 -4.26 21.14
CA ASP A 146 -21.09 -3.18 21.25
C ASP A 146 -21.35 -2.07 20.25
N MET A 147 -21.47 -2.41 18.98
CA MET A 147 -21.73 -1.39 17.97
C MET A 147 -23.19 -0.92 17.99
N PHE A 148 -24.03 -1.66 18.73
CA PHE A 148 -25.41 -1.29 18.98
C PHE A 148 -25.61 -1.28 20.49
N GLU A 149 -26.66 -0.60 20.94
CA GLU A 149 -27.07 -0.65 22.36
C GLU A 149 -28.09 -1.76 22.41
N SER A 150 -27.80 -2.80 23.20
CA SER A 150 -28.67 -3.98 23.14
C SER A 150 -29.36 -4.32 24.47
N LYS A 151 -30.54 -4.90 24.35
CA LYS A 151 -31.33 -5.35 25.48
C LYS A 151 -31.77 -6.78 25.15
N LEU A 152 -31.88 -7.63 26.17
CA LEU A 152 -32.15 -9.04 25.92
C LEU A 152 -33.32 -9.50 26.72
N TYR A 153 -34.31 -10.08 26.03
CA TYR A 153 -35.49 -10.66 26.69
C TYR A 153 -35.34 -12.16 26.83
N LYS A 154 -35.82 -12.70 27.95
CA LYS A 154 -35.67 -14.10 28.30
C LYS A 154 -36.97 -14.84 28.10
N CYS A 155 -36.87 -16.16 28.01
CA CYS A 155 -38.04 -17.03 28.02
C CYS A 155 -38.38 -17.31 29.48
N ASN A 156 -39.60 -17.79 29.71
CA ASN A 156 -40.02 -18.15 31.08
C ASN A 156 -39.38 -19.46 31.52
N SER A 157 -39.63 -19.84 32.78
CA SER A 157 -39.09 -21.08 33.36
C SER A 157 -39.44 -22.33 32.56
N GLN A 158 -40.61 -22.34 31.90
CA GLN A 158 -41.03 -23.47 31.07
C GLN A 158 -40.44 -23.47 29.66
N GLY A 159 -39.72 -22.40 29.29
CA GLY A 159 -38.94 -22.33 28.06
C GLY A 159 -39.64 -21.72 26.86
N TYR A 160 -40.68 -20.92 27.10
CA TYR A 160 -41.45 -20.28 26.02
C TYR A 160 -41.13 -18.79 26.03
N VAL A 161 -41.14 -18.18 24.85
CA VAL A 161 -41.00 -16.75 24.76
C VAL A 161 -42.18 -16.15 25.52
N ASP A 162 -41.87 -15.27 26.46
CA ASP A 162 -42.88 -14.61 27.29
C ASP A 162 -43.13 -13.26 26.66
N LEU A 163 -44.15 -13.18 25.82
CA LEU A 163 -44.47 -11.93 25.12
C LEU A 163 -44.83 -10.76 26.05
N ASP A 164 -45.32 -11.05 27.26
CA ASP A 164 -45.54 -10.00 28.26
C ASP A 164 -44.21 -9.32 28.61
N ALA A 165 -43.17 -10.12 28.76
CA ALA A 165 -41.84 -9.62 29.04
C ALA A 165 -41.29 -8.81 27.86
N VAL A 166 -41.54 -9.29 26.64
CA VAL A 166 -41.09 -8.59 25.41
C VAL A 166 -41.71 -7.18 25.28
N ARG A 167 -43.00 -7.04 25.56
CA ARG A 167 -43.67 -5.71 25.59
C ARG A 167 -43.19 -4.81 26.73
N GLU A 168 -43.13 -5.32 27.96
CA GLU A 168 -42.59 -4.54 29.08
C GLU A 168 -41.22 -3.98 28.74
N MET A 169 -40.40 -4.77 28.04
CA MET A 169 -39.05 -4.35 27.71
C MET A 169 -39.10 -3.36 26.54
N ALA A 170 -39.89 -3.64 25.51
CA ALA A 170 -39.97 -2.73 24.37
C ALA A 170 -40.47 -1.31 24.73
N LEU A 171 -41.45 -1.20 25.63
CA LEU A 171 -41.98 0.11 26.05
C LEU A 171 -40.99 0.91 26.87
N SER A 172 -40.25 0.28 27.77
CA SER A 172 -39.29 1.03 28.61
C SER A 172 -37.94 1.29 27.91
N PHE A 173 -37.47 0.34 27.09
CA PHE A 173 -36.20 0.47 26.33
C PHE A 173 -36.36 1.21 24.99
N LYS A 174 -37.51 1.07 24.32
CA LYS A 174 -37.80 1.78 23.06
C LYS A 174 -36.77 1.46 21.96
N PRO A 175 -36.63 0.18 21.57
CA PRO A 175 -35.65 -0.08 20.53
C PRO A 175 -36.20 0.22 19.15
N LYS A 176 -35.32 0.46 18.21
CA LYS A 176 -35.67 0.55 16.78
C LYS A 176 -35.89 -0.81 16.14
N VAL A 177 -35.27 -1.86 16.68
CA VAL A 177 -35.46 -3.22 16.13
C VAL A 177 -35.76 -4.24 17.23
N ILE A 178 -36.67 -5.16 16.93
CA ILE A 178 -36.92 -6.30 17.80
C ILE A 178 -36.67 -7.53 16.96
N ILE A 179 -35.78 -8.40 17.43
CA ILE A 179 -35.38 -9.59 16.67
C ILE A 179 -36.11 -10.83 17.19
N CYS A 180 -36.65 -11.63 16.29
CA CYS A 180 -37.16 -12.95 16.68
C CYS A 180 -36.76 -14.00 15.66
N GLY A 181 -36.94 -15.27 16.02
CA GLY A 181 -36.35 -16.38 15.24
C GLY A 181 -34.98 -16.65 15.83
N TYR A 182 -34.68 -17.94 16.06
CA TYR A 182 -33.71 -18.30 17.11
C TYR A 182 -32.82 -19.47 16.76
N THR A 183 -31.82 -19.71 17.60
CA THR A 183 -30.83 -20.78 17.33
C THR A 183 -31.19 -22.10 18.01
N SER A 184 -31.77 -22.04 19.21
CA SER A 184 -32.17 -23.23 19.98
C SER A 184 -33.57 -23.14 20.56
N TYR A 185 -34.53 -22.60 19.82
CA TYR A 185 -35.90 -22.57 20.27
C TYR A 185 -36.62 -23.75 19.62
N PRO A 186 -37.22 -24.63 20.44
CA PRO A 186 -37.91 -25.83 19.93
C PRO A 186 -39.37 -25.66 19.51
N ARG A 187 -39.89 -24.43 19.60
CA ARG A 187 -41.29 -24.14 19.23
C ARG A 187 -41.46 -23.03 18.16
N ASP A 188 -42.64 -22.97 17.57
CA ASP A 188 -42.95 -21.97 16.54
C ASP A 188 -43.14 -20.59 17.22
N ILE A 189 -43.21 -19.55 16.39
CA ILE A 189 -43.12 -18.18 16.85
C ILE A 189 -44.41 -17.44 16.47
N ASP A 190 -44.95 -16.66 17.39
CA ASP A 190 -46.11 -15.81 17.08
C ASP A 190 -45.65 -14.43 16.55
N TYR A 191 -45.42 -14.37 15.25
CA TYR A 191 -44.91 -13.14 14.61
C TYR A 191 -45.90 -12.01 14.69
N GLN A 192 -47.20 -12.33 14.53
CA GLN A 192 -48.25 -11.31 14.67
C GLN A 192 -48.15 -10.58 16.01
N GLN A 193 -47.96 -11.31 17.10
CA GLN A 193 -47.80 -10.66 18.42
C GLN A 193 -46.48 -9.90 18.52
N PHE A 194 -45.46 -10.32 17.79
CA PHE A 194 -44.25 -9.52 17.65
C PHE A 194 -44.54 -8.24 16.86
N ARG A 195 -45.21 -8.37 15.72
CA ARG A 195 -45.62 -7.25 14.87
C ARG A 195 -46.47 -6.23 15.65
N GLN A 196 -47.38 -6.74 16.44
CA GLN A 196 -48.21 -5.92 17.31
C GLN A 196 -47.37 -5.10 18.31
N ILE A 197 -46.36 -5.71 18.92
CA ILE A 197 -45.48 -5.03 19.89
C ILE A 197 -44.56 -3.99 19.24
N CYS A 198 -44.06 -4.33 18.05
CA CYS A 198 -43.19 -3.46 17.28
C CYS A 198 -43.95 -2.21 16.85
N ASP A 199 -45.12 -2.41 16.24
CA ASP A 199 -46.04 -1.34 15.83
C ASP A 199 -46.31 -0.33 16.94
N GLU A 200 -46.50 -0.85 18.15
CA GLU A 200 -46.77 -0.04 19.34
C GLU A 200 -45.65 0.93 19.61
N VAL A 201 -44.41 0.42 19.57
CA VAL A 201 -43.19 1.16 19.94
C VAL A 201 -42.47 1.78 18.71
N ASN A 202 -43.00 1.56 17.51
CA ASN A 202 -42.43 2.07 16.24
C ASN A 202 -41.05 1.46 15.92
N ALA A 203 -40.90 0.17 16.22
CA ALA A 203 -39.67 -0.61 15.92
C ALA A 203 -39.86 -1.46 14.66
N TYR A 204 -38.76 -1.83 14.01
CA TYR A 204 -38.82 -2.82 12.93
C TYR A 204 -38.97 -4.22 13.51
N LEU A 205 -39.66 -5.08 12.77
CA LEU A 205 -39.75 -6.51 13.07
C LEU A 205 -38.71 -7.24 12.25
N PHE A 206 -37.83 -7.97 12.94
CA PHE A 206 -36.68 -8.66 12.32
C PHE A 206 -36.84 -10.14 12.68
N ALA A 207 -36.96 -10.98 11.66
CA ALA A 207 -37.12 -12.41 11.85
C ALA A 207 -35.91 -13.15 11.27
N ASP A 208 -35.17 -13.85 12.12
CA ASP A 208 -34.01 -14.65 11.69
C ASP A 208 -34.45 -16.11 11.67
N ILE A 209 -34.76 -16.61 10.48
CA ILE A 209 -35.37 -17.93 10.31
C ILE A 209 -34.34 -18.99 9.87
N SER A 210 -33.06 -18.74 10.14
CA SER A 210 -31.96 -19.64 9.76
C SER A 210 -32.22 -21.08 10.13
N HIS A 211 -32.69 -21.30 11.35
CA HIS A 211 -32.96 -22.68 11.83
C HIS A 211 -34.18 -23.37 11.21
N ILE A 212 -35.17 -22.59 10.81
CA ILE A 212 -36.50 -23.11 10.42
C ILE A 212 -36.91 -22.68 9.01
N SER A 213 -35.94 -22.30 8.19
CA SER A 213 -36.25 -21.66 6.91
C SER A 213 -37.12 -22.54 6.01
N SER A 214 -36.68 -23.77 5.83
CA SER A 214 -37.43 -24.78 5.10
C SER A 214 -38.87 -24.89 5.55
N PHE A 215 -39.12 -24.85 6.85
CA PHE A 215 -40.49 -24.91 7.34
C PHE A 215 -41.29 -23.73 6.85
N VAL A 216 -40.66 -22.55 6.78
CA VAL A 216 -41.34 -21.33 6.40
C VAL A 216 -41.66 -21.34 4.92
N ALA A 217 -40.67 -21.68 4.11
CA ALA A 217 -40.83 -21.79 2.67
C ALA A 217 -41.90 -22.81 2.26
N CYS A 218 -41.99 -23.93 2.98
CA CYS A 218 -42.86 -25.05 2.62
C CYS A 218 -44.23 -24.99 3.31
N ASN A 219 -44.49 -23.89 4.02
CA ASN A 219 -45.81 -23.64 4.61
C ASN A 219 -46.25 -24.60 5.73
N ILE A 220 -45.26 -25.10 6.49
CA ILE A 220 -45.45 -26.04 7.58
C ILE A 220 -45.46 -25.32 8.93
N LEU A 221 -44.67 -24.26 9.06
CA LEU A 221 -44.71 -23.41 10.24
C LEU A 221 -45.15 -22.02 9.85
N ASN A 222 -45.35 -21.18 10.85
CA ASN A 222 -45.72 -19.79 10.67
C ASN A 222 -44.81 -19.05 9.71
N ASN A 223 -45.43 -18.15 8.92
CA ASN A 223 -44.74 -17.32 7.94
C ASN A 223 -44.50 -15.93 8.51
N PRO A 224 -43.23 -15.58 8.81
CA PRO A 224 -42.96 -14.22 9.25
C PRO A 224 -43.02 -13.18 8.12
N PHE A 225 -43.06 -13.62 6.85
CA PHE A 225 -43.12 -12.68 5.75
C PHE A 225 -44.43 -11.86 5.78
N LEU A 226 -45.49 -12.40 6.36
CA LEU A 226 -46.77 -11.69 6.49
C LEU A 226 -46.70 -10.50 7.48
N HIS A 227 -45.68 -10.48 8.34
CA HIS A 227 -45.56 -9.46 9.38
C HIS A 227 -44.22 -8.74 9.49
N ALA A 228 -43.12 -9.37 9.08
CA ALA A 228 -41.79 -8.83 9.33
C ALA A 228 -41.33 -7.77 8.31
N ASP A 229 -40.52 -6.83 8.79
CA ASP A 229 -39.84 -5.86 7.92
C ASP A 229 -38.63 -6.44 7.24
N VAL A 230 -37.81 -7.14 8.03
CA VAL A 230 -36.65 -7.85 7.51
C VAL A 230 -36.69 -9.34 7.87
N VAL A 231 -36.33 -10.20 6.92
CA VAL A 231 -36.12 -11.61 7.22
C VAL A 231 -34.71 -11.98 6.86
N THR A 232 -33.96 -12.55 7.82
CA THR A 232 -32.65 -13.12 7.52
C THR A 232 -32.67 -14.63 7.64
N THR A 233 -31.85 -15.26 6.83
CA THR A 233 -31.64 -16.67 6.93
C THR A 233 -30.31 -17.09 6.35
N THR A 234 -29.63 -17.99 7.05
CA THR A 234 -28.59 -18.77 6.42
C THR A 234 -29.18 -19.71 5.38
N THR A 235 -28.34 -20.20 4.48
CA THR A 235 -28.73 -21.18 3.47
C THR A 235 -28.12 -22.59 3.68
N HIS A 236 -27.37 -22.79 4.78
CA HIS A 236 -26.66 -24.06 5.04
C HIS A 236 -27.26 -25.02 6.07
N LYS A 237 -28.34 -24.62 6.73
CA LYS A 237 -28.90 -25.51 7.75
C LYS A 237 -30.00 -26.42 7.15
N ILE A 238 -31.22 -26.35 7.68
CA ILE A 238 -32.33 -27.13 7.15
C ILE A 238 -32.57 -26.91 5.65
N LEU A 239 -32.29 -25.70 5.15
CA LEU A 239 -32.39 -25.36 3.71
C LEU A 239 -31.40 -26.14 2.83
N ARG A 240 -30.32 -26.65 3.43
CA ARG A 240 -29.40 -27.62 2.78
C ARG A 240 -28.64 -27.02 1.57
N GLY A 241 -28.25 -25.76 1.69
CA GLY A 241 -27.46 -25.10 0.65
C GLY A 241 -26.04 -24.91 1.11
N PRO A 242 -25.31 -23.99 0.50
CA PRO A 242 -23.93 -23.76 0.87
C PRO A 242 -23.93 -22.83 2.05
N ARG A 243 -22.74 -22.49 2.55
CA ARG A 243 -22.64 -21.60 3.69
C ARG A 243 -22.72 -20.19 3.14
N SER A 244 -23.89 -19.57 3.33
CA SER A 244 -24.16 -18.24 2.82
C SER A 244 -25.37 -17.69 3.54
N ALA A 245 -25.74 -16.47 3.19
CA ALA A 245 -26.95 -15.92 3.74
C ALA A 245 -27.70 -15.01 2.77
N LEU A 246 -28.95 -14.76 3.13
CA LEU A 246 -29.91 -14.00 2.35
C LEU A 246 -30.54 -12.98 3.28
N ILE A 247 -30.62 -11.71 2.85
CA ILE A 247 -31.34 -10.66 3.57
C ILE A 247 -32.56 -10.26 2.74
N PHE A 248 -33.74 -10.42 3.36
CA PHE A 248 -35.04 -10.11 2.76
C PHE A 248 -35.56 -8.86 3.42
N PHE A 249 -36.13 -7.96 2.63
CA PHE A 249 -36.65 -6.71 3.16
C PHE A 249 -37.99 -6.41 2.49
N ASN A 250 -38.93 -5.93 3.30
CA ASN A 250 -40.26 -5.56 2.80
C ASN A 250 -40.28 -4.10 2.28
N LYS A 251 -40.34 -3.94 0.96
CA LYS A 251 -40.39 -2.63 0.30
C LYS A 251 -41.66 -1.83 0.56
N LYS A 252 -42.81 -2.49 0.59
CA LYS A 252 -44.11 -1.81 0.82
C LYS A 252 -44.27 -1.21 2.20
N ARG A 253 -43.81 -1.93 3.21
CA ARG A 253 -43.93 -1.46 4.59
C ARG A 253 -42.88 -0.37 4.89
N ASN A 254 -41.75 -0.38 4.16
CA ASN A 254 -40.65 0.58 4.37
C ASN A 254 -39.97 0.88 3.03
N PRO A 255 -40.55 1.81 2.23
CA PRO A 255 -39.86 2.14 0.97
C PRO A 255 -38.51 2.80 1.23
N GLY A 256 -37.53 2.53 0.36
CA GLY A 256 -36.18 3.03 0.56
C GLY A 256 -35.33 2.22 1.54
N ILE A 257 -35.88 1.08 2.02
CA ILE A 257 -35.12 0.09 2.79
C ILE A 257 -34.19 -0.69 1.86
N GLU A 258 -34.59 -0.89 0.61
CA GLU A 258 -33.75 -1.56 -0.36
C GLU A 258 -32.37 -0.96 -0.37
N GLN A 259 -32.32 0.36 -0.61
CA GLN A 259 -31.07 1.09 -0.66
C GLN A 259 -30.29 0.97 0.65
N LYS A 260 -30.98 1.00 1.79
CA LYS A 260 -30.32 0.91 3.10
C LYS A 260 -29.65 -0.44 3.30
N ILE A 261 -30.37 -1.51 2.98
CA ILE A 261 -29.85 -2.87 3.13
C ILE A 261 -28.76 -3.18 2.11
N ASN A 262 -29.00 -2.87 0.85
CA ASN A 262 -28.00 -3.09 -0.20
C ASN A 262 -26.69 -2.34 0.03
N SER A 263 -26.74 -1.14 0.60
CA SER A 263 -25.52 -0.34 0.77
C SER A 263 -24.78 -0.76 2.04
N ALA A 264 -25.53 -1.24 3.03
CA ALA A 264 -25.00 -1.84 4.22
C ALA A 264 -24.18 -3.09 3.90
N VAL A 265 -24.67 -3.94 3.00
CA VAL A 265 -23.91 -5.11 2.57
C VAL A 265 -22.69 -4.69 1.79
N PHE A 266 -22.87 -3.85 0.78
CA PHE A 266 -21.73 -3.21 0.10
C PHE A 266 -22.10 -1.78 -0.27
N PRO A 267 -21.28 -0.77 0.03
CA PRO A 267 -19.89 -0.92 0.48
C PRO A 267 -19.62 -0.73 1.98
N SER A 268 -20.66 -0.58 2.81
CA SER A 268 -20.42 -0.48 4.24
C SER A 268 -19.54 -1.67 4.76
N PHE A 269 -19.96 -2.91 4.50
CA PHE A 269 -19.35 -4.05 5.14
C PHE A 269 -18.47 -4.91 4.24
N GLN A 270 -19.03 -5.43 3.17
CA GLN A 270 -18.32 -6.42 2.35
C GLN A 270 -17.62 -5.75 1.18
N GLY A 271 -16.76 -6.51 0.52
CA GLY A 271 -16.11 -6.13 -0.72
C GLY A 271 -16.66 -7.02 -1.84
N GLY A 272 -15.79 -7.72 -2.55
CA GLY A 272 -16.25 -8.55 -3.67
C GLY A 272 -17.16 -9.70 -3.25
N PRO A 273 -18.33 -9.88 -3.92
CA PRO A 273 -19.13 -11.04 -3.52
C PRO A 273 -18.43 -12.34 -3.90
N HIS A 274 -18.90 -13.43 -3.30
CA HIS A 274 -18.36 -14.73 -3.57
C HIS A 274 -19.36 -15.41 -4.48
N ASN A 275 -19.04 -15.39 -5.77
CA ASN A 275 -19.99 -15.80 -6.78
C ASN A 275 -20.27 -17.27 -6.80
N ASN A 276 -19.28 -18.09 -6.37
CA ASN A 276 -19.48 -19.55 -6.17
C ASN A 276 -20.54 -19.85 -5.14
N LYS A 277 -20.56 -19.06 -4.08
CA LYS A 277 -21.63 -19.15 -3.08
C LYS A 277 -22.97 -18.82 -3.69
N ILE A 278 -22.99 -17.74 -4.47
CA ILE A 278 -24.23 -17.27 -5.08
C ILE A 278 -24.80 -18.33 -6.05
N ALA A 279 -23.95 -18.85 -6.93
CA ALA A 279 -24.26 -20.00 -7.76
C ALA A 279 -24.86 -21.18 -6.95
N ALA A 280 -24.12 -21.62 -5.95
CA ALA A 280 -24.58 -22.73 -5.08
C ALA A 280 -25.91 -22.45 -4.38
N VAL A 281 -26.09 -21.24 -3.91
CA VAL A 281 -27.36 -20.90 -3.32
C VAL A 281 -28.45 -21.05 -4.38
N ALA A 282 -28.19 -20.50 -5.58
CA ALA A 282 -29.21 -20.48 -6.64
C ALA A 282 -29.66 -21.90 -6.95
N CYS A 283 -28.69 -22.78 -7.08
CA CYS A 283 -28.92 -24.20 -7.24
C CYS A 283 -29.85 -24.83 -6.19
N GLN A 284 -29.54 -24.65 -4.92
CA GLN A 284 -30.38 -25.21 -3.88
C GLN A 284 -31.78 -24.58 -3.83
N LEU A 285 -31.89 -23.30 -4.12
CA LEU A 285 -33.19 -22.65 -4.17
C LEU A 285 -34.14 -23.24 -5.26
N LYS A 286 -33.58 -23.74 -6.37
CA LYS A 286 -34.41 -24.49 -7.32
C LYS A 286 -35.01 -25.71 -6.65
N GLU A 287 -34.15 -26.49 -5.99
CA GLU A 287 -34.57 -27.66 -5.22
C GLU A 287 -35.52 -27.32 -4.08
N VAL A 288 -35.31 -26.20 -3.40
CA VAL A 288 -36.18 -25.81 -2.29
C VAL A 288 -37.62 -25.73 -2.73
N HIS A 289 -37.84 -25.25 -3.95
CA HIS A 289 -39.21 -25.02 -4.44
C HIS A 289 -39.96 -26.26 -4.91
N SER A 290 -39.24 -27.33 -5.21
CA SER A 290 -39.84 -28.58 -5.70
C SER A 290 -40.73 -29.21 -4.64
N PRO A 291 -41.77 -29.96 -5.07
CA PRO A 291 -42.63 -30.61 -4.08
C PRO A 291 -41.89 -31.75 -3.34
N ALA A 292 -40.88 -32.32 -3.98
CA ALA A 292 -39.95 -33.27 -3.35
C ALA A 292 -39.27 -32.71 -2.09
N PHE A 293 -38.83 -31.46 -2.13
CA PHE A 293 -38.12 -30.89 -0.99
C PHE A 293 -39.07 -30.62 0.17
N LYS A 294 -40.31 -30.25 -0.15
CA LYS A 294 -41.38 -30.13 0.87
C LYS A 294 -41.56 -31.46 1.61
N GLU A 295 -41.44 -32.56 0.89
CA GLU A 295 -41.53 -33.89 1.47
C GLU A 295 -40.38 -34.16 2.45
N TYR A 296 -39.16 -33.79 2.06
CA TYR A 296 -37.99 -33.92 2.92
C TYR A 296 -38.22 -33.13 4.21
N THR A 297 -38.65 -31.86 4.06
CA THR A 297 -38.95 -30.97 5.19
C THR A 297 -40.03 -31.55 6.10
N GLN A 298 -41.03 -32.20 5.49
CA GLN A 298 -42.08 -32.87 6.25
C GLN A 298 -41.50 -34.01 7.07
N GLN A 299 -40.64 -34.80 6.43
CA GLN A 299 -39.96 -35.89 7.11
C GLN A 299 -39.14 -35.40 8.31
N VAL A 300 -38.56 -34.19 8.20
CA VAL A 300 -37.75 -33.59 9.25
C VAL A 300 -38.62 -33.45 10.49
N LEU A 301 -39.78 -32.81 10.33
CA LEU A 301 -40.71 -32.65 11.43
C LEU A 301 -41.28 -33.97 11.92
N LEU A 302 -41.60 -34.90 11.01
CA LEU A 302 -42.12 -36.21 11.41
C LEU A 302 -41.08 -36.90 12.30
N ASN A 303 -39.80 -36.76 11.96
CA ASN A 303 -38.71 -37.41 12.72
C ASN A 303 -38.49 -36.79 14.07
N SER A 304 -38.41 -35.45 14.07
CA SER A 304 -38.31 -34.68 15.30
C SER A 304 -39.42 -35.05 16.28
N LYS A 305 -40.65 -35.10 15.77
CA LYS A 305 -41.80 -35.43 16.61
C LYS A 305 -41.63 -36.81 17.24
N ALA A 306 -41.23 -37.78 16.42
CA ALA A 306 -41.07 -39.16 16.86
C ALA A 306 -39.88 -39.32 17.80
N LEU A 307 -38.79 -38.59 17.54
CA LEU A 307 -37.63 -38.54 18.46
C LEU A 307 -38.02 -37.96 19.81
N ALA A 308 -38.76 -36.87 19.79
CA ALA A 308 -39.26 -36.29 21.03
C ALA A 308 -40.10 -37.30 21.81
N LYS A 309 -41.00 -37.97 21.09
CA LYS A 309 -41.91 -38.97 21.68
C LYS A 309 -41.12 -40.12 22.33
N ALA A 310 -40.21 -40.72 21.57
CA ALA A 310 -39.42 -41.84 22.08
C ALA A 310 -38.57 -41.46 23.32
N LEU A 311 -38.02 -40.25 23.32
CA LEU A 311 -37.21 -39.79 24.45
C LEU A 311 -38.07 -39.62 25.72
N ILE A 312 -39.27 -39.05 25.56
CA ILE A 312 -40.21 -38.93 26.68
C ILE A 312 -40.63 -40.30 27.20
N SER A 313 -40.82 -41.27 26.30
CA SER A 313 -41.16 -42.64 26.70
C SER A 313 -40.04 -43.34 27.51
N LYS A 314 -38.81 -42.82 27.40
CA LYS A 314 -37.66 -43.28 28.18
C LYS A 314 -37.37 -42.38 29.35
N GLN A 315 -38.36 -41.59 29.76
CA GLN A 315 -38.25 -40.75 30.97
C GLN A 315 -37.15 -39.68 30.86
N ILE A 316 -36.96 -39.13 29.66
CA ILE A 316 -36.02 -38.01 29.46
C ILE A 316 -36.86 -36.75 29.30
N ASP A 317 -36.50 -35.69 30.03
CA ASP A 317 -37.21 -34.40 29.99
C ASP A 317 -36.70 -33.50 28.86
N LEU A 318 -37.65 -32.99 28.07
CA LEU A 318 -37.37 -32.01 27.01
C LEU A 318 -37.89 -30.64 27.46
N VAL A 319 -37.23 -29.57 27.02
CA VAL A 319 -37.70 -28.24 27.32
C VAL A 319 -38.90 -27.92 26.40
N THR A 320 -39.95 -27.38 27.03
CA THR A 320 -41.28 -27.24 26.46
C THR A 320 -42.00 -28.58 26.29
N ASN A 321 -41.43 -29.65 26.83
CA ASN A 321 -41.95 -31.03 26.67
C ASN A 321 -42.18 -31.53 25.26
N GLY A 322 -41.44 -31.01 24.29
CA GLY A 322 -41.62 -31.40 22.90
C GLY A 322 -41.05 -30.37 21.94
N THR A 323 -41.59 -30.39 20.72
CA THR A 323 -41.06 -29.58 19.65
C THR A 323 -42.12 -29.31 18.55
N ASP A 324 -42.08 -28.11 17.99
CA ASP A 324 -42.88 -27.78 16.81
C ASP A 324 -42.06 -27.86 15.58
N ASN A 325 -40.74 -28.06 15.73
CA ASN A 325 -39.83 -27.95 14.61
C ASN A 325 -38.85 -29.14 14.59
N HIS A 326 -37.73 -28.93 13.90
CA HIS A 326 -36.64 -29.89 13.73
C HIS A 326 -35.75 -30.16 14.97
N LEU A 327 -35.98 -29.44 16.07
CA LEU A 327 -35.03 -29.46 17.16
C LEU A 327 -35.66 -29.71 18.52
N ILE A 328 -34.86 -30.27 19.39
CA ILE A 328 -35.25 -30.67 20.73
C ILE A 328 -34.11 -30.23 21.63
N VAL A 329 -34.41 -29.78 22.84
CA VAL A 329 -33.36 -29.53 23.82
C VAL A 329 -33.65 -30.46 24.99
N VAL A 330 -32.69 -31.31 25.34
CA VAL A 330 -32.85 -32.21 26.47
C VAL A 330 -32.47 -31.47 27.74
N ASP A 331 -33.33 -31.56 28.75
CA ASP A 331 -33.04 -31.08 30.09
C ASP A 331 -32.48 -32.25 30.91
N LEU A 332 -31.20 -32.17 31.26
CA LEU A 332 -30.51 -33.27 31.94
C LEU A 332 -30.43 -33.17 33.47
N ARG A 333 -31.15 -32.24 34.09
CA ARG A 333 -30.98 -32.02 35.53
C ARG A 333 -31.33 -33.23 36.38
N LYS A 334 -32.38 -33.94 36.01
CA LYS A 334 -32.78 -35.12 36.75
C LYS A 334 -31.67 -36.17 36.84
N PHE A 335 -30.78 -36.21 35.84
CA PHE A 335 -29.67 -37.16 35.81
C PHE A 335 -28.37 -36.65 36.46
N SER A 336 -28.39 -35.38 36.89
CA SER A 336 -27.27 -34.75 37.58
C SER A 336 -25.98 -34.83 36.77
N ILE A 337 -26.09 -34.60 35.48
CA ILE A 337 -24.94 -34.50 34.59
C ILE A 337 -25.07 -33.29 33.70
N THR A 338 -23.94 -32.68 33.34
CA THR A 338 -23.95 -31.53 32.44
C THR A 338 -24.09 -31.96 30.99
N GLY A 339 -24.50 -31.02 30.14
CA GLY A 339 -24.51 -31.20 28.69
C GLY A 339 -23.13 -31.41 28.13
N SER A 340 -22.15 -30.68 28.67
CA SER A 340 -20.73 -30.84 28.34
C SER A 340 -20.21 -32.29 28.52
N LYS A 341 -20.56 -32.93 29.63
CA LYS A 341 -20.22 -34.35 29.81
C LYS A 341 -20.87 -35.27 28.78
N LEU A 342 -22.18 -35.08 28.55
CA LEU A 342 -22.91 -35.93 27.60
C LEU A 342 -22.37 -35.76 26.18
N GLN A 343 -22.09 -34.50 25.81
CA GLN A 343 -21.47 -34.20 24.53
C GLN A 343 -20.22 -35.06 24.30
N GLU A 344 -19.35 -35.11 25.31
CA GLU A 344 -18.07 -35.80 25.18
C GLU A 344 -18.33 -37.28 25.02
N THR A 345 -19.17 -37.83 25.89
CA THR A 345 -19.65 -39.21 25.78
C THR A 345 -20.20 -39.51 24.39
N CYS A 346 -21.05 -38.62 23.88
CA CYS A 346 -21.66 -38.80 22.57
C CYS A 346 -20.61 -38.72 21.45
N ASN A 347 -19.66 -37.78 21.54
CA ASN A 347 -18.56 -37.71 20.55
C ASN A 347 -17.74 -39.01 20.51
N ALA A 348 -17.52 -39.63 21.68
CA ALA A 348 -16.81 -40.94 21.77
C ALA A 348 -17.54 -42.11 21.07
N ILE A 349 -18.86 -42.02 20.94
CA ILE A 349 -19.61 -43.05 20.17
C ILE A 349 -20.03 -42.58 18.77
N ASN A 350 -19.34 -41.56 18.26
CA ASN A 350 -19.68 -40.93 16.97
C ASN A 350 -21.12 -40.42 16.89
N VAL A 351 -21.61 -39.86 18.00
CA VAL A 351 -22.89 -39.17 18.02
C VAL A 351 -22.58 -37.70 18.19
N SER A 352 -22.93 -36.92 17.18
CA SER A 352 -22.64 -35.50 17.17
C SER A 352 -23.85 -34.73 17.65
N LEU A 353 -23.67 -34.03 18.75
CA LEU A 353 -24.68 -33.10 19.26
C LEU A 353 -23.92 -31.99 20.00
N ASN A 354 -24.64 -30.95 20.43
CA ASN A 354 -23.98 -29.91 21.19
C ASN A 354 -24.65 -29.70 22.52
N LYS A 355 -23.82 -29.29 23.47
CA LYS A 355 -24.29 -28.82 24.76
C LYS A 355 -25.12 -27.55 24.54
N ASN A 356 -26.05 -27.31 25.45
CA ASN A 356 -27.01 -26.24 25.29
C ASN A 356 -27.56 -25.82 26.65
N THR A 357 -27.62 -24.51 26.85
CA THR A 357 -28.26 -23.90 28.02
C THR A 357 -29.75 -24.22 28.07
N ILE A 358 -30.29 -24.26 29.29
CA ILE A 358 -31.73 -24.32 29.55
C ILE A 358 -32.17 -23.02 30.29
N PRO A 359 -33.49 -22.83 30.55
CA PRO A 359 -33.95 -21.60 31.22
C PRO A 359 -33.37 -21.35 32.61
N SER A 360 -33.32 -22.38 33.44
CA SER A 360 -32.77 -22.27 34.79
C SER A 360 -31.26 -21.99 34.81
N ASP A 361 -30.56 -22.16 33.69
CA ASP A 361 -29.13 -21.88 33.63
C ASP A 361 -28.84 -20.39 33.75
N VAL A 362 -27.99 -20.06 34.72
CA VAL A 362 -27.50 -18.71 34.94
C VAL A 362 -26.43 -18.37 33.87
N ASP A 363 -25.45 -19.27 33.71
CA ASP A 363 -24.29 -19.06 32.81
C ASP A 363 -24.18 -20.10 31.69
N CYS A 364 -23.38 -19.77 30.69
CA CYS A 364 -23.15 -20.61 29.51
C CYS A 364 -22.04 -21.66 29.61
N VAL A 365 -21.16 -21.55 30.60
CA VAL A 365 -20.21 -22.63 30.90
C VAL A 365 -20.91 -23.54 31.88
N SER A 366 -20.85 -24.83 31.60
CA SER A 366 -21.60 -25.85 32.34
C SER A 366 -23.13 -25.75 32.11
N PRO A 367 -23.58 -25.71 30.83
CA PRO A 367 -25.03 -25.75 30.60
C PRO A 367 -25.64 -27.12 30.90
N SER A 368 -26.94 -27.11 31.17
CA SER A 368 -27.63 -28.27 31.73
C SER A 368 -28.38 -29.13 30.69
N GLY A 369 -28.12 -28.92 29.40
CA GLY A 369 -28.78 -29.67 28.36
C GLY A 369 -27.96 -29.91 27.13
N VAL A 370 -28.53 -30.71 26.23
CA VAL A 370 -28.01 -30.83 24.90
C VAL A 370 -29.09 -30.47 23.88
N ARG A 371 -28.68 -30.04 22.70
CA ARG A 371 -29.59 -29.79 21.61
C ARG A 371 -29.37 -30.85 20.54
N ILE A 372 -30.47 -31.39 20.03
CA ILE A 372 -30.43 -32.37 18.95
C ILE A 372 -31.36 -31.91 17.81
N GLY A 373 -31.08 -32.38 16.60
CA GLY A 373 -31.87 -31.99 15.44
C GLY A 373 -31.93 -33.07 14.39
N THR A 374 -33.01 -33.09 13.61
CA THR A 374 -33.20 -34.10 12.59
C THR A 374 -32.79 -33.82 11.15
N PRO A 375 -32.49 -32.56 10.79
CA PRO A 375 -32.24 -32.35 9.34
C PRO A 375 -31.17 -33.25 8.71
N ALA A 376 -30.04 -33.41 9.38
CA ALA A 376 -28.94 -34.20 8.81
C ALA A 376 -29.32 -35.67 8.54
N MET A 377 -29.86 -36.37 9.55
CA MET A 377 -30.24 -37.79 9.41
C MET A 377 -31.47 -38.01 8.54
N THR A 378 -32.39 -37.05 8.55
CA THR A 378 -33.49 -37.08 7.59
C THR A 378 -32.94 -36.99 6.17
N THR A 379 -31.87 -36.21 5.98
CA THR A 379 -31.23 -36.13 4.68
C THR A 379 -30.64 -37.50 4.31
N ARG A 380 -30.13 -38.21 5.31
CA ARG A 380 -29.56 -39.55 5.12
C ARG A 380 -30.55 -40.71 5.10
N GLY A 381 -31.84 -40.43 4.88
CA GLY A 381 -32.85 -41.47 4.67
C GLY A 381 -33.55 -42.02 5.89
N ALA A 382 -33.11 -41.64 7.09
CA ALA A 382 -33.71 -42.17 8.32
C ALA A 382 -35.15 -41.70 8.41
N LYS A 383 -36.01 -42.59 8.89
CA LYS A 383 -37.44 -42.36 8.99
C LYS A 383 -37.84 -42.49 10.45
N GLU A 384 -39.14 -42.32 10.72
CA GLU A 384 -39.68 -42.27 12.10
C GLU A 384 -39.31 -43.44 13.03
N LYS A 385 -39.47 -44.64 12.52
CA LYS A 385 -39.02 -45.88 13.18
C LYS A 385 -37.56 -45.90 13.58
N ASP A 386 -36.73 -45.17 12.84
CA ASP A 386 -35.30 -45.08 13.13
C ASP A 386 -35.00 -44.19 14.32
N MET A 387 -35.97 -43.38 14.75
CA MET A 387 -35.77 -42.47 15.86
C MET A 387 -35.77 -43.18 17.21
N GLU A 388 -36.45 -44.32 17.30
CA GLU A 388 -36.40 -45.16 18.52
C GLU A 388 -34.95 -45.58 18.82
N PHE A 389 -34.24 -45.97 17.77
CA PHE A 389 -32.83 -46.32 17.84
C PHE A 389 -31.97 -45.13 18.32
N ILE A 390 -32.18 -43.95 17.75
CA ILE A 390 -31.41 -42.77 18.17
C ILE A 390 -31.76 -42.41 19.61
N ALA A 391 -33.04 -42.51 19.95
CA ALA A 391 -33.46 -42.29 21.34
C ALA A 391 -32.76 -43.27 22.28
N ASP A 392 -32.76 -44.56 21.89
CA ASP A 392 -32.07 -45.64 22.63
C ASP A 392 -30.57 -45.42 22.81
N VAL A 393 -29.88 -45.01 21.76
CA VAL A 393 -28.43 -44.67 21.86
C VAL A 393 -28.19 -43.48 22.80
N LEU A 394 -29.03 -42.45 22.71
CA LEU A 394 -28.92 -41.29 23.60
C LEU A 394 -29.25 -41.65 25.05
N ALA A 395 -30.27 -42.50 25.28
CA ALA A 395 -30.54 -43.01 26.63
C ALA A 395 -29.31 -43.73 27.23
N ARG A 396 -28.69 -44.59 26.41
CA ARG A 396 -27.52 -45.38 26.79
C ARG A 396 -26.33 -44.47 27.09
N ALA A 397 -26.08 -43.47 26.25
CA ALA A 397 -25.05 -42.43 26.54
C ALA A 397 -25.32 -41.68 27.81
N ILE A 398 -26.58 -41.39 28.10
CA ILE A 398 -26.87 -40.65 29.33
C ILE A 398 -26.51 -41.55 30.51
N LYS A 399 -26.99 -42.79 30.48
CA LYS A 399 -26.70 -43.77 31.53
C LYS A 399 -25.18 -43.93 31.75
N ILE A 400 -24.44 -44.05 30.65
CA ILE A 400 -22.98 -44.23 30.70
C ILE A 400 -22.32 -43.00 31.29
N THR A 401 -22.87 -41.84 30.94
CA THR A 401 -22.36 -40.59 31.46
C THR A 401 -22.55 -40.54 32.96
N VAL A 402 -23.67 -41.08 33.45
CA VAL A 402 -23.93 -41.07 34.89
C VAL A 402 -22.92 -41.99 35.63
N ASP A 403 -22.74 -43.17 35.07
CA ASP A 403 -21.83 -44.17 35.63
C ASP A 403 -20.41 -43.64 35.69
N LEU A 404 -19.98 -43.02 34.59
CA LEU A 404 -18.64 -42.48 34.50
C LEU A 404 -18.40 -41.31 35.48
N GLN A 405 -19.39 -40.45 35.65
CA GLN A 405 -19.29 -39.38 36.63
C GLN A 405 -19.20 -39.93 38.07
N GLU A 406 -19.92 -41.01 38.33
CA GLU A 406 -19.84 -41.70 39.61
C GLU A 406 -18.43 -42.24 39.84
N GLN A 407 -17.88 -42.93 38.84
CA GLN A 407 -16.58 -43.60 38.94
C GLN A 407 -15.36 -42.67 38.95
N TYR A 408 -15.39 -41.64 38.11
CA TYR A 408 -14.23 -40.76 37.91
C TYR A 408 -14.40 -39.35 38.44
N GLY A 409 -15.63 -38.92 38.74
CA GLY A 409 -15.89 -37.59 39.36
C GLY A 409 -16.66 -36.59 38.50
N LYS A 410 -17.06 -35.50 39.14
CA LYS A 410 -17.80 -34.42 38.51
C LYS A 410 -16.96 -33.44 37.68
N LYS A 411 -15.68 -33.30 38.00
CA LYS A 411 -14.78 -32.41 37.26
C LYS A 411 -14.63 -32.94 35.84
N LEU A 412 -14.78 -32.07 34.85
CA LEU A 412 -14.75 -32.49 33.44
C LEU A 412 -13.42 -33.14 33.08
N VAL A 413 -12.33 -32.60 33.60
CA VAL A 413 -10.97 -33.13 33.36
C VAL A 413 -10.91 -34.61 33.75
N ASP A 414 -11.39 -34.90 34.94
CA ASP A 414 -11.44 -36.27 35.48
C ASP A 414 -12.40 -37.16 34.69
N PHE A 415 -13.60 -36.65 34.37
CA PHE A 415 -14.64 -37.40 33.66
C PHE A 415 -14.13 -37.96 32.34
N LYS A 416 -13.50 -37.09 31.54
CA LYS A 416 -12.93 -37.45 30.23
C LYS A 416 -11.93 -38.60 30.29
N LYS A 417 -11.21 -38.72 31.39
CA LYS A 417 -10.25 -39.82 31.63
C LYS A 417 -10.97 -41.18 31.54
N GLY A 418 -12.24 -41.21 31.97
CA GLY A 418 -13.06 -42.41 31.89
C GLY A 418 -13.48 -42.89 30.51
N LEU A 419 -13.40 -42.00 29.51
CA LEU A 419 -14.00 -42.23 28.18
C LEU A 419 -13.23 -43.19 27.26
N PRO A 420 -11.90 -43.00 27.10
CA PRO A 420 -11.15 -43.85 26.15
C PRO A 420 -11.04 -45.31 26.58
N GLY A 421 -11.21 -46.21 25.62
CA GLY A 421 -11.13 -47.67 25.88
C GLY A 421 -12.29 -48.33 26.61
N ASN A 422 -13.30 -47.54 27.02
CA ASN A 422 -14.46 -48.05 27.75
C ASN A 422 -15.14 -49.11 26.89
N ALA A 423 -15.23 -50.32 27.41
CA ALA A 423 -15.83 -51.44 26.68
C ALA A 423 -17.24 -51.13 26.13
N GLN A 424 -18.10 -50.51 26.95
CA GLN A 424 -19.50 -50.25 26.55
C GLN A 424 -19.59 -49.20 25.44
N LEU A 425 -18.80 -48.14 25.59
CA LEU A 425 -18.71 -47.10 24.58
C LEU A 425 -18.18 -47.67 23.26
N GLN A 426 -17.07 -48.42 23.32
CA GLN A 426 -16.55 -49.09 22.11
C GLN A 426 -17.62 -49.90 21.45
N GLN A 427 -18.43 -50.57 22.27
CA GLN A 427 -19.56 -51.37 21.78
C GLN A 427 -20.62 -50.48 21.15
N LEU A 428 -20.95 -49.36 21.80
CA LEU A 428 -22.01 -48.52 21.31
C LEU A 428 -21.58 -47.77 20.02
N LYS A 429 -20.37 -47.24 20.01
CA LYS A 429 -19.73 -46.72 18.77
C LYS A 429 -19.88 -47.69 17.59
N GLN A 430 -19.56 -48.96 17.84
CA GLN A 430 -19.70 -50.01 16.84
C GLN A 430 -21.13 -50.04 16.30
N GLU A 431 -22.12 -50.08 17.19
CA GLU A 431 -23.53 -50.05 16.78
C GLU A 431 -23.87 -48.79 15.95
N VAL A 432 -23.30 -47.65 16.32
CA VAL A 432 -23.56 -46.40 15.61
C VAL A 432 -22.96 -46.39 14.20
N VAL A 433 -21.68 -46.78 14.12
CA VAL A 433 -20.96 -46.81 12.84
C VAL A 433 -21.64 -47.76 11.86
N THR A 434 -22.11 -48.91 12.35
CA THR A 434 -22.76 -49.91 11.50
C THR A 434 -24.04 -49.36 10.90
N TRP A 435 -24.86 -48.71 11.71
CA TRP A 435 -26.11 -48.15 11.22
C TRP A 435 -25.88 -46.92 10.33
N ALA A 436 -25.03 -45.99 10.80
CA ALA A 436 -24.76 -44.70 10.10
C ALA A 436 -23.99 -44.90 8.80
N GLY A 437 -22.94 -45.70 8.85
CA GLY A 437 -22.11 -46.00 7.69
C GLY A 437 -22.80 -46.59 6.48
N ALA A 438 -23.97 -47.19 6.67
CA ALA A 438 -24.76 -47.82 5.60
C ALA A 438 -25.90 -46.96 5.09
N LEU A 439 -26.04 -45.75 5.64
CA LEU A 439 -27.12 -44.86 5.20
C LEU A 439 -26.67 -44.12 3.93
N PRO A 440 -27.64 -43.67 3.10
CA PRO A 440 -27.31 -42.79 1.98
C PRO A 440 -26.52 -41.54 2.42
N PHE A 441 -25.54 -41.17 1.61
CA PHE A 441 -24.61 -40.09 1.91
C PHE A 441 -24.43 -39.30 0.61
N PRO A 442 -24.91 -38.04 0.54
CA PRO A 442 -24.64 -37.22 -0.65
C PRO A 442 -23.15 -36.96 -0.82
N MET B 1 -32.80 -39.20 1.06
CA MET B 1 -33.80 -38.17 0.61
C MET B 1 -33.13 -36.95 -0.02
N PHE B 2 -32.19 -37.22 -0.93
CA PHE B 2 -31.50 -36.16 -1.68
C PHE B 2 -31.37 -36.53 -3.15
N ASN B 3 -31.20 -35.50 -3.97
CA ASN B 3 -31.03 -35.65 -5.41
C ASN B 3 -29.56 -35.53 -5.77
N ASN B 4 -28.97 -36.63 -6.23
CA ASN B 4 -27.56 -36.66 -6.52
C ASN B 4 -27.21 -36.51 -8.00
N GLU B 5 -28.20 -36.16 -8.83
CA GLU B 5 -27.99 -35.84 -10.25
C GLU B 5 -26.90 -34.77 -10.44
N PRO B 6 -26.00 -34.91 -11.43
CA PRO B 6 -24.97 -33.86 -11.61
C PRO B 6 -25.52 -32.47 -11.92
N LEU B 7 -24.66 -31.48 -11.86
CA LEU B 7 -25.06 -30.06 -11.97
C LEU B 7 -25.73 -29.75 -13.31
N GLU B 8 -25.11 -30.26 -14.38
CA GLU B 8 -25.66 -30.16 -15.76
C GLU B 8 -27.10 -30.70 -15.88
N GLN B 9 -27.42 -31.76 -15.13
CA GLN B 9 -28.76 -32.34 -15.14
C GLN B 9 -29.73 -31.66 -14.17
N ILE B 10 -29.34 -31.52 -12.90
CA ILE B 10 -30.22 -30.90 -11.90
C ILE B 10 -30.60 -29.47 -12.24
N ASP B 11 -29.63 -28.68 -12.71
CA ASP B 11 -29.87 -27.26 -12.97
C ASP B 11 -29.23 -26.84 -14.29
N LYS B 12 -29.93 -27.09 -15.39
CA LYS B 12 -29.42 -26.76 -16.73
C LYS B 12 -29.33 -25.26 -16.93
N GLU B 13 -30.37 -24.54 -16.52
CA GLU B 13 -30.36 -23.06 -16.62
C GLU B 13 -29.03 -22.53 -16.10
N LEU B 14 -28.70 -22.88 -14.85
CA LEU B 14 -27.47 -22.41 -14.19
C LEU B 14 -26.22 -22.94 -14.83
N HIS B 15 -26.20 -24.22 -15.20
CA HIS B 15 -25.00 -24.80 -15.80
C HIS B 15 -24.56 -24.11 -17.11
N ASP B 16 -25.52 -23.61 -17.89
CA ASP B 16 -25.20 -22.91 -19.15
C ASP B 16 -24.52 -21.56 -18.91
N ILE B 17 -25.06 -20.78 -17.98
CA ILE B 17 -24.47 -19.50 -17.60
C ILE B 17 -23.02 -19.69 -17.10
N LEU B 18 -22.80 -20.70 -16.26
CA LEU B 18 -21.44 -21.01 -15.77
C LEU B 18 -20.53 -21.51 -16.90
N ALA B 19 -21.10 -22.23 -17.86
CA ALA B 19 -20.34 -22.59 -19.07
C ALA B 19 -19.95 -21.31 -19.82
N ASP B 20 -20.90 -20.39 -19.91
CA ASP B 20 -20.66 -19.11 -20.55
C ASP B 20 -19.57 -18.29 -19.83
N GLU B 21 -19.66 -18.20 -18.50
CA GLU B 21 -18.63 -17.52 -17.66
C GLU B 21 -17.27 -18.11 -17.91
N GLU B 22 -17.20 -19.44 -17.95
CA GLU B 22 -15.94 -20.17 -18.23
C GLU B 22 -15.31 -19.75 -19.58
N LYS B 23 -16.16 -19.69 -20.61
CA LYS B 23 -15.73 -19.33 -21.95
C LYS B 23 -15.32 -17.84 -21.99
N ARG B 24 -16.11 -16.97 -21.36
CA ARG B 24 -15.73 -15.56 -21.21
C ARG B 24 -14.34 -15.42 -20.54
N GLN B 25 -14.07 -16.18 -19.47
CA GLN B 25 -12.76 -16.08 -18.78
C GLN B 25 -11.64 -16.51 -19.67
N ARG B 26 -11.91 -17.61 -20.36
CA ARG B 26 -10.99 -18.22 -21.32
C ARG B 26 -10.63 -17.26 -22.46
N GLU B 27 -11.58 -16.44 -22.89
CA GLU B 27 -11.41 -15.62 -24.10
C GLU B 27 -11.22 -14.15 -23.79
N THR B 28 -10.59 -13.86 -22.65
CA THR B 28 -10.39 -12.50 -22.14
C THR B 28 -8.92 -12.25 -21.80
N ILE B 29 -8.43 -11.07 -22.14
CA ILE B 29 -7.18 -10.59 -21.55
C ILE B 29 -7.59 -9.96 -20.20
N ASN B 30 -7.33 -10.70 -19.12
CA ASN B 30 -7.72 -10.25 -17.79
C ASN B 30 -6.63 -9.39 -17.15
N LEU B 31 -6.85 -8.09 -17.13
CA LEU B 31 -5.95 -7.17 -16.47
C LEU B 31 -6.53 -6.59 -15.17
N ILE B 32 -7.54 -7.23 -14.56
CA ILE B 32 -8.01 -6.76 -13.24
C ILE B 32 -6.90 -7.14 -12.29
N ALA B 33 -6.30 -6.13 -11.67
CA ALA B 33 -5.09 -6.31 -10.87
C ALA B 33 -5.35 -7.17 -9.66
N SER B 34 -6.60 -7.22 -9.20
CA SER B 34 -7.02 -7.99 -8.03
C SER B 34 -7.54 -9.39 -8.34
N GLU B 35 -7.38 -9.88 -9.57
CA GLU B 35 -7.97 -11.16 -9.97
C GLU B 35 -6.89 -12.15 -10.36
N ASN B 36 -7.26 -13.43 -10.36
CA ASN B 36 -6.35 -14.52 -10.73
C ASN B 36 -7.16 -15.74 -11.12
N LEU B 37 -6.48 -16.86 -11.36
CA LEU B 37 -7.17 -18.10 -11.67
C LEU B 37 -6.74 -19.22 -10.70
N THR B 38 -7.69 -19.83 -10.00
CA THR B 38 -7.40 -20.92 -9.07
C THR B 38 -7.19 -22.18 -9.87
N ASN B 39 -6.36 -23.09 -9.36
CA ASN B 39 -6.15 -24.40 -9.99
C ASN B 39 -7.27 -25.36 -9.58
N GLY B 40 -7.27 -26.57 -10.13
CA GLY B 40 -8.28 -27.57 -9.84
C GLY B 40 -8.22 -28.05 -8.37
N ALA B 41 -7.01 -28.24 -7.85
CA ALA B 41 -6.84 -28.58 -6.44
C ALA B 41 -7.60 -27.63 -5.54
N VAL B 42 -7.31 -26.33 -5.66
CA VAL B 42 -7.95 -25.33 -4.80
C VAL B 42 -9.47 -25.39 -4.94
N ARG B 43 -9.96 -25.54 -6.15
CA ARG B 43 -11.39 -25.71 -6.38
C ARG B 43 -11.97 -27.03 -5.85
N GLU B 44 -11.16 -28.09 -5.80
CA GLU B 44 -11.56 -29.36 -5.15
C GLU B 44 -11.83 -29.17 -3.67
N CYS B 45 -10.96 -28.42 -3.02
CA CYS B 45 -11.11 -28.05 -1.61
C CYS B 45 -12.40 -27.30 -1.35
N LEU B 46 -12.65 -26.32 -2.22
CA LEU B 46 -13.84 -25.47 -2.12
C LEU B 46 -15.10 -26.29 -2.30
N GLY B 47 -15.04 -27.29 -3.16
CA GLY B 47 -16.13 -28.26 -3.33
C GLY B 47 -16.20 -29.38 -2.30
N ASN B 48 -15.35 -29.37 -1.27
CA ASN B 48 -15.25 -30.52 -0.39
C ASN B 48 -16.33 -30.51 0.68
N ARG B 49 -16.74 -31.70 1.11
CA ARG B 49 -17.79 -31.84 2.14
C ARG B 49 -17.40 -31.33 3.52
N VAL B 50 -16.13 -31.01 3.70
CA VAL B 50 -15.68 -30.35 4.90
C VAL B 50 -16.48 -29.06 5.26
N SER B 51 -17.12 -28.42 4.26
CA SER B 51 -18.07 -27.31 4.52
C SER B 51 -19.38 -27.74 5.23
N ASN B 52 -19.61 -29.05 5.38
CA ASN B 52 -20.73 -29.55 6.20
C ASN B 52 -20.59 -29.31 7.73
N LYS B 53 -19.38 -29.08 8.22
CA LYS B 53 -19.14 -29.03 9.66
C LYS B 53 -19.21 -27.64 10.26
N TYR B 54 -20.04 -27.51 11.29
CA TYR B 54 -20.03 -26.35 12.17
C TYR B 54 -18.90 -26.59 13.15
N SER B 55 -18.02 -25.61 13.30
CA SER B 55 -16.85 -25.76 14.14
C SER B 55 -16.45 -24.43 14.74
N GLU B 56 -17.41 -23.80 15.40
CA GLU B 56 -17.20 -22.52 16.06
C GLU B 56 -16.18 -22.62 17.16
N GLY B 57 -15.36 -21.56 17.29
CA GLY B 57 -14.26 -21.54 18.25
C GLY B 57 -12.94 -21.70 17.51
N TYR B 58 -11.95 -22.26 18.20
CA TYR B 58 -10.60 -22.46 17.64
C TYR B 58 -10.19 -23.90 17.86
N PRO B 59 -9.11 -24.35 17.19
CA PRO B 59 -8.69 -25.75 17.35
C PRO B 59 -8.35 -26.14 18.81
N LYS B 60 -8.80 -27.32 19.24
CA LYS B 60 -8.66 -27.82 20.62
C LYS B 60 -9.40 -26.97 21.68
N LYS B 61 -10.15 -25.96 21.25
CA LYS B 61 -10.90 -25.05 22.12
C LYS B 61 -12.22 -24.80 21.40
N ARG B 62 -12.78 -25.88 20.88
CA ARG B 62 -13.96 -25.84 20.03
C ARG B 62 -15.15 -25.96 20.95
N TYR B 63 -16.29 -25.40 20.54
CA TYR B 63 -17.52 -25.48 21.31
C TYR B 63 -18.21 -26.80 21.08
N TYR B 64 -18.09 -27.29 19.84
CA TYR B 64 -18.62 -28.60 19.44
C TYR B 64 -17.49 -29.58 19.34
N GLY B 65 -17.85 -30.86 19.34
CA GLY B 65 -16.91 -31.95 19.14
C GLY B 65 -17.07 -32.53 17.75
N GLY B 66 -16.30 -33.57 17.48
CA GLY B 66 -16.27 -34.16 16.14
C GLY B 66 -15.46 -33.28 15.21
N ASN B 67 -14.54 -32.51 15.79
CA ASN B 67 -13.76 -31.53 15.07
C ASN B 67 -12.30 -31.93 15.02
N ASP B 68 -12.08 -33.25 15.04
CA ASP B 68 -10.73 -33.79 15.11
C ASP B 68 -10.02 -33.55 13.79
N PHE B 69 -10.70 -33.91 12.72
CA PHE B 69 -10.15 -33.70 11.40
C PHE B 69 -10.20 -32.22 11.01
N ILE B 70 -11.18 -31.48 11.52
CA ILE B 70 -11.27 -30.03 11.29
C ILE B 70 -10.14 -29.28 11.99
N ASP B 71 -9.85 -29.63 13.24
CA ASP B 71 -8.70 -29.08 13.96
C ASP B 71 -7.39 -29.23 13.19
N LYS B 72 -7.20 -30.39 12.58
CA LYS B 72 -5.99 -30.67 11.81
C LYS B 72 -5.89 -29.78 10.58
N ILE B 73 -7.00 -29.61 9.86
CA ILE B 73 -7.04 -28.72 8.71
C ILE B 73 -6.72 -27.30 9.15
N GLU B 74 -7.38 -26.81 10.21
CA GLU B 74 -7.18 -25.41 10.63
C GLU B 74 -5.77 -25.18 11.10
N GLU B 75 -5.19 -26.13 11.84
CA GLU B 75 -3.80 -25.97 12.35
C GLU B 75 -2.77 -26.07 11.24
N LEU B 76 -3.00 -26.96 10.30
CA LEU B 76 -2.18 -27.02 9.06
C LEU B 76 -2.18 -25.71 8.27
N CYS B 77 -3.35 -25.10 8.13
CA CYS B 77 -3.48 -23.82 7.46
C CYS B 77 -2.71 -22.72 8.14
N GLN B 78 -2.85 -22.61 9.46
CA GLN B 78 -2.12 -21.60 10.26
C GLN B 78 -0.61 -21.81 10.18
N LYS B 79 -0.19 -23.08 10.23
CA LYS B 79 1.22 -23.40 10.15
C LYS B 79 1.74 -22.97 8.77
N ARG B 80 1.09 -23.48 7.72
CA ARG B 80 1.52 -23.17 6.34
C ARG B 80 1.53 -21.66 6.04
N ALA B 81 0.66 -20.89 6.69
CA ALA B 81 0.64 -19.43 6.50
C ALA B 81 1.82 -18.74 7.15
N LEU B 82 2.17 -19.17 8.36
CA LEU B 82 3.32 -18.62 9.07
C LEU B 82 4.62 -18.92 8.32
N GLU B 83 4.73 -20.14 7.85
CA GLU B 83 5.85 -20.54 7.00
C GLU B 83 5.97 -19.67 5.75
N ALA B 84 4.86 -19.51 5.01
CA ALA B 84 4.84 -18.82 3.72
C ALA B 84 5.34 -17.41 3.83
N PHE B 85 5.00 -16.72 4.92
CA PHE B 85 5.48 -15.36 5.15
C PHE B 85 6.73 -15.31 6.04
N ASN B 86 7.39 -16.45 6.21
CA ASN B 86 8.69 -16.53 6.88
C ASN B 86 8.72 -15.81 8.24
N VAL B 87 7.80 -16.25 9.09
CA VAL B 87 7.70 -15.76 10.46
C VAL B 87 7.61 -16.99 11.36
N SER B 88 8.12 -16.83 12.57
CA SER B 88 8.20 -17.92 13.54
C SER B 88 6.91 -17.97 14.33
N ASP B 89 6.33 -19.18 14.47
CA ASP B 89 5.13 -19.38 15.31
C ASP B 89 5.27 -18.90 16.76
N GLU B 90 6.52 -18.71 17.20
CA GLU B 90 6.81 -18.18 18.51
C GLU B 90 6.53 -16.67 18.52
N GLU B 91 7.01 -15.96 17.50
CA GLU B 91 6.83 -14.48 17.39
C GLU B 91 5.47 -14.02 16.80
N TRP B 92 4.94 -14.75 15.82
CA TRP B 92 3.74 -14.33 15.09
C TRP B 92 2.66 -15.36 15.22
N GLY B 93 1.44 -14.88 15.33
CA GLY B 93 0.27 -15.75 15.13
C GLY B 93 -0.61 -15.31 13.96
N VAL B 94 -1.41 -16.24 13.45
CA VAL B 94 -2.35 -16.00 12.40
C VAL B 94 -3.75 -16.61 12.68
N ASN B 95 -4.79 -15.86 12.30
CA ASN B 95 -6.17 -16.36 12.28
C ASN B 95 -6.61 -16.59 10.81
N VAL B 96 -7.08 -17.81 10.53
CA VAL B 96 -7.43 -18.25 9.19
C VAL B 96 -8.94 -18.37 8.93
N GLN B 97 -9.74 -17.81 9.84
CA GLN B 97 -11.20 -17.79 9.74
C GLN B 97 -11.90 -16.65 8.97
N PRO B 98 -11.29 -15.44 8.90
CA PRO B 98 -11.93 -14.32 8.18
C PRO B 98 -12.34 -14.66 6.75
N LEU B 99 -13.62 -14.45 6.45
CA LEU B 99 -14.20 -14.94 5.20
C LEU B 99 -13.77 -14.19 3.96
N SER B 100 -13.28 -12.96 4.11
CA SER B 100 -12.82 -12.19 2.98
C SER B 100 -12.03 -10.99 3.50
N GLY B 101 -11.37 -10.25 2.61
CA GLY B 101 -10.52 -9.17 3.04
C GLY B 101 -11.16 -8.07 3.86
N SER B 102 -12.37 -7.70 3.47
CA SER B 102 -13.08 -6.61 4.15
C SER B 102 -13.42 -7.00 5.60
N ALA B 103 -13.92 -8.22 5.76
CA ALA B 103 -14.20 -8.79 7.07
C ALA B 103 -12.94 -8.84 7.98
N ALA B 104 -11.82 -9.28 7.44
CA ALA B 104 -10.55 -9.40 8.20
C ALA B 104 -10.11 -8.05 8.71
N ASN B 105 -10.18 -7.03 7.86
CA ASN B 105 -9.83 -5.66 8.24
C ASN B 105 -10.73 -5.06 9.30
N VAL B 106 -12.05 -5.25 9.18
CA VAL B 106 -12.99 -4.72 10.18
C VAL B 106 -12.75 -5.42 11.52
N GLN B 107 -12.58 -6.74 11.47
CA GLN B 107 -12.28 -7.54 12.63
C GLN B 107 -10.94 -7.11 13.27
N ALA B 108 -9.87 -7.03 12.48
CA ALA B 108 -8.55 -6.65 13.04
C ALA B 108 -8.60 -5.24 13.64
N LEU B 109 -9.18 -4.29 12.93
CA LEU B 109 -9.31 -2.93 13.44
C LEU B 109 -10.12 -2.89 14.74
N TYR B 110 -11.16 -3.71 14.83
CA TYR B 110 -11.97 -3.72 16.02
C TYR B 110 -11.17 -4.25 17.20
N ALA B 111 -10.49 -5.37 17.01
CA ALA B 111 -9.60 -5.91 18.04
C ALA B 111 -8.66 -4.85 18.64
N LEU B 112 -8.03 -4.05 17.78
CA LEU B 112 -7.00 -3.08 18.19
C LEU B 112 -7.53 -1.83 18.82
N VAL B 113 -8.63 -1.30 18.30
CA VAL B 113 -9.13 0.00 18.71
C VAL B 113 -10.54 0.02 19.31
N GLY B 114 -11.42 -0.88 18.86
CA GLY B 114 -12.79 -0.92 19.35
C GLY B 114 -13.71 0.14 18.76
N VAL B 115 -14.99 0.07 19.12
CA VAL B 115 -15.98 1.04 18.65
C VAL B 115 -15.54 2.44 19.06
N LYS B 116 -15.83 3.41 18.18
CA LYS B 116 -15.32 4.79 18.29
C LYS B 116 -13.79 4.90 18.25
N GLY B 117 -13.05 3.79 18.13
CA GLY B 117 -11.60 3.85 18.07
C GLY B 117 -11.09 4.70 16.91
N LYS B 118 -9.90 5.27 17.06
CA LYS B 118 -9.35 6.16 16.04
C LYS B 118 -8.44 5.39 15.09
N ILE B 119 -8.66 5.56 13.78
CA ILE B 119 -7.80 4.98 12.77
C ILE B 119 -7.43 5.97 11.66
N MET B 120 -6.27 5.74 11.06
CA MET B 120 -5.80 6.48 9.91
C MET B 120 -5.50 5.49 8.79
N GLY B 121 -5.95 5.83 7.58
CA GLY B 121 -5.62 5.08 6.40
C GLY B 121 -5.51 6.01 5.20
N MET B 122 -5.05 5.46 4.07
CA MET B 122 -4.95 6.24 2.85
C MET B 122 -6.33 6.41 2.24
N HIS B 123 -6.56 7.58 1.66
CA HIS B 123 -7.81 7.93 1.04
C HIS B 123 -8.00 7.02 -0.18
N LEU B 124 -9.25 6.70 -0.49
CA LEU B 124 -9.55 5.84 -1.63
C LEU B 124 -8.95 6.31 -2.93
N CYS B 125 -9.25 7.56 -3.29
CA CYS B 125 -8.66 8.26 -4.43
C CYS B 125 -7.15 8.24 -4.56
N SER B 126 -6.42 8.03 -3.46
CA SER B 126 -4.96 7.93 -3.54
C SER B 126 -4.44 6.48 -3.68
N GLY B 127 -5.33 5.49 -3.65
CA GLY B 127 -4.94 4.07 -3.66
C GLY B 127 -5.42 3.25 -2.47
N GLY B 128 -5.95 3.89 -1.43
CA GLY B 128 -6.47 3.17 -0.24
C GLY B 128 -7.74 2.36 -0.49
N HIS B 129 -7.96 1.35 0.34
CA HIS B 129 -9.19 0.53 0.29
C HIS B 129 -10.31 1.18 1.07
N LEU B 130 -11.53 0.75 0.77
CA LEU B 130 -12.72 1.21 1.50
C LEU B 130 -12.61 0.91 2.98
N THR B 131 -12.09 -0.26 3.33
CA THR B 131 -11.94 -0.67 4.73
C THR B 131 -10.80 -0.01 5.49
N HIS B 132 -10.15 1.00 4.89
CA HIS B 132 -9.14 1.79 5.56
C HIS B 132 -9.73 3.12 6.03
N GLY B 133 -11.03 3.12 6.33
CA GLY B 133 -11.70 4.27 6.87
C GLY B 133 -12.36 5.19 5.86
N PHE B 134 -12.78 4.69 4.70
CA PHE B 134 -13.26 5.61 3.67
C PHE B 134 -14.60 6.24 3.93
N PHE B 135 -14.62 7.58 3.82
CA PHE B 135 -15.85 8.36 3.76
C PHE B 135 -15.68 9.54 2.81
N ASP B 136 -16.78 10.19 2.46
CA ASP B 136 -16.77 11.45 1.73
C ASP B 136 -17.71 12.44 2.42
N GLU B 137 -17.84 13.66 1.90
CA GLU B 137 -18.73 14.68 2.52
C GLU B 137 -20.18 14.19 2.74
N LYS B 138 -20.74 13.51 1.74
CA LYS B 138 -22.14 13.08 1.75
C LYS B 138 -22.48 11.98 2.77
N LYS B 139 -21.58 11.02 2.93
CA LYS B 139 -21.85 9.87 3.81
C LYS B 139 -20.57 9.19 4.29
N LYS B 140 -20.71 8.38 5.34
CA LYS B 140 -19.66 7.49 5.82
C LYS B 140 -19.78 6.16 5.07
N VAL B 141 -19.13 6.10 3.91
CA VAL B 141 -19.31 5.02 2.93
C VAL B 141 -18.98 3.63 3.51
N SER B 142 -17.83 3.53 4.18
CA SER B 142 -17.41 2.28 4.81
C SER B 142 -17.80 2.27 6.27
N ILE B 143 -18.16 1.10 6.78
CA ILE B 143 -18.34 0.92 8.23
C ILE B 143 -17.09 1.35 9.00
N THR B 144 -15.93 1.26 8.37
CA THR B 144 -14.70 1.67 9.00
C THR B 144 -14.61 3.17 9.25
N SER B 145 -15.44 3.96 8.60
CA SER B 145 -15.49 5.40 8.86
C SER B 145 -16.58 5.75 9.85
N ASP B 146 -17.43 4.78 10.20
CA ASP B 146 -18.61 5.03 11.02
C ASP B 146 -18.49 4.37 12.38
N MET B 147 -18.13 3.09 12.42
CA MET B 147 -17.93 2.43 13.71
C MET B 147 -16.60 2.81 14.37
N PHE B 148 -15.73 3.46 13.59
CA PHE B 148 -14.46 4.00 14.07
C PHE B 148 -14.46 5.46 13.68
N GLU B 149 -13.57 6.22 14.30
CA GLU B 149 -13.37 7.62 13.93
C GLU B 149 -12.16 7.56 13.01
N SER B 150 -12.35 7.98 11.76
CA SER B 150 -11.30 7.79 10.77
C SER B 150 -10.82 9.10 10.18
N LYS B 151 -9.55 9.14 9.81
CA LYS B 151 -8.99 10.26 9.07
C LYS B 151 -8.17 9.71 7.93
N LEU B 152 -8.09 10.46 6.84
CA LEU B 152 -7.51 9.93 5.62
C LEU B 152 -6.39 10.82 5.17
N TYR B 153 -5.24 10.20 4.88
CA TYR B 153 -4.05 10.90 4.38
C TYR B 153 -3.88 10.63 2.90
N LYS B 154 -3.49 11.66 2.15
CA LYS B 154 -3.45 11.60 0.69
C LYS B 154 -2.04 11.42 0.19
N CYS B 155 -1.93 11.00 -1.09
CA CYS B 155 -0.67 10.98 -1.81
C CYS B 155 -0.45 12.37 -2.35
N ASN B 156 0.80 12.67 -2.69
CA ASN B 156 1.17 13.94 -3.34
C ASN B 156 0.73 13.94 -4.81
N SER B 157 0.90 15.07 -5.48
CA SER B 157 0.53 15.24 -6.90
C SER B 157 1.16 14.23 -7.86
N GLN B 158 2.34 13.70 -7.52
CA GLN B 158 3.00 12.69 -8.36
C GLN B 158 2.54 11.26 -8.04
N GLY B 159 1.65 11.09 -7.05
CA GLY B 159 1.05 9.78 -6.73
C GLY B 159 1.77 8.94 -5.69
N TYR B 160 2.62 9.57 -4.88
CA TYR B 160 3.41 8.88 -3.88
C TYR B 160 2.86 9.19 -2.49
N VAL B 161 2.95 8.21 -1.59
CA VAL B 161 2.66 8.39 -0.18
C VAL B 161 3.59 9.48 0.34
N ASP B 162 3.02 10.51 0.94
CA ASP B 162 3.77 11.64 1.45
C ASP B 162 3.84 11.52 2.95
N LEU B 163 4.92 10.93 3.43
CA LEU B 163 5.07 10.63 4.85
C LEU B 163 5.11 11.88 5.73
N ASP B 164 5.51 13.01 5.17
CA ASP B 164 5.47 14.27 5.93
C ASP B 164 4.02 14.54 6.32
N ALA B 165 3.11 14.30 5.39
CA ALA B 165 1.69 14.46 5.61
C ALA B 165 1.14 13.45 6.61
N VAL B 166 1.59 12.20 6.50
CA VAL B 166 1.21 11.11 7.44
C VAL B 166 1.60 11.45 8.89
N ARG B 167 2.82 11.95 9.10
CA ARG B 167 3.26 12.52 10.40
C ARG B 167 2.40 13.66 10.92
N GLU B 168 2.24 14.71 10.12
CA GLU B 168 1.45 15.89 10.53
C GLU B 168 0.05 15.47 10.94
N MET B 169 -0.54 14.51 10.21
CA MET B 169 -1.89 14.04 10.52
C MET B 169 -1.88 13.19 11.79
N ALA B 170 -0.91 12.29 11.90
CA ALA B 170 -0.81 11.45 13.09
C ALA B 170 -0.65 12.25 14.39
N LEU B 171 0.15 13.33 14.40
CA LEU B 171 0.41 14.09 15.62
C LEU B 171 -0.78 14.94 16.08
N SER B 172 -1.59 15.44 15.15
CA SER B 172 -2.78 16.21 15.52
C SER B 172 -4.04 15.36 15.74
N PHE B 173 -4.21 14.31 14.94
CA PHE B 173 -5.33 13.37 15.08
C PHE B 173 -5.07 12.25 16.14
N LYS B 174 -3.81 11.83 16.31
CA LYS B 174 -3.40 10.86 17.34
C LYS B 174 -4.14 9.52 17.28
N PRO B 175 -4.19 8.88 16.10
CA PRO B 175 -4.93 7.63 16.03
C PRO B 175 -4.25 6.49 16.77
N LYS B 176 -5.04 5.48 17.11
CA LYS B 176 -4.52 4.20 17.63
C LYS B 176 -3.97 3.29 16.56
N VAL B 177 -4.46 3.41 15.33
CA VAL B 177 -3.93 2.59 14.21
C VAL B 177 -3.60 3.48 13.01
N ILE B 178 -2.53 3.13 12.30
CA ILE B 178 -2.24 3.71 11.01
C ILE B 178 -2.16 2.54 10.06
N ILE B 179 -2.96 2.59 8.99
CA ILE B 179 -3.01 1.51 8.01
C ILE B 179 -2.17 1.84 6.78
N CYS B 180 -1.35 0.89 6.36
CA CYS B 180 -0.73 0.98 5.06
C CYS B 180 -0.82 -0.36 4.36
N GLY B 181 -0.44 -0.38 3.08
CA GLY B 181 -0.73 -1.51 2.16
C GLY B 181 -2.06 -1.15 1.51
N TYR B 182 -2.15 -1.24 0.18
CA TYR B 182 -3.18 -0.49 -0.58
C TYR B 182 -3.83 -1.25 -1.71
N THR B 183 -4.88 -0.68 -2.28
CA THR B 183 -5.61 -1.36 -3.38
C THR B 183 -5.14 -0.99 -4.79
N SER B 184 -4.75 0.28 -5.00
CA SER B 184 -4.23 0.77 -6.28
C SER B 184 -2.99 1.63 -6.10
N TYR B 185 -1.98 1.11 -5.43
CA TYR B 185 -0.72 1.81 -5.26
C TYR B 185 0.32 1.05 -6.04
N PRO B 186 0.95 1.70 -7.03
CA PRO B 186 1.85 0.97 -7.93
C PRO B 186 3.30 0.91 -7.47
N ARG B 187 3.62 1.48 -6.30
CA ARG B 187 4.99 1.41 -5.74
C ARG B 187 5.09 0.73 -4.37
N ASP B 188 6.31 0.40 -3.98
CA ASP B 188 6.58 -0.29 -2.72
C ASP B 188 6.40 0.72 -1.56
N ILE B 189 6.43 0.21 -0.33
CA ILE B 189 6.05 0.96 0.85
C ILE B 189 7.23 1.02 1.83
N ASP B 190 7.46 2.20 2.40
CA ASP B 190 8.43 2.35 3.48
C ASP B 190 7.77 2.07 4.85
N TYR B 191 7.68 0.79 5.18
CA TYR B 191 7.07 0.37 6.45
C TYR B 191 7.84 0.92 7.64
N GLN B 192 9.17 0.92 7.52
CA GLN B 192 10.05 1.50 8.55
C GLN B 192 9.63 2.92 8.89
N GLN B 193 9.44 3.77 7.90
CA GLN B 193 8.99 5.15 8.16
C GLN B 193 7.60 5.16 8.75
N PHE B 194 6.75 4.20 8.36
CA PHE B 194 5.44 4.07 9.04
C PHE B 194 5.63 3.64 10.50
N ARG B 195 6.51 2.67 10.75
CA ARG B 195 6.83 2.16 12.09
C ARG B 195 7.33 3.28 13.02
N GLN B 196 8.19 4.13 12.49
CA GLN B 196 8.75 5.26 13.23
C GLN B 196 7.68 6.34 13.51
N ILE B 197 6.70 6.51 12.62
CA ILE B 197 5.58 7.43 12.87
C ILE B 197 4.59 6.87 13.91
N CYS B 198 4.33 5.57 13.81
CA CYS B 198 3.44 4.88 14.73
C CYS B 198 3.99 4.95 16.16
N ASP B 199 5.23 4.45 16.35
CA ASP B 199 6.00 4.57 17.62
C ASP B 199 5.97 5.96 18.26
N GLU B 200 6.08 6.99 17.42
CA GLU B 200 6.13 8.37 17.88
C GLU B 200 4.84 8.78 18.58
N VAL B 201 3.70 8.34 18.04
CA VAL B 201 2.35 8.67 18.58
C VAL B 201 1.66 7.49 19.28
N ASN B 202 2.41 6.39 19.49
CA ASN B 202 1.93 5.18 20.16
C ASN B 202 0.68 4.59 19.48
N ALA B 203 0.78 4.40 18.17
CA ALA B 203 -0.25 3.71 17.38
C ALA B 203 0.25 2.34 16.99
N TYR B 204 -0.67 1.42 16.70
CA TYR B 204 -0.30 0.18 16.01
C TYR B 204 0.04 0.45 14.54
N LEU B 205 0.93 -0.36 13.98
CA LEU B 205 1.21 -0.39 12.53
C LEU B 205 0.45 -1.54 11.92
N PHE B 206 -0.44 -1.23 10.97
CA PHE B 206 -1.34 -2.19 10.32
C PHE B 206 -0.95 -2.16 8.85
N ALA B 207 -0.60 -3.31 8.29
CA ALA B 207 -0.23 -3.44 6.90
C ALA B 207 -1.17 -4.41 6.21
N ASP B 208 -1.87 -3.95 5.17
CA ASP B 208 -2.79 -4.79 4.42
C ASP B 208 -2.11 -5.08 3.09
N ILE B 209 -1.53 -6.27 2.97
CA ILE B 209 -0.70 -6.63 1.82
C ILE B 209 -1.44 -7.48 0.77
N SER B 210 -2.79 -7.42 0.76
CA SER B 210 -3.65 -8.17 -0.15
C SER B 210 -3.24 -8.11 -1.61
N HIS B 211 -2.88 -6.93 -2.09
CA HIS B 211 -2.46 -6.79 -3.49
C HIS B 211 -1.07 -7.32 -3.79
N ILE B 212 -0.20 -7.33 -2.78
CA ILE B 212 1.23 -7.60 -2.98
C ILE B 212 1.74 -8.77 -2.14
N SER B 213 0.83 -9.59 -1.64
CA SER B 213 1.19 -10.64 -0.67
C SER B 213 2.30 -11.57 -1.20
N SER B 214 2.17 -12.04 -2.43
CA SER B 214 3.14 -12.96 -3.03
C SER B 214 4.52 -12.34 -3.09
N PHE B 215 4.59 -11.04 -3.37
CA PHE B 215 5.87 -10.37 -3.38
C PHE B 215 6.49 -10.41 -1.99
N VAL B 216 5.66 -10.21 -0.95
CA VAL B 216 6.14 -10.20 0.43
C VAL B 216 6.64 -11.59 0.81
N ALA B 217 5.88 -12.62 0.46
CA ALA B 217 6.25 -13.98 0.80
C ALA B 217 7.55 -14.44 0.12
N CYS B 218 7.78 -14.02 -1.12
CA CYS B 218 8.94 -14.43 -1.89
C CYS B 218 10.16 -13.46 -1.78
N ASN B 219 10.08 -12.48 -0.89
CA ASN B 219 11.18 -11.53 -0.61
C ASN B 219 11.60 -10.62 -1.78
N ILE B 220 10.64 -10.33 -2.67
CA ILE B 220 10.87 -9.45 -3.82
C ILE B 220 10.60 -8.00 -3.44
N LEU B 221 9.63 -7.75 -2.58
CA LEU B 221 9.38 -6.40 -2.08
C LEU B 221 9.59 -6.32 -0.58
N ASN B 222 9.56 -5.10 -0.07
CA ASN B 222 9.66 -4.84 1.35
C ASN B 222 8.74 -5.70 2.21
N ASN B 223 9.28 -6.04 3.37
CA ASN B 223 8.64 -6.96 4.29
C ASN B 223 8.06 -6.20 5.47
N PRO B 224 6.72 -6.05 5.51
CA PRO B 224 6.14 -5.36 6.65
C PRO B 224 6.19 -6.16 7.96
N PHE B 225 6.44 -7.47 7.89
CA PHE B 225 6.55 -8.30 9.08
C PHE B 225 7.70 -7.88 10.02
N LEU B 226 8.75 -7.25 9.48
CA LEU B 226 9.85 -6.71 10.27
C LEU B 226 9.42 -5.53 11.15
N HIS B 227 8.32 -4.88 10.81
CA HIS B 227 7.87 -3.70 11.52
C HIS B 227 6.41 -3.65 11.99
N ALA B 228 5.50 -4.41 11.37
CA ALA B 228 4.08 -4.24 11.63
C ALA B 228 3.60 -5.02 12.85
N ASP B 229 2.61 -4.47 13.53
CA ASP B 229 1.88 -5.18 14.57
C ASP B 229 0.88 -6.18 14.02
N VAL B 230 0.15 -5.76 12.98
CA VAL B 230 -0.84 -6.61 12.30
C VAL B 230 -0.59 -6.62 10.79
N VAL B 231 -0.64 -7.80 10.19
CA VAL B 231 -0.69 -7.91 8.72
C VAL B 231 -1.96 -8.63 8.29
N THR B 232 -2.77 -7.97 7.47
CA THR B 232 -3.92 -8.61 6.83
C THR B 232 -3.63 -8.87 5.36
N THR B 233 -4.21 -9.94 4.84
CA THR B 233 -4.21 -10.16 3.43
C THR B 233 -5.32 -11.08 3.02
N THR B 234 -5.91 -10.78 1.87
CA THR B 234 -6.73 -11.73 1.16
C THR B 234 -5.86 -12.84 0.65
N THR B 235 -6.46 -14.00 0.40
CA THR B 235 -5.80 -15.15 -0.21
C THR B 235 -6.08 -15.35 -1.74
N HIS B 236 -6.95 -14.50 -2.34
CA HIS B 236 -7.47 -14.71 -3.73
C HIS B 236 -6.85 -13.86 -4.83
N LYS B 237 -5.93 -12.97 -4.50
CA LYS B 237 -5.36 -12.14 -5.54
C LYS B 237 -4.02 -12.72 -6.06
N ILE B 238 -2.95 -11.94 -5.93
CA ILE B 238 -1.65 -12.40 -6.40
C ILE B 238 -1.26 -13.75 -5.78
N LEU B 239 -1.72 -14.02 -4.54
CA LEU B 239 -1.46 -15.31 -3.83
C LEU B 239 -2.13 -16.51 -4.48
N ARG B 240 -3.20 -16.24 -5.24
CA ARG B 240 -3.83 -17.23 -6.12
C ARG B 240 -4.49 -18.36 -5.32
N GLY B 241 -5.07 -18.02 -4.15
CA GLY B 241 -5.86 -18.96 -3.36
C GLY B 241 -7.35 -18.73 -3.56
N PRO B 242 -8.18 -19.25 -2.65
CA PRO B 242 -9.61 -19.06 -2.75
C PRO B 242 -9.97 -17.70 -2.18
N ARG B 243 -11.25 -17.39 -2.13
CA ARG B 243 -11.67 -16.12 -1.55
C ARG B 243 -11.77 -16.33 -0.04
N SER B 244 -10.86 -15.69 0.67
CA SER B 244 -10.71 -15.79 2.12
C SER B 244 -9.67 -14.77 2.56
N ALA B 245 -9.44 -14.69 3.87
CA ALA B 245 -8.42 -13.80 4.38
C ALA B 245 -7.71 -14.34 5.63
N LEU B 246 -6.55 -13.73 5.90
CA LEU B 246 -5.63 -14.13 6.96
C LEU B 246 -5.34 -12.89 7.78
N ILE B 247 -5.41 -13.00 9.11
CA ILE B 247 -4.97 -11.93 10.01
C ILE B 247 -3.74 -12.45 10.76
N PHE B 248 -2.63 -11.72 10.59
CA PHE B 248 -1.38 -11.97 11.28
C PHE B 248 -1.17 -10.91 12.37
N PHE B 249 -0.68 -11.33 13.53
CA PHE B 249 -0.48 -10.43 14.66
C PHE B 249 0.85 -10.72 15.34
N ASN B 250 1.58 -9.68 15.71
CA ASN B 250 2.89 -9.88 16.33
C ASN B 250 2.75 -9.97 17.85
N LYS B 251 2.85 -11.20 18.36
CA LYS B 251 2.77 -11.50 19.79
C LYS B 251 3.88 -10.86 20.65
N LYS B 252 5.12 -10.87 20.17
CA LYS B 252 6.25 -10.22 20.89
C LYS B 252 6.05 -8.73 21.11
N ARG B 253 5.57 -8.06 20.09
CA ARG B 253 5.35 -6.61 20.12
C ARG B 253 4.14 -6.26 21.00
N ASN B 254 3.13 -7.14 21.03
CA ASN B 254 1.87 -6.89 21.74
C ASN B 254 1.36 -8.19 22.40
N PRO B 255 1.95 -8.61 23.54
CA PRO B 255 1.37 -9.76 24.22
C PRO B 255 -0.10 -9.51 24.59
N GLY B 256 -0.94 -10.54 24.45
CA GLY B 256 -2.39 -10.38 24.61
C GLY B 256 -3.18 -9.86 23.38
N ILE B 257 -2.49 -9.60 22.26
CA ILE B 257 -3.11 -9.30 20.97
C ILE B 257 -3.77 -10.54 20.37
N GLU B 258 -3.18 -11.70 20.60
CA GLU B 258 -3.72 -12.96 20.10
C GLU B 258 -5.18 -13.14 20.48
N GLN B 259 -5.44 -13.02 21.77
CA GLN B 259 -6.78 -13.17 22.31
C GLN B 259 -7.69 -12.09 21.74
N LYS B 260 -7.19 -10.85 21.68
CA LYS B 260 -7.95 -9.73 21.11
C LYS B 260 -8.40 -9.95 19.65
N ILE B 261 -7.50 -10.46 18.82
CA ILE B 261 -7.82 -10.73 17.42
C ILE B 261 -8.69 -11.97 17.30
N ASN B 262 -8.35 -13.00 18.06
CA ASN B 262 -9.10 -14.23 17.99
C ASN B 262 -10.53 -14.06 18.44
N SER B 263 -10.78 -13.22 19.44
CA SER B 263 -12.15 -13.04 19.93
C SER B 263 -12.92 -12.05 19.06
N ALA B 264 -12.20 -11.10 18.45
CA ALA B 264 -12.77 -10.25 17.41
C ALA B 264 -13.32 -11.04 16.21
N VAL B 265 -12.58 -12.02 15.70
CA VAL B 265 -13.09 -12.84 14.57
C VAL B 265 -14.26 -13.67 15.04
N PHE B 266 -14.10 -14.33 16.19
CA PHE B 266 -15.21 -15.03 16.84
C PHE B 266 -15.03 -14.96 18.34
N PRO B 267 -16.08 -14.69 19.12
CA PRO B 267 -17.48 -14.60 18.66
C PRO B 267 -18.01 -13.22 18.35
N SER B 268 -17.14 -12.19 18.36
CA SER B 268 -17.55 -10.82 18.11
C SER B 268 -18.26 -10.66 16.75
N PHE B 269 -17.64 -11.14 15.67
CA PHE B 269 -18.12 -10.88 14.33
C PHE B 269 -18.74 -12.10 13.66
N GLN B 270 -17.94 -13.14 13.42
CA GLN B 270 -18.39 -14.30 12.66
C GLN B 270 -18.97 -15.39 13.57
N GLY B 271 -19.59 -16.38 12.96
CA GLY B 271 -20.07 -17.59 13.59
C GLY B 271 -19.23 -18.75 13.08
N GLY B 272 -19.86 -19.73 12.42
CA GLY B 272 -19.14 -20.95 12.04
C GLY B 272 -18.11 -20.67 10.95
N PRO B 273 -16.88 -21.19 11.08
CA PRO B 273 -15.93 -20.96 9.96
C PRO B 273 -16.30 -21.77 8.74
N HIS B 274 -15.75 -21.34 7.61
CA HIS B 274 -16.00 -22.00 6.36
C HIS B 274 -14.80 -22.86 6.08
N ASN B 275 -14.94 -24.14 6.36
CA ASN B 275 -13.79 -25.03 6.42
C ASN B 275 -13.27 -25.36 5.05
N ASN B 276 -14.16 -25.36 4.05
CA ASN B 276 -13.73 -25.47 2.63
C ASN B 276 -12.78 -24.36 2.22
N LYS B 277 -13.05 -23.12 2.66
CA LYS B 277 -12.10 -22.02 2.45
C LYS B 277 -10.78 -22.32 3.09
N ILE B 278 -10.83 -22.76 4.35
CA ILE B 278 -9.62 -23.02 5.14
C ILE B 278 -8.74 -24.11 4.50
N ALA B 279 -9.34 -25.24 4.14
CA ALA B 279 -8.66 -26.27 3.33
C ALA B 279 -8.04 -25.68 2.06
N ALA B 280 -8.85 -24.92 1.30
CA ALA B 280 -8.39 -24.31 0.04
C ALA B 280 -7.21 -23.38 0.25
N VAL B 281 -7.28 -22.60 1.32
CA VAL B 281 -6.18 -21.75 1.70
C VAL B 281 -4.94 -22.60 2.00
N ALA B 282 -5.13 -23.71 2.73
CA ALA B 282 -4.03 -24.60 3.13
C ALA B 282 -3.34 -25.14 1.91
N CYS B 283 -4.15 -25.64 0.98
CA CYS B 283 -3.70 -26.11 -0.33
C CYS B 283 -2.87 -25.11 -1.09
N GLN B 284 -3.35 -23.87 -1.17
CA GLN B 284 -2.61 -22.87 -1.93
C GLN B 284 -1.32 -22.44 -1.22
N LEU B 285 -1.37 -22.35 0.11
CA LEU B 285 -0.20 -21.94 0.89
C LEU B 285 1.03 -22.88 0.76
N LYS B 286 0.78 -24.15 0.48
CA LYS B 286 1.89 -25.09 0.21
C LYS B 286 2.57 -24.71 -1.09
N GLU B 287 1.75 -24.45 -2.12
CA GLU B 287 2.25 -23.99 -3.41
C GLU B 287 3.00 -22.69 -3.25
N VAL B 288 2.47 -21.77 -2.44
CA VAL B 288 3.07 -20.46 -2.23
C VAL B 288 4.51 -20.57 -1.77
N HIS B 289 4.78 -21.58 -0.94
CA HIS B 289 6.11 -21.78 -0.35
C HIS B 289 7.13 -22.55 -1.21
N SER B 290 6.73 -22.99 -2.39
CA SER B 290 7.62 -23.66 -3.33
C SER B 290 8.45 -22.64 -4.09
N PRO B 291 9.61 -23.08 -4.65
CA PRO B 291 10.41 -22.17 -5.49
C PRO B 291 9.82 -21.94 -6.90
N ALA B 292 8.95 -22.85 -7.36
CA ALA B 292 8.17 -22.63 -8.59
C ALA B 292 7.22 -21.43 -8.50
N PHE B 293 6.64 -21.19 -7.31
CA PHE B 293 5.71 -20.07 -7.10
C PHE B 293 6.49 -18.76 -7.03
N LYS B 294 7.70 -18.81 -6.49
CA LYS B 294 8.57 -17.62 -6.53
C LYS B 294 8.86 -17.24 -7.99
N GLU B 295 9.09 -18.23 -8.85
CA GLU B 295 9.31 -17.95 -10.28
C GLU B 295 8.09 -17.28 -10.93
N TYR B 296 6.89 -17.76 -10.58
CA TYR B 296 5.63 -17.14 -11.03
C TYR B 296 5.54 -15.68 -10.59
N THR B 297 5.79 -15.42 -9.32
CA THR B 297 5.73 -14.06 -8.75
C THR B 297 6.75 -13.13 -9.41
N GLN B 298 7.91 -13.68 -9.75
CA GLN B 298 8.96 -12.89 -10.44
C GLN B 298 8.48 -12.54 -11.83
N GLN B 299 7.87 -13.52 -12.50
CA GLN B 299 7.26 -13.31 -13.80
C GLN B 299 6.14 -12.25 -13.78
N VAL B 300 5.38 -12.16 -12.67
CA VAL B 300 4.36 -11.11 -12.47
C VAL B 300 5.02 -9.74 -12.58
N LEU B 301 6.09 -9.57 -11.82
CA LEU B 301 6.81 -8.29 -11.82
C LEU B 301 7.52 -8.01 -13.16
N LEU B 302 8.13 -9.04 -13.75
CA LEU B 302 8.85 -8.88 -15.01
C LEU B 302 7.87 -8.39 -16.05
N ASN B 303 6.67 -8.95 -16.06
CA ASN B 303 5.59 -8.59 -17.00
C ASN B 303 5.06 -7.20 -16.76
N SER B 304 4.83 -6.88 -15.49
CA SER B 304 4.39 -5.54 -15.12
C SER B 304 5.41 -4.50 -15.57
N LYS B 305 6.68 -4.78 -15.34
CA LYS B 305 7.74 -3.86 -15.71
C LYS B 305 7.72 -3.65 -17.22
N ALA B 306 7.66 -4.75 -17.97
CA ALA B 306 7.62 -4.71 -19.42
C ALA B 306 6.38 -4.00 -19.96
N LEU B 307 5.24 -4.21 -19.30
CA LEU B 307 3.99 -3.55 -19.69
C LEU B 307 4.06 -2.04 -19.45
N ALA B 308 4.53 -1.65 -18.28
CA ALA B 308 4.80 -0.25 -18.02
C ALA B 308 5.64 0.38 -19.13
N LYS B 309 6.79 -0.26 -19.39
CA LYS B 309 7.77 0.20 -20.38
C LYS B 309 7.11 0.35 -21.75
N ALA B 310 6.38 -0.67 -22.17
CA ALA B 310 5.79 -0.64 -23.51
C ALA B 310 4.73 0.47 -23.66
N LEU B 311 4.01 0.76 -22.58
CA LEU B 311 2.99 1.81 -22.59
C LEU B 311 3.65 3.20 -22.67
N ILE B 312 4.72 3.41 -21.90
CA ILE B 312 5.52 4.65 -21.97
C ILE B 312 6.05 4.88 -23.38
N SER B 313 6.50 3.81 -24.05
CA SER B 313 7.04 3.91 -25.40
C SER B 313 5.96 4.23 -26.45
N LYS B 314 4.69 4.02 -26.09
CA LYS B 314 3.54 4.48 -26.89
C LYS B 314 2.96 5.77 -26.37
N GLN B 315 3.76 6.55 -25.64
CA GLN B 315 3.35 7.90 -25.19
C GLN B 315 2.12 7.90 -24.26
N ILE B 316 1.97 6.86 -23.45
CA ILE B 316 0.89 6.78 -22.47
C ILE B 316 1.51 7.05 -21.10
N ASP B 317 0.86 7.91 -20.32
CA ASP B 317 1.32 8.30 -18.98
C ASP B 317 0.84 7.37 -17.88
N LEU B 318 1.76 7.01 -16.98
CA LEU B 318 1.48 6.18 -15.84
C LEU B 318 1.64 7.03 -14.58
N VAL B 319 0.80 6.79 -13.58
CA VAL B 319 0.95 7.46 -12.29
C VAL B 319 2.22 6.90 -11.60
N THR B 320 3.06 7.83 -11.13
CA THR B 320 4.43 7.56 -10.68
C THR B 320 5.38 7.17 -11.80
N ASN B 321 4.95 7.30 -13.06
CA ASN B 321 5.74 6.92 -14.25
C ASN B 321 6.29 5.50 -14.28
N GLY B 322 5.64 4.58 -13.58
CA GLY B 322 6.08 3.21 -13.56
C GLY B 322 5.46 2.43 -12.42
N THR B 323 6.10 1.32 -12.08
CA THR B 323 5.58 0.41 -11.06
C THR B 323 6.72 -0.40 -10.36
N ASP B 324 6.54 -0.64 -9.07
CA ASP B 324 7.42 -1.56 -8.32
C ASP B 324 6.75 -2.89 -8.16
N ASN B 325 5.50 -3.03 -8.62
CA ASN B 325 4.75 -4.23 -8.33
C ASN B 325 4.01 -4.75 -9.58
N HIS B 326 2.97 -5.51 -9.34
CA HIS B 326 2.10 -6.12 -10.33
C HIS B 326 1.12 -5.14 -11.04
N LEU B 327 1.03 -3.89 -10.58
CA LEU B 327 0.00 -3.02 -11.06
C LEU B 327 0.47 -1.65 -11.56
N ILE B 328 -0.26 -1.15 -12.54
CA ILE B 328 0.00 0.11 -13.19
C ILE B 328 -1.31 0.85 -13.19
N VAL B 329 -1.26 2.16 -12.98
CA VAL B 329 -2.43 3.02 -13.11
C VAL B 329 -2.13 3.97 -14.26
N VAL B 330 -2.95 3.93 -15.31
CA VAL B 330 -2.77 4.80 -16.48
C VAL B 330 -3.47 6.13 -16.21
N ASP B 331 -2.77 7.22 -16.41
CA ASP B 331 -3.35 8.57 -16.38
C ASP B 331 -3.82 8.96 -17.79
N LEU B 332 -5.12 9.14 -17.95
CA LEU B 332 -5.72 9.37 -19.26
C LEU B 332 -6.03 10.82 -19.60
N ARG B 333 -5.56 11.78 -18.78
CA ARG B 333 -5.92 13.19 -18.99
C ARG B 333 -5.46 13.77 -20.32
N LYS B 334 -4.32 13.33 -20.82
CA LYS B 334 -3.82 13.83 -22.12
C LYS B 334 -4.76 13.50 -23.30
N PHE B 335 -5.48 12.37 -23.20
CA PHE B 335 -6.39 11.92 -24.26
C PHE B 335 -7.82 12.44 -24.08
N SER B 336 -8.07 13.15 -22.98
CA SER B 336 -9.34 13.82 -22.68
C SER B 336 -10.51 12.85 -22.66
N ILE B 337 -10.27 11.69 -22.06
CA ILE B 337 -11.27 10.64 -21.89
C ILE B 337 -11.28 10.17 -20.43
N THR B 338 -12.31 9.43 -20.04
CA THR B 338 -12.44 8.96 -18.66
C THR B 338 -12.06 7.51 -18.67
N GLY B 339 -11.61 7.01 -17.51
CA GLY B 339 -11.44 5.59 -17.28
C GLY B 339 -12.73 4.83 -17.47
N SER B 340 -13.84 5.45 -17.06
CA SER B 340 -15.21 4.90 -17.29
C SER B 340 -15.45 4.59 -18.78
N LYS B 341 -15.11 5.53 -19.66
CA LYS B 341 -15.25 5.32 -21.12
C LYS B 341 -14.33 4.21 -21.62
N LEU B 342 -13.04 4.26 -21.23
CA LEU B 342 -12.05 3.24 -21.67
C LEU B 342 -12.42 1.83 -21.22
N GLN B 343 -12.89 1.71 -19.98
CA GLN B 343 -13.34 0.45 -19.41
C GLN B 343 -14.41 -0.21 -20.26
N GLU B 344 -15.40 0.59 -20.66
CA GLU B 344 -16.49 0.11 -21.51
C GLU B 344 -15.92 -0.35 -22.84
N THR B 345 -15.02 0.44 -23.41
CA THR B 345 -14.34 0.09 -24.66
C THR B 345 -13.58 -1.21 -24.56
N CYS B 346 -12.82 -1.35 -23.47
CA CYS B 346 -12.06 -2.59 -23.21
C CYS B 346 -13.01 -3.75 -22.95
N ASN B 347 -14.10 -3.55 -22.20
CA ASN B 347 -15.09 -4.64 -22.02
C ASN B 347 -15.62 -5.15 -23.36
N ALA B 348 -15.85 -4.25 -24.34
CA ALA B 348 -16.33 -4.65 -25.68
C ALA B 348 -15.32 -5.50 -26.49
N ILE B 349 -14.02 -5.35 -26.22
CA ILE B 349 -13.01 -6.18 -26.91
C ILE B 349 -12.47 -7.31 -26.03
N ASN B 350 -13.26 -7.73 -25.05
CA ASN B 350 -12.83 -8.71 -24.05
C ASN B 350 -11.50 -8.39 -23.34
N VAL B 351 -11.29 -7.10 -23.06
CA VAL B 351 -10.17 -6.66 -22.23
C VAL B 351 -10.78 -6.20 -20.92
N SER B 352 -10.38 -6.87 -19.85
CA SER B 352 -10.93 -6.64 -18.51
C SER B 352 -9.96 -5.75 -17.75
N LEU B 353 -10.46 -4.60 -17.33
CA LEU B 353 -9.71 -3.67 -16.51
C LEU B 353 -10.73 -2.82 -15.77
N ASN B 354 -10.27 -1.99 -14.84
CA ASN B 354 -11.21 -1.17 -14.09
C ASN B 354 -10.81 0.28 -14.09
N LYS B 355 -11.81 1.15 -14.12
CA LYS B 355 -11.62 2.59 -13.91
C LYS B 355 -11.02 2.87 -12.53
N ASN B 356 -10.25 3.94 -12.43
CA ASN B 356 -9.49 4.20 -11.22
C ASN B 356 -9.14 5.67 -11.11
N THR B 357 -9.27 6.19 -9.90
CA THR B 357 -8.92 7.59 -9.63
C THR B 357 -7.41 7.84 -9.73
N ILE B 358 -7.05 9.08 -10.05
CA ILE B 358 -5.66 9.55 -10.05
C ILE B 358 -5.55 10.65 -8.97
N PRO B 359 -4.34 11.21 -8.74
CA PRO B 359 -4.21 12.19 -7.65
C PRO B 359 -5.01 13.47 -7.87
N SER B 360 -5.01 13.96 -9.12
CA SER B 360 -5.75 15.17 -9.46
C SER B 360 -7.27 15.01 -9.30
N ASP B 361 -7.80 13.78 -9.31
CA ASP B 361 -9.24 13.57 -9.20
C ASP B 361 -9.80 14.06 -7.88
N VAL B 362 -10.82 14.91 -7.99
CA VAL B 362 -11.59 15.40 -6.84
C VAL B 362 -12.53 14.29 -6.32
N ASP B 363 -13.34 13.74 -7.22
CA ASP B 363 -14.45 12.83 -6.87
C ASP B 363 -14.33 11.46 -7.58
N CYS B 364 -14.78 10.40 -6.91
CA CYS B 364 -14.65 9.02 -7.41
C CYS B 364 -15.51 8.63 -8.63
N VAL B 365 -16.62 9.33 -8.88
CA VAL B 365 -17.37 9.18 -10.14
C VAL B 365 -16.67 10.01 -11.21
N SER B 366 -16.54 9.43 -12.40
CA SER B 366 -15.76 10.00 -13.50
C SER B 366 -14.23 10.10 -13.16
N PRO B 367 -13.60 8.96 -12.77
CA PRO B 367 -12.14 9.00 -12.55
C PRO B 367 -11.32 8.99 -13.84
N SER B 368 -10.11 9.50 -13.75
CA SER B 368 -9.32 9.83 -14.93
C SER B 368 -8.24 8.79 -15.27
N GLY B 369 -8.42 7.57 -14.84
CA GLY B 369 -7.43 6.54 -15.10
C GLY B 369 -8.04 5.18 -15.10
N VAL B 370 -7.25 4.21 -15.51
CA VAL B 370 -7.59 2.82 -15.37
C VAL B 370 -6.45 2.12 -14.65
N ARG B 371 -6.78 1.03 -13.97
CA ARG B 371 -5.80 0.20 -13.36
C ARG B 371 -5.70 -1.10 -14.14
N ILE B 372 -4.47 -1.54 -14.33
CA ILE B 372 -4.20 -2.81 -14.98
C ILE B 372 -3.23 -3.59 -14.09
N GLY B 373 -3.27 -4.91 -14.21
CA GLY B 373 -2.37 -5.75 -13.42
C GLY B 373 -2.02 -7.01 -14.16
N THR B 374 -0.86 -7.58 -13.83
CA THR B 374 -0.37 -8.77 -14.53
C THR B 374 -0.59 -10.13 -13.92
N PRO B 375 -1.11 -10.26 -12.68
CA PRO B 375 -1.12 -11.62 -12.16
C PRO B 375 -1.95 -12.63 -12.95
N ALA B 376 -3.14 -12.24 -13.40
CA ALA B 376 -3.99 -13.14 -14.17
C ALA B 376 -3.33 -13.67 -15.47
N MET B 377 -2.83 -12.76 -16.31
CA MET B 377 -2.22 -13.18 -17.57
C MET B 377 -0.88 -13.89 -17.36
N THR B 378 -0.16 -13.49 -16.31
CA THR B 378 1.06 -14.20 -15.93
C THR B 378 0.73 -15.64 -15.55
N THR B 379 -0.39 -15.83 -14.85
CA THR B 379 -0.88 -17.18 -14.55
C THR B 379 -1.15 -17.97 -15.84
N ARG B 380 -1.68 -17.28 -16.85
CA ARG B 380 -1.99 -17.86 -18.17
C ARG B 380 -0.81 -18.01 -19.17
N GLY B 381 0.42 -17.87 -18.69
CA GLY B 381 1.61 -18.20 -19.45
C GLY B 381 2.25 -17.07 -20.23
N ALA B 382 1.64 -15.86 -20.23
CA ALA B 382 2.20 -14.73 -20.95
C ALA B 382 3.52 -14.29 -20.35
N LYS B 383 4.44 -13.85 -21.20
CA LYS B 383 5.80 -13.47 -20.82
C LYS B 383 6.06 -12.03 -21.26
N GLU B 384 7.27 -11.52 -21.02
CA GLU B 384 7.59 -10.12 -21.32
C GLU B 384 7.27 -9.68 -22.73
N LYS B 385 7.64 -10.51 -23.70
CA LYS B 385 7.33 -10.29 -25.13
C LYS B 385 5.86 -10.09 -25.44
N ASP B 386 4.98 -10.70 -24.63
CA ASP B 386 3.53 -10.61 -24.80
C ASP B 386 2.94 -9.29 -24.33
N MET B 387 3.69 -8.54 -23.55
CA MET B 387 3.19 -7.32 -22.96
C MET B 387 3.08 -6.22 -24.01
N GLU B 388 3.97 -6.21 -25.01
CA GLU B 388 3.85 -5.30 -26.16
C GLU B 388 2.49 -5.43 -26.84
N PHE B 389 2.04 -6.66 -27.03
CA PHE B 389 0.72 -6.95 -27.58
C PHE B 389 -0.41 -6.37 -26.72
N ILE B 390 -0.34 -6.59 -25.42
CA ILE B 390 -1.34 -6.03 -24.51
C ILE B 390 -1.27 -4.49 -24.53
N ALA B 391 -0.05 -3.96 -24.58
CA ALA B 391 0.14 -2.54 -24.72
C ALA B 391 -0.44 -1.99 -26.04
N ASP B 392 -0.17 -2.68 -27.16
CA ASP B 392 -0.77 -2.36 -28.50
C ASP B 392 -2.30 -2.31 -28.45
N VAL B 393 -2.90 -3.34 -27.86
CA VAL B 393 -4.39 -3.44 -27.75
C VAL B 393 -4.97 -2.31 -26.93
N LEU B 394 -4.37 -2.02 -25.79
CA LEU B 394 -4.81 -0.91 -24.94
C LEU B 394 -4.60 0.44 -25.61
N ALA B 395 -3.46 0.63 -26.29
CA ALA B 395 -3.28 1.85 -27.10
C ALA B 395 -4.40 2.04 -28.15
N ARG B 396 -4.71 0.95 -28.84
CA ARG B 396 -5.76 0.94 -29.87
C ARG B 396 -7.14 1.23 -29.25
N ALA B 397 -7.37 0.73 -28.04
CA ALA B 397 -8.60 1.00 -27.31
C ALA B 397 -8.68 2.43 -26.92
N ILE B 398 -7.57 3.01 -26.47
CA ILE B 398 -7.59 4.42 -26.11
C ILE B 398 -7.95 5.25 -27.36
N LYS B 399 -7.30 4.94 -28.48
CA LYS B 399 -7.57 5.63 -29.75
C LYS B 399 -9.04 5.55 -30.12
N ILE B 400 -9.57 4.32 -30.07
CA ILE B 400 -10.97 4.07 -30.41
C ILE B 400 -11.90 4.84 -29.48
N THR B 401 -11.52 4.92 -28.21
CA THR B 401 -12.31 5.66 -27.24
C THR B 401 -12.31 7.13 -27.60
N VAL B 402 -11.16 7.67 -28.01
CA VAL B 402 -11.10 9.09 -28.36
C VAL B 402 -12.05 9.38 -29.56
N ASP B 403 -11.94 8.54 -30.59
CA ASP B 403 -12.74 8.66 -31.81
C ASP B 403 -14.23 8.53 -31.55
N LEU B 404 -14.60 7.57 -30.70
CA LEU B 404 -16.00 7.37 -30.33
C LEU B 404 -16.54 8.56 -29.51
N GLN B 405 -15.72 9.13 -28.62
CA GLN B 405 -16.12 10.31 -27.87
C GLN B 405 -16.35 11.53 -28.78
N GLU B 406 -15.53 11.65 -29.82
CA GLU B 406 -15.71 12.68 -30.82
C GLU B 406 -17.05 12.52 -31.54
N GLN B 407 -17.30 11.32 -32.06
CA GLN B 407 -18.48 11.04 -32.87
C GLN B 407 -19.82 11.09 -32.10
N TYR B 408 -19.84 10.53 -30.89
CA TYR B 408 -21.09 10.38 -30.11
C TYR B 408 -21.19 11.26 -28.87
N GLY B 409 -20.09 11.92 -28.46
CA GLY B 409 -20.13 12.86 -27.32
C GLY B 409 -19.50 12.42 -25.99
N LYS B 410 -19.39 13.39 -25.09
CA LYS B 410 -18.75 13.25 -23.79
C LYS B 410 -19.61 12.58 -22.71
N LYS B 411 -20.93 12.62 -22.87
CA LYS B 411 -21.84 11.93 -21.95
C LYS B 411 -21.70 10.44 -22.15
N LEU B 412 -21.56 9.70 -21.05
CA LEU B 412 -21.34 8.24 -21.08
C LEU B 412 -22.49 7.50 -21.78
N VAL B 413 -23.71 7.98 -21.59
CA VAL B 413 -24.92 7.38 -22.18
C VAL B 413 -24.81 7.33 -23.72
N ASP B 414 -24.45 8.46 -24.30
CA ASP B 414 -24.28 8.59 -25.75
C ASP B 414 -23.08 7.76 -26.23
N PHE B 415 -22.00 7.79 -25.46
CA PHE B 415 -20.73 7.14 -25.79
C PHE B 415 -20.92 5.65 -26.04
N LYS B 416 -21.60 4.99 -25.11
CA LYS B 416 -21.91 3.57 -25.19
C LYS B 416 -22.66 3.19 -26.46
N LYS B 417 -23.51 4.08 -26.97
CA LYS B 417 -24.25 3.87 -28.22
C LYS B 417 -23.27 3.62 -29.38
N GLY B 418 -22.10 4.27 -29.31
CA GLY B 418 -21.06 4.08 -30.31
C GLY B 418 -20.34 2.75 -30.35
N LEU B 419 -20.51 1.93 -29.32
CA LEU B 419 -19.77 0.67 -29.15
C LEU B 419 -20.27 -0.50 -30.01
N PRO B 420 -21.57 -0.86 -29.90
CA PRO B 420 -22.02 -2.06 -30.60
C PRO B 420 -21.94 -1.95 -32.12
N GLY B 421 -21.51 -3.03 -32.77
CA GLY B 421 -21.41 -3.08 -34.23
C GLY B 421 -20.16 -2.45 -34.82
N ASN B 422 -19.35 -1.79 -33.99
CA ASN B 422 -18.21 -1.01 -34.46
C ASN B 422 -17.23 -1.98 -35.05
N ALA B 423 -17.03 -1.85 -36.35
CA ALA B 423 -16.12 -2.70 -37.12
C ALA B 423 -14.73 -2.88 -36.48
N GLN B 424 -14.14 -1.79 -35.97
CA GLN B 424 -12.75 -1.85 -35.45
C GLN B 424 -12.65 -2.63 -34.15
N LEU B 425 -13.57 -2.32 -33.23
CA LEU B 425 -13.75 -3.10 -31.99
C LEU B 425 -13.98 -4.57 -32.30
N GLN B 426 -14.84 -4.88 -33.28
CA GLN B 426 -15.08 -6.29 -33.64
C GLN B 426 -13.80 -6.95 -34.12
N GLN B 427 -13.03 -6.21 -34.90
CA GLN B 427 -11.74 -6.69 -35.36
C GLN B 427 -10.81 -6.92 -34.17
N LEU B 428 -10.80 -5.96 -33.25
CA LEU B 428 -9.89 -6.02 -32.13
C LEU B 428 -10.29 -7.12 -31.13
N LYS B 429 -11.58 -7.25 -30.85
CA LYS B 429 -12.12 -8.39 -30.07
C LYS B 429 -11.62 -9.73 -30.63
N GLN B 430 -11.81 -9.91 -31.92
CA GLN B 430 -11.34 -11.09 -32.63
C GLN B 430 -9.86 -11.36 -32.32
N GLU B 431 -9.02 -10.34 -32.48
CA GLU B 431 -7.59 -10.49 -32.17
C GLU B 431 -7.34 -10.91 -30.72
N VAL B 432 -8.10 -10.32 -29.80
CA VAL B 432 -8.02 -10.63 -28.36
C VAL B 432 -8.43 -12.08 -28.06
N VAL B 433 -9.61 -12.47 -28.56
CA VAL B 433 -10.16 -13.81 -28.33
C VAL B 433 -9.21 -14.90 -28.86
N THR B 434 -8.61 -14.67 -30.02
CA THR B 434 -7.74 -15.65 -30.65
C THR B 434 -6.50 -15.85 -29.80
N TRP B 435 -5.88 -14.77 -29.32
CA TRP B 435 -4.68 -14.90 -28.49
C TRP B 435 -4.97 -15.44 -27.09
N ALA B 436 -6.02 -14.93 -26.44
CA ALA B 436 -6.39 -15.32 -25.04
C ALA B 436 -6.94 -16.73 -24.97
N GLY B 437 -7.87 -17.04 -25.87
CA GLY B 437 -8.51 -18.35 -25.98
C GLY B 437 -7.59 -19.55 -26.07
N ALA B 438 -6.39 -19.35 -26.61
CA ALA B 438 -5.40 -20.42 -26.77
C ALA B 438 -4.35 -20.47 -25.66
N LEU B 439 -4.37 -19.50 -24.75
CA LEU B 439 -3.46 -19.53 -23.60
C LEU B 439 -3.84 -20.66 -22.61
N PRO B 440 -2.84 -21.17 -21.85
CA PRO B 440 -3.13 -22.12 -20.77
C PRO B 440 -4.13 -21.57 -19.77
N PHE B 441 -5.06 -22.43 -19.36
CA PHE B 441 -6.18 -22.05 -18.52
C PHE B 441 -6.28 -23.11 -17.42
N PRO B 442 -5.99 -22.74 -16.15
CA PRO B 442 -6.13 -23.72 -15.07
C PRO B 442 -7.56 -24.16 -14.86
N MET C 1 39.05 56.63 -39.81
CA MET C 1 38.98 55.37 -40.63
C MET C 1 38.44 54.17 -39.82
N PHE C 2 37.35 54.41 -39.11
CA PHE C 2 36.67 53.37 -38.34
C PHE C 2 35.17 53.44 -38.55
N ASN C 3 34.52 52.35 -38.19
CA ASN C 3 33.07 52.23 -38.22
C ASN C 3 32.53 52.32 -36.80
N ASN C 4 31.68 53.31 -36.55
CA ASN C 4 31.10 53.51 -35.22
C ASN C 4 29.62 53.07 -35.11
N GLU C 5 29.14 52.30 -36.08
CA GLU C 5 27.82 51.67 -36.01
C GLU C 5 27.67 50.83 -34.74
N PRO C 6 26.53 50.96 -34.00
CA PRO C 6 26.30 50.13 -32.80
C PRO C 6 26.39 48.62 -33.06
N LEU C 7 26.49 47.85 -31.99
CA LEU C 7 26.70 46.40 -32.07
C LEU C 7 25.55 45.70 -32.81
N GLU C 8 24.31 46.10 -32.50
CA GLU C 8 23.13 45.61 -33.25
C GLU C 8 23.22 45.84 -34.77
N GLN C 9 23.79 46.99 -35.17
CA GLN C 9 23.95 47.32 -36.58
C GLN C 9 25.18 46.66 -37.20
N ILE C 10 26.37 46.91 -36.62
CA ILE C 10 27.62 46.38 -37.18
C ILE C 10 27.60 44.87 -37.34
N ASP C 11 27.03 44.16 -36.36
CA ASP C 11 27.07 42.71 -36.37
C ASP C 11 25.79 42.15 -35.79
N LYS C 12 24.75 42.08 -36.64
CA LYS C 12 23.45 41.58 -36.23
C LYS C 12 23.49 40.11 -35.88
N GLU C 13 24.25 39.33 -36.63
CA GLU C 13 24.34 37.89 -36.31
C GLU C 13 24.78 37.65 -34.88
N LEU C 14 25.87 38.33 -34.46
CA LEU C 14 26.41 38.18 -33.10
C LEU C 14 25.50 38.80 -32.07
N HIS C 15 24.87 39.92 -32.39
CA HIS C 15 23.96 40.56 -31.45
C HIS C 15 22.77 39.68 -31.04
N ASP C 16 22.34 38.79 -31.94
CA ASP C 16 21.20 37.90 -31.67
C ASP C 16 21.53 36.81 -30.66
N ILE C 17 22.71 36.22 -30.83
CA ILE C 17 23.15 35.17 -29.95
C ILE C 17 23.32 35.73 -28.53
N LEU C 18 23.95 36.90 -28.45
CA LEU C 18 24.10 37.61 -27.17
C LEU C 18 22.75 37.94 -26.53
N ALA C 19 21.78 38.32 -27.36
CA ALA C 19 20.41 38.58 -26.89
C ALA C 19 19.79 37.30 -26.33
N ASP C 20 19.98 36.19 -27.05
CA ASP C 20 19.53 34.88 -26.58
C ASP C 20 20.23 34.47 -25.27
N GLU C 21 21.55 34.62 -25.23
CA GLU C 21 22.33 34.35 -24.03
C GLU C 21 21.83 35.16 -22.85
N GLU C 22 21.56 36.44 -23.06
CA GLU C 22 20.96 37.30 -22.04
C GLU C 22 19.61 36.73 -21.53
N LYS C 23 18.76 36.31 -22.45
CA LYS C 23 17.44 35.79 -22.11
C LYS C 23 17.55 34.40 -21.40
N ARG C 24 18.41 33.52 -21.90
CA ARG C 24 18.75 32.29 -21.16
C ARG C 24 19.17 32.59 -19.69
N GLN C 25 20.01 33.60 -19.48
CA GLN C 25 20.48 33.96 -18.11
C GLN C 25 19.32 34.43 -17.27
N ARG C 26 18.48 35.23 -17.92
CA ARG C 26 17.26 35.75 -17.33
C ARG C 26 16.29 34.64 -16.86
N GLU C 27 16.23 33.52 -17.57
CA GLU C 27 15.20 32.50 -17.35
C GLU C 27 15.78 31.19 -16.81
N THR C 28 16.84 31.28 -16.02
CA THR C 28 17.54 30.10 -15.49
C THR C 28 17.64 30.22 -13.98
N ILE C 29 17.40 29.11 -13.30
CA ILE C 29 17.85 28.96 -11.92
C ILE C 29 19.33 28.56 -12.00
N ASN C 30 20.21 29.55 -11.82
CA ASN C 30 21.65 29.32 -11.92
C ASN C 30 22.22 28.89 -10.56
N LEU C 31 22.57 27.62 -10.45
CA LEU C 31 23.18 27.09 -9.25
C LEU C 31 24.67 26.73 -9.44
N ILE C 32 25.34 27.26 -10.47
CA ILE C 32 26.80 27.02 -10.63
C ILE C 32 27.48 27.76 -9.49
N ALA C 33 28.18 27.03 -8.64
CA ALA C 33 28.71 27.63 -7.41
C ALA C 33 29.70 28.75 -7.71
N SER C 34 30.40 28.63 -8.85
CA SER C 34 31.39 29.59 -9.31
C SER C 34 30.89 30.75 -10.16
N GLU C 35 29.58 30.90 -10.34
CA GLU C 35 29.07 31.96 -11.21
C GLU C 35 28.35 33.02 -10.42
N ASN C 36 28.24 34.20 -11.04
CA ASN C 36 27.53 35.32 -10.45
C ASN C 36 27.07 36.27 -11.54
N LEU C 37 26.45 37.38 -11.15
CA LEU C 37 25.98 38.39 -12.10
C LEU C 37 26.63 39.73 -11.78
N THR C 38 27.35 40.29 -12.76
CA THR C 38 28.02 41.59 -12.60
C THR C 38 27.00 42.69 -12.80
N ASN C 39 27.20 43.80 -12.09
CA ASN C 39 26.31 44.95 -12.23
C ASN C 39 26.72 45.75 -13.45
N GLY C 40 25.95 46.79 -13.77
CA GLY C 40 26.20 47.62 -14.94
C GLY C 40 27.49 48.42 -14.83
N ALA C 41 27.89 48.80 -13.61
CA ALA C 41 29.09 49.56 -13.42
C ALA C 41 30.31 48.73 -13.79
N VAL C 42 30.39 47.52 -13.25
CA VAL C 42 31.47 46.59 -13.58
C VAL C 42 31.56 46.35 -15.10
N ARG C 43 30.43 46.23 -15.78
CA ARG C 43 30.43 46.07 -17.23
C ARG C 43 30.80 47.34 -18.01
N GLU C 44 30.49 48.52 -17.47
CA GLU C 44 30.98 49.81 -18.02
C GLU C 44 32.50 49.88 -18.02
N CYS C 45 33.12 49.42 -16.94
CA CYS C 45 34.58 49.36 -16.84
C CYS C 45 35.17 48.42 -17.87
N LEU C 46 34.59 47.23 -17.95
CA LEU C 46 35.04 46.21 -18.85
C LEU C 46 34.96 46.68 -20.29
N GLY C 47 34.01 47.57 -20.59
CA GLY C 47 33.90 48.17 -21.92
C GLY C 47 34.57 49.52 -22.09
N ASN C 48 35.43 49.93 -21.16
CA ASN C 48 36.02 51.26 -21.19
C ASN C 48 37.24 51.35 -22.12
N ARG C 49 37.47 52.50 -22.73
CA ARG C 49 38.63 52.69 -23.64
C ARG C 49 39.98 52.60 -22.95
N VAL C 50 40.00 52.60 -21.63
CA VAL C 50 41.21 52.26 -20.87
C VAL C 50 41.93 50.95 -21.32
N SER C 51 41.20 49.99 -21.90
CA SER C 51 41.84 48.79 -22.50
C SER C 51 42.68 49.10 -23.76
N ASN C 52 42.59 50.33 -24.29
CA ASN C 52 43.51 50.76 -25.37
C ASN C 52 45.01 50.83 -24.96
N LYS C 53 45.30 50.91 -23.67
CA LYS C 53 46.64 51.23 -23.21
C LYS C 53 47.52 50.02 -22.91
N TYR C 54 48.69 50.00 -23.55
CA TYR C 54 49.80 49.15 -23.16
C TYR C 54 50.48 49.81 -21.96
N SER C 55 50.65 49.06 -20.86
CA SER C 55 51.24 49.60 -19.65
C SER C 55 51.99 48.53 -18.89
N GLU C 56 52.88 47.87 -19.62
CA GLU C 56 53.74 46.84 -19.04
C GLU C 56 54.58 47.39 -17.91
N GLY C 57 54.74 46.60 -16.86
CA GLY C 57 55.48 47.00 -15.68
C GLY C 57 54.50 47.23 -14.56
N TYR C 58 54.84 48.16 -13.66
CA TYR C 58 54.04 48.43 -12.46
C TYR C 58 53.94 49.91 -12.30
N PRO C 59 53.04 50.36 -11.41
CA PRO C 59 52.88 51.80 -11.20
C PRO C 59 54.20 52.53 -10.82
N LYS C 60 54.45 53.67 -11.46
CA LYS C 60 55.68 54.46 -11.28
C LYS C 60 56.97 53.78 -11.75
N LYS C 61 56.86 52.57 -12.31
CA LYS C 61 58.01 51.78 -12.75
C LYS C 61 57.56 51.07 -14.01
N ARG C 62 57.09 51.91 -14.93
CA ARG C 62 56.45 51.49 -16.16
C ARG C 62 57.51 51.57 -17.24
N TYR C 63 57.45 50.70 -18.23
CA TYR C 63 58.39 50.77 -19.35
C TYR C 63 58.01 51.89 -20.30
N TYR C 64 56.70 52.13 -20.43
CA TYR C 64 56.16 53.17 -21.30
C TYR C 64 55.74 54.39 -20.51
N GLY C 65 55.37 55.44 -21.24
CA GLY C 65 54.79 56.66 -20.69
C GLY C 65 53.36 56.86 -21.14
N GLY C 66 52.74 57.88 -20.57
CA GLY C 66 51.32 58.15 -20.82
C GLY C 66 50.46 57.32 -19.89
N ASN C 67 51.09 56.78 -18.85
CA ASN C 67 50.46 55.89 -17.89
C ASN C 67 50.13 56.59 -16.58
N ASP C 68 49.95 57.91 -16.62
CA ASP C 68 49.62 58.67 -15.44
C ASP C 68 48.23 58.34 -14.93
N PHE C 69 47.26 58.28 -15.83
CA PHE C 69 45.91 57.92 -15.43
C PHE C 69 45.76 56.41 -15.17
N ILE C 70 46.52 55.57 -15.89
CA ILE C 70 46.58 54.12 -15.60
C ILE C 70 47.20 53.78 -14.26
N ASP C 71 48.33 54.39 -13.92
CA ASP C 71 48.97 54.17 -12.60
C ASP C 71 48.01 54.44 -11.45
N LYS C 72 47.20 55.47 -11.61
CA LYS C 72 46.20 55.82 -10.61
C LYS C 72 45.13 54.73 -10.49
N ILE C 73 44.69 54.20 -11.63
CA ILE C 73 43.69 53.15 -11.62
C ILE C 73 44.26 51.90 -10.95
N GLU C 74 45.46 51.49 -11.34
CA GLU C 74 46.08 50.30 -10.73
C GLU C 74 46.37 50.45 -9.25
N GLU C 75 46.77 51.63 -8.81
CA GLU C 75 47.06 51.88 -7.37
C GLU C 75 45.82 51.87 -6.50
N LEU C 76 44.75 52.45 -7.02
CA LEU C 76 43.45 52.41 -6.35
C LEU C 76 42.93 50.98 -6.23
N CYS C 77 43.16 50.15 -7.26
CA CYS C 77 42.77 48.76 -7.22
C CYS C 77 43.48 48.02 -6.12
N GLN C 78 44.77 48.26 -5.98
CA GLN C 78 45.58 47.65 -4.92
C GLN C 78 45.11 48.14 -3.54
N LYS C 79 44.98 49.45 -3.37
CA LYS C 79 44.50 50.01 -2.11
C LYS C 79 43.16 49.36 -1.72
N ARG C 80 42.20 49.38 -2.65
CA ARG C 80 40.85 48.83 -2.40
C ARG C 80 40.82 47.32 -2.12
N ALA C 81 41.76 46.56 -2.68
CA ALA C 81 41.83 45.13 -2.44
C ALA C 81 42.38 44.78 -1.07
N LEU C 82 43.43 45.48 -0.69
CA LEU C 82 44.06 45.33 0.63
C LEU C 82 43.09 45.71 1.74
N GLU C 83 42.39 46.80 1.52
CA GLU C 83 41.30 47.23 2.37
C GLU C 83 40.21 46.17 2.50
N ALA C 84 39.68 45.69 1.36
CA ALA C 84 38.56 44.75 1.34
C ALA C 84 38.83 43.50 2.13
N PHE C 85 40.09 43.04 2.15
CA PHE C 85 40.48 41.87 2.93
C PHE C 85 41.12 42.21 4.28
N ASN C 86 40.90 43.44 4.73
CA ASN C 86 41.30 43.90 6.07
C ASN C 86 42.75 43.58 6.43
N VAL C 87 43.64 44.02 5.55
CA VAL C 87 45.08 43.88 5.76
C VAL C 87 45.73 45.22 5.51
N SER C 88 46.78 45.47 6.28
CA SER C 88 47.54 46.70 6.19
C SER C 88 48.48 46.63 5.00
N ASP C 89 48.52 47.71 4.22
CA ASP C 89 49.50 47.83 3.12
C ASP C 89 50.97 47.80 3.56
N GLU C 90 51.22 47.79 4.87
CA GLU C 90 52.57 47.64 5.42
C GLU C 90 52.87 46.13 5.45
N GLU C 91 51.96 45.35 6.04
CA GLU C 91 52.15 43.88 6.16
C GLU C 91 51.94 43.08 4.85
N TRP C 92 50.96 43.49 4.04
CA TRP C 92 50.51 42.72 2.88
C TRP C 92 50.67 43.49 1.61
N GLY C 93 51.10 42.78 0.56
CA GLY C 93 51.01 43.32 -0.80
C GLY C 93 50.11 42.49 -1.72
N VAL C 94 49.60 43.14 -2.75
CA VAL C 94 48.75 42.56 -3.75
C VAL C 94 49.17 42.91 -5.19
N ASN C 95 49.20 41.88 -6.05
CA ASN C 95 49.29 42.08 -7.51
C ASN C 95 47.89 41.94 -8.19
N VAL C 96 47.51 42.97 -8.92
CA VAL C 96 46.20 43.04 -9.57
C VAL C 96 46.24 42.85 -11.11
N GLN C 97 47.35 42.33 -11.63
CA GLN C 97 47.47 42.02 -13.06
C GLN C 97 47.10 40.62 -13.55
N PRO C 98 47.05 39.58 -12.68
CA PRO C 98 46.66 38.27 -13.22
C PRO C 98 45.32 38.25 -13.95
N LEU C 99 45.32 37.74 -15.18
CA LEU C 99 44.14 37.80 -16.04
C LEU C 99 42.98 36.90 -15.62
N SER C 100 43.27 35.83 -14.90
CA SER C 100 42.26 34.95 -14.37
C SER C 100 42.88 34.11 -13.22
N GLY C 101 42.07 33.34 -12.51
CA GLY C 101 42.56 32.58 -11.39
C GLY C 101 43.66 31.58 -11.67
N SER C 102 43.58 30.90 -12.82
CA SER C 102 44.54 29.84 -13.14
C SER C 102 45.90 30.48 -13.38
N ALA C 103 45.91 31.60 -14.09
CA ALA C 103 47.16 32.34 -14.32
C ALA C 103 47.76 32.82 -12.98
N ALA C 104 46.95 33.38 -12.11
CA ALA C 104 47.38 33.85 -10.80
C ALA C 104 48.06 32.75 -10.02
N ASN C 105 47.46 31.55 -10.02
CA ASN C 105 48.03 30.41 -9.27
C ASN C 105 49.34 29.90 -9.88
N VAL C 106 49.41 29.76 -11.20
CA VAL C 106 50.64 29.30 -11.82
C VAL C 106 51.77 30.30 -11.51
N GLN C 107 51.46 31.58 -11.68
CA GLN C 107 52.34 32.69 -11.40
C GLN C 107 52.81 32.75 -9.95
N ALA C 108 51.86 32.68 -9.02
CA ALA C 108 52.17 32.70 -7.59
C ALA C 108 53.01 31.49 -7.20
N LEU C 109 52.64 30.31 -7.71
CA LEU C 109 53.39 29.11 -7.43
C LEU C 109 54.80 29.19 -7.99
N TYR C 110 54.94 29.76 -9.19
CA TYR C 110 56.24 29.83 -9.80
C TYR C 110 57.14 30.74 -8.99
N ALA C 111 56.63 31.90 -8.62
CA ALA C 111 57.39 32.83 -7.77
C ALA C 111 58.00 32.15 -6.54
N LEU C 112 57.18 31.33 -5.86
CA LEU C 112 57.58 30.66 -4.61
C LEU C 112 58.58 29.55 -4.77
N VAL C 113 58.35 28.66 -5.74
CA VAL C 113 59.15 27.44 -5.90
C VAL C 113 59.92 27.28 -7.19
N GLY C 114 59.47 27.90 -8.27
CA GLY C 114 60.16 27.80 -9.56
C GLY C 114 59.98 26.47 -10.24
N VAL C 115 60.58 26.34 -11.42
CA VAL C 115 60.48 25.13 -12.21
C VAL C 115 61.08 23.94 -11.45
N LYS C 116 60.42 22.77 -11.62
CA LYS C 116 60.64 21.55 -10.82
C LYS C 116 60.39 21.68 -9.30
N GLY C 117 59.96 22.83 -8.82
CA GLY C 117 59.65 23.02 -7.43
C GLY C 117 58.53 22.10 -6.96
N LYS C 118 58.52 21.84 -5.66
CA LYS C 118 57.62 20.84 -5.09
C LYS C 118 56.40 21.52 -4.52
N ILE C 119 55.23 21.05 -4.96
CA ILE C 119 53.98 21.55 -4.43
C ILE C 119 53.05 20.43 -3.95
N MET C 120 52.27 20.76 -2.91
CA MET C 120 51.25 19.88 -2.41
C MET C 120 49.91 20.59 -2.58
N GLY C 121 48.91 19.84 -3.03
CA GLY C 121 47.55 20.38 -3.15
C GLY C 121 46.53 19.29 -2.97
N MET C 122 45.27 19.69 -2.83
CA MET C 122 44.18 18.74 -2.66
C MET C 122 43.82 18.18 -4.02
N HIS C 123 43.45 16.91 -4.02
CA HIS C 123 43.14 16.18 -5.22
C HIS C 123 41.87 16.75 -5.82
N LEU C 124 41.76 16.74 -7.15
CA LEU C 124 40.59 17.25 -7.83
C LEU C 124 39.29 16.60 -7.38
N CYS C 125 39.24 15.28 -7.47
CA CYS C 125 38.12 14.50 -6.92
C CYS C 125 37.70 14.79 -5.49
N SER C 126 38.63 15.25 -4.66
CA SER C 126 38.31 15.60 -3.26
C SER C 126 37.84 17.05 -3.05
N GLY C 127 37.86 17.87 -4.11
CA GLY C 127 37.48 19.29 -4.05
C GLY C 127 38.54 20.28 -4.50
N GLY C 128 39.77 19.81 -4.71
CA GLY C 128 40.84 20.68 -5.18
C GLY C 128 40.69 21.11 -6.63
N HIS C 129 41.32 22.23 -6.96
CA HIS C 129 41.36 22.77 -8.32
C HIS C 129 42.47 22.12 -9.15
N LEU C 130 42.32 22.22 -10.48
CA LEU C 130 43.34 21.77 -11.44
C LEU C 130 44.71 22.41 -11.22
N THR C 131 44.74 23.72 -10.99
CA THR C 131 45.99 24.45 -10.73
C THR C 131 46.64 24.20 -9.38
N HIS C 132 46.12 23.24 -8.59
CA HIS C 132 46.75 22.76 -7.36
C HIS C 132 47.57 21.50 -7.57
N GLY C 133 48.05 21.30 -8.79
CA GLY C 133 48.91 20.21 -9.09
C GLY C 133 48.22 18.98 -9.62
N PHE C 134 47.08 19.12 -10.29
CA PHE C 134 46.34 17.93 -10.70
C PHE C 134 46.98 17.17 -11.84
N PHE C 135 47.10 15.86 -11.62
CA PHE C 135 47.41 14.89 -12.66
C PHE C 135 46.66 13.59 -12.39
N ASP C 136 46.63 12.70 -13.38
CA ASP C 136 46.13 11.34 -13.20
C ASP C 136 47.21 10.36 -13.68
N GLU C 137 46.96 9.06 -13.60
CA GLU C 137 47.91 8.05 -14.11
C GLU C 137 48.35 8.33 -15.56
N LYS C 138 47.37 8.48 -16.44
CA LYS C 138 47.60 8.62 -17.88
C LYS C 138 48.34 9.89 -18.31
N LYS C 139 48.19 10.99 -17.57
CA LYS C 139 48.75 12.28 -17.99
C LYS C 139 48.89 13.30 -16.85
N LYS C 140 49.82 14.23 -17.04
CA LYS C 140 49.97 15.42 -16.18
C LYS C 140 49.01 16.51 -16.68
N VAL C 141 47.74 16.40 -16.27
CA VAL C 141 46.63 17.18 -16.82
C VAL C 141 46.84 18.70 -16.71
N SER C 142 47.26 19.15 -15.53
CA SER C 142 47.54 20.56 -15.32
C SER C 142 49.02 20.78 -15.47
N ILE C 143 49.39 21.94 -16.02
CA ILE C 143 50.78 22.39 -16.04
C ILE C 143 51.35 22.40 -14.64
N THR C 144 50.51 22.59 -13.62
CA THR C 144 50.99 22.60 -12.26
C THR C 144 51.48 21.24 -11.80
N SER C 145 51.18 20.18 -12.53
CA SER C 145 51.75 18.88 -12.23
C SER C 145 52.96 18.57 -13.08
N ASP C 146 53.21 19.37 -14.11
CA ASP C 146 54.29 19.15 -15.07
C ASP C 146 55.47 20.09 -14.88
N MET C 147 55.20 21.40 -14.79
CA MET C 147 56.27 22.37 -14.59
C MET C 147 56.73 22.41 -13.11
N PHE C 148 55.95 21.76 -12.25
CA PHE C 148 56.25 21.54 -10.84
C PHE C 148 56.15 20.04 -10.64
N GLU C 149 56.75 19.56 -9.55
CA GLU C 149 56.59 18.16 -9.14
C GLU C 149 55.49 18.23 -8.10
N SER C 150 54.40 17.50 -8.32
CA SER C 150 53.22 17.67 -7.46
C SER C 150 52.84 16.40 -6.73
N LYS C 151 52.25 16.60 -5.55
CA LYS C 151 51.73 15.53 -4.71
C LYS C 151 50.31 15.93 -4.27
N LEU C 152 49.43 14.96 -4.12
CA LEU C 152 48.02 15.27 -3.94
C LEU C 152 47.49 14.55 -2.73
N TYR C 153 47.01 15.32 -1.76
CA TYR C 153 46.34 14.77 -0.56
C TYR C 153 44.83 14.71 -0.76
N LYS C 154 44.21 13.62 -0.30
CA LYS C 154 42.77 13.37 -0.45
C LYS C 154 42.02 13.71 0.82
N CYS C 155 40.70 13.85 0.69
CA CYS C 155 39.80 14.02 1.84
C CYS C 155 39.42 12.64 2.32
N ASN C 156 38.98 12.54 3.58
CA ASN C 156 38.50 11.27 4.15
C ASN C 156 37.17 10.85 3.54
N SER C 157 36.73 9.62 3.81
CA SER C 157 35.52 9.07 3.15
C SER C 157 34.25 9.86 3.46
N GLN C 158 34.26 10.66 4.54
CA GLN C 158 33.18 11.59 4.89
C GLN C 158 33.26 12.97 4.22
N GLY C 159 34.33 13.21 3.45
CA GLY C 159 34.46 14.43 2.63
C GLY C 159 35.16 15.59 3.30
N TYR C 160 35.93 15.30 4.35
CA TYR C 160 36.65 16.33 5.09
C TYR C 160 38.12 16.19 4.79
N VAL C 161 38.82 17.33 4.81
CA VAL C 161 40.26 17.34 4.72
C VAL C 161 40.78 16.55 5.91
N ASP C 162 41.63 15.56 5.64
CA ASP C 162 42.23 14.76 6.70
C ASP C 162 43.59 15.36 6.99
N LEU C 163 43.66 16.24 7.97
CA LEU C 163 44.91 16.88 8.34
C LEU C 163 46.03 15.92 8.75
N ASP C 164 45.67 14.77 9.32
CA ASP C 164 46.67 13.73 9.63
C ASP C 164 47.39 13.32 8.33
N ALA C 165 46.63 13.17 7.27
CA ALA C 165 47.15 12.75 5.98
C ALA C 165 48.00 13.85 5.34
N VAL C 166 47.61 15.11 5.52
CA VAL C 166 48.41 16.28 5.05
C VAL C 166 49.81 16.31 5.72
N ARG C 167 49.89 15.91 7.00
CA ARG C 167 51.19 15.77 7.71
C ARG C 167 52.01 14.57 7.22
N GLU C 168 51.44 13.38 7.18
CA GLU C 168 52.13 12.18 6.66
C GLU C 168 52.74 12.47 5.29
N MET C 169 51.99 13.20 4.44
CA MET C 169 52.43 13.46 3.06
C MET C 169 53.49 14.55 3.03
N ALA C 170 53.30 15.62 3.80
CA ALA C 170 54.25 16.73 3.83
C ALA C 170 55.63 16.32 4.37
N LEU C 171 55.68 15.46 5.41
CA LEU C 171 56.94 15.06 6.02
C LEU C 171 57.75 14.14 5.12
N SER C 172 57.09 13.25 4.39
CA SER C 172 57.77 12.36 3.47
C SER C 172 58.16 13.06 2.14
N PHE C 173 57.21 13.79 1.55
CA PHE C 173 57.41 14.51 0.26
C PHE C 173 58.20 15.83 0.38
N LYS C 174 58.02 16.57 1.47
CA LYS C 174 58.76 17.82 1.76
C LYS C 174 58.59 18.92 0.71
N PRO C 175 57.35 19.37 0.49
CA PRO C 175 57.16 20.38 -0.53
C PRO C 175 57.53 21.76 -0.02
N LYS C 176 57.75 22.68 -0.94
CA LYS C 176 57.97 24.09 -0.58
C LYS C 176 56.65 24.84 -0.48
N VAL C 177 55.58 24.32 -1.09
CA VAL C 177 54.26 24.95 -0.96
C VAL C 177 53.21 23.88 -0.63
N ILE C 178 52.30 24.23 0.27
CA ILE C 178 51.10 23.45 0.48
C ILE C 178 49.94 24.37 0.12
N ILE C 179 49.08 23.91 -0.78
CA ILE C 179 47.95 24.75 -1.22
C ILE C 179 46.70 24.34 -0.48
N CYS C 180 45.96 25.32 0.05
CA CYS C 180 44.63 25.07 0.58
C CYS C 180 43.64 26.14 0.11
N GLY C 181 42.34 25.87 0.24
CA GLY C 181 41.28 26.66 -0.43
C GLY C 181 40.96 25.99 -1.76
N TYR C 182 39.67 25.81 -2.07
CA TYR C 182 39.27 24.74 -3.01
C TYR C 182 38.12 25.09 -3.94
N THR C 183 37.81 24.19 -4.87
CA THR C 183 36.77 24.50 -5.90
C THR C 183 35.40 23.97 -5.51
N SER C 184 35.35 22.81 -4.88
CA SER C 184 34.10 22.28 -4.39
C SER C 184 34.28 21.57 -3.05
N TYR C 185 34.66 22.36 -2.05
CA TYR C 185 34.73 21.93 -0.67
C TYR C 185 33.65 22.68 0.05
N PRO C 186 32.70 21.96 0.69
CA PRO C 186 31.55 22.61 1.30
C PRO C 186 31.73 23.06 2.75
N ARG C 187 32.93 22.92 3.32
CA ARG C 187 33.20 23.33 4.70
C ARG C 187 34.36 24.34 4.83
N ASP C 188 34.41 25.01 5.98
CA ASP C 188 35.47 25.99 6.26
C ASP C 188 36.79 25.24 6.41
N ILE C 189 37.88 25.99 6.52
CA ILE C 189 39.21 25.41 6.49
C ILE C 189 39.94 25.81 7.76
N ASP C 190 40.67 24.85 8.35
CA ASP C 190 41.54 25.12 9.48
C ASP C 190 42.95 25.55 8.97
N TYR C 191 43.07 26.83 8.63
CA TYR C 191 44.33 27.36 8.09
C TYR C 191 45.42 27.26 9.14
N GLN C 192 45.07 27.45 10.41
CA GLN C 192 46.06 27.36 11.49
C GLN C 192 46.73 26.00 11.54
N GLN C 193 45.95 24.93 11.35
CA GLN C 193 46.53 23.59 11.30
C GLN C 193 47.32 23.37 10.01
N PHE C 194 46.98 24.09 8.94
CA PHE C 194 47.86 24.11 7.78
C PHE C 194 49.17 24.86 8.07
N ARG C 195 49.07 25.99 8.77
CA ARG C 195 50.22 26.84 9.09
C ARG C 195 51.27 26.06 9.88
N GLN C 196 50.85 25.35 10.92
CA GLN C 196 51.79 24.57 11.71
C GLN C 196 52.39 23.37 10.96
N ILE C 197 51.64 22.75 10.03
CA ILE C 197 52.24 21.70 9.17
C ILE C 197 53.30 22.30 8.24
N CYS C 198 52.97 23.44 7.64
CA CYS C 198 53.88 24.17 6.76
C CYS C 198 55.12 24.63 7.53
N ASP C 199 54.90 25.31 8.67
CA ASP C 199 55.98 25.70 9.61
C ASP C 199 56.91 24.54 9.99
N GLU C 200 56.30 23.38 10.25
CA GLU C 200 57.01 22.17 10.65
C GLU C 200 58.01 21.72 9.59
N VAL C 201 57.60 21.73 8.32
CA VAL C 201 58.45 21.26 7.20
C VAL C 201 59.06 22.42 6.39
N ASN C 202 58.91 23.65 6.89
CA ASN C 202 59.43 24.87 6.25
C ASN C 202 58.89 25.05 4.81
N ALA C 203 57.56 24.94 4.67
CA ALA C 203 56.87 25.16 3.40
C ALA C 203 56.06 26.43 3.45
N TYR C 204 55.83 27.06 2.30
CA TYR C 204 54.89 28.17 2.23
C TYR C 204 53.44 27.69 2.40
N LEU C 205 52.64 28.52 3.08
CA LEU C 205 51.20 28.33 3.14
C LEU C 205 50.56 29.18 2.06
N PHE C 206 49.85 28.51 1.15
CA PHE C 206 49.19 29.10 -0.02
C PHE C 206 47.68 28.84 0.16
N ALA C 207 46.88 29.90 0.25
CA ALA C 207 45.44 29.77 0.32
C ALA C 207 44.80 30.36 -0.91
N ASP C 208 43.97 29.59 -1.60
CA ASP C 208 43.25 30.05 -2.79
C ASP C 208 41.80 30.07 -2.37
N ILE C 209 41.31 31.28 -2.09
CA ILE C 209 40.01 31.51 -1.52
C ILE C 209 39.00 31.98 -2.59
N SER C 210 39.23 31.57 -3.85
CA SER C 210 38.41 31.99 -5.00
C SER C 210 36.94 31.71 -4.82
N HIS C 211 36.59 30.57 -4.23
CA HIS C 211 35.17 30.23 -3.99
C HIS C 211 34.50 30.93 -2.80
N ILE C 212 35.31 31.32 -1.83
CA ILE C 212 34.82 31.81 -0.55
C ILE C 212 35.34 33.23 -0.20
N SER C 213 35.81 33.95 -1.22
CA SER C 213 36.50 35.24 -0.97
C SER C 213 35.67 36.24 -0.15
N SER C 214 34.41 36.43 -0.52
CA SER C 214 33.51 37.31 0.20
C SER C 214 33.33 36.92 1.68
N PHE C 215 33.33 35.64 1.98
CA PHE C 215 33.20 35.19 3.37
C PHE C 215 34.42 35.63 4.19
N VAL C 216 35.57 35.70 3.54
CA VAL C 216 36.81 36.07 4.22
C VAL C 216 36.79 37.57 4.48
N ALA C 217 36.56 38.33 3.43
CA ALA C 217 36.45 39.76 3.52
C ALA C 217 35.46 40.22 4.59
N CYS C 218 34.25 39.63 4.60
CA CYS C 218 33.17 40.04 5.51
C CYS C 218 33.20 39.34 6.89
N ASN C 219 34.29 38.63 7.19
CA ASN C 219 34.55 38.04 8.52
C ASN C 219 33.57 36.95 8.98
N ILE C 220 32.93 36.30 8.01
CA ILE C 220 31.94 35.26 8.23
C ILE C 220 32.59 33.88 8.32
N LEU C 221 33.62 33.64 7.53
CA LEU C 221 34.42 32.41 7.66
C LEU C 221 35.83 32.75 8.06
N ASN C 222 36.57 31.73 8.43
CA ASN C 222 37.97 31.85 8.80
C ASN C 222 38.79 32.71 7.85
N ASN C 223 39.76 33.41 8.44
CA ASN C 223 40.65 34.32 7.74
C ASN C 223 42.01 33.64 7.51
N PRO C 224 42.36 33.33 6.24
CA PRO C 224 43.67 32.78 5.99
C PRO C 224 44.78 33.84 6.04
N PHE C 225 44.43 35.14 6.01
CA PHE C 225 45.45 36.20 6.10
C PHE C 225 46.26 36.18 7.42
N LEU C 226 45.68 35.67 8.50
CA LEU C 226 46.37 35.52 9.77
C LEU C 226 47.47 34.44 9.73
N HIS C 227 47.41 33.59 8.72
CA HIS C 227 48.28 32.42 8.64
C HIS C 227 49.04 32.25 7.32
N ALA C 228 48.45 32.66 6.20
CA ALA C 228 49.00 32.32 4.89
C ALA C 228 50.12 33.28 4.45
N ASP C 229 51.12 32.71 3.80
CA ASP C 229 52.14 33.48 3.07
C ASP C 229 51.61 34.16 1.80
N VAL C 230 50.79 33.40 1.05
CA VAL C 230 50.19 33.90 -0.18
C VAL C 230 48.69 33.58 -0.20
N VAL C 231 47.87 34.55 -0.60
CA VAL C 231 46.45 34.29 -0.82
C VAL C 231 46.12 34.68 -2.25
N THR C 232 45.58 33.74 -3.03
CA THR C 232 45.10 34.04 -4.37
C THR C 232 43.59 34.00 -4.37
N THR C 233 42.99 34.79 -5.23
CA THR C 233 41.58 34.71 -5.46
C THR C 233 41.17 35.24 -6.83
N THR C 234 40.24 34.55 -7.49
CA THR C 234 39.49 35.14 -8.60
C THR C 234 38.65 36.30 -8.08
N THR C 235 38.24 37.18 -8.98
CA THR C 235 37.32 38.28 -8.66
C THR C 235 35.89 38.12 -9.23
N HIS C 236 35.62 37.00 -9.93
CA HIS C 236 34.34 36.81 -10.68
C HIS C 236 33.34 35.87 -10.05
N LYS C 237 33.68 35.29 -8.90
CA LYS C 237 32.75 34.33 -8.31
C LYS C 237 31.90 35.04 -7.23
N ILE C 238 31.98 34.58 -6.00
CA ILE C 238 31.21 35.14 -4.90
C ILE C 238 31.47 36.65 -4.77
N LEU C 239 32.72 37.08 -5.04
CA LEU C 239 33.11 38.51 -5.03
C LEU C 239 32.35 39.37 -6.01
N ARG C 240 31.85 38.74 -7.08
CA ARG C 240 30.92 39.40 -8.00
C ARG C 240 31.61 40.49 -8.82
N GLY C 241 32.90 40.32 -9.07
CA GLY C 241 33.66 41.27 -9.89
C GLY C 241 33.75 40.75 -11.30
N PRO C 242 34.69 41.31 -12.08
CA PRO C 242 34.91 40.86 -13.45
C PRO C 242 35.76 39.61 -13.44
N ARG C 243 36.08 39.09 -14.63
CA ARG C 243 36.93 37.92 -14.70
C ARG C 243 38.39 38.37 -14.60
N SER C 244 38.98 38.16 -13.42
CA SER C 244 40.34 38.56 -13.12
C SER C 244 40.80 37.84 -11.87
N ALA C 245 42.02 38.09 -11.45
CA ALA C 245 42.49 37.55 -10.20
C ALA C 245 43.50 38.47 -9.49
N LEU C 246 43.65 38.20 -8.19
CA LEU C 246 44.50 38.94 -7.29
C LEU C 246 45.48 37.96 -6.66
N ILE C 247 46.75 38.38 -6.52
CA ILE C 247 47.75 37.65 -5.73
C ILE C 247 48.13 38.54 -4.57
N PHE C 248 47.85 38.05 -3.37
CA PHE C 248 48.20 38.69 -2.10
C PHE C 248 49.43 37.97 -1.54
N PHE C 249 50.38 38.72 -0.96
CA PHE C 249 51.61 38.15 -0.38
C PHE C 249 51.98 38.90 0.90
N ASN C 250 52.35 38.14 1.92
CA ASN C 250 52.74 38.71 3.21
C ASN C 250 54.23 39.11 3.18
N LYS C 251 54.47 40.42 3.13
CA LYS C 251 55.84 40.96 3.19
C LYS C 251 56.56 40.69 4.53
N LYS C 252 55.86 40.85 5.66
CA LYS C 252 56.41 40.55 7.00
C LYS C 252 56.97 39.15 7.19
N ARG C 253 56.20 38.13 6.81
CA ARG C 253 56.67 36.75 6.99
C ARG C 253 57.73 36.36 5.95
N ASN C 254 57.74 37.04 4.80
CA ASN C 254 58.73 36.77 3.73
C ASN C 254 59.16 38.09 3.07
N PRO C 255 60.09 38.83 3.72
CA PRO C 255 60.60 40.01 3.03
C PRO C 255 61.27 39.60 1.71
N GLY C 256 61.06 40.41 0.67
CA GLY C 256 61.55 40.07 -0.68
C GLY C 256 60.66 39.12 -1.51
N ILE C 257 59.50 38.74 -0.95
CA ILE C 257 58.47 38.01 -1.72
C ILE C 257 57.80 38.90 -2.75
N GLU C 258 57.69 40.20 -2.45
CA GLU C 258 57.05 41.16 -3.35
C GLU C 258 57.62 41.14 -4.76
N GLN C 259 58.92 41.39 -4.85
CA GLN C 259 59.61 41.44 -6.12
C GLN C 259 59.52 40.07 -6.83
N LYS C 260 59.56 38.99 -6.06
CA LYS C 260 59.38 37.62 -6.59
C LYS C 260 58.04 37.37 -7.28
N ILE C 261 56.96 37.76 -6.61
CA ILE C 261 55.62 37.57 -7.14
C ILE C 261 55.36 38.57 -8.28
N ASN C 262 55.76 39.82 -8.08
CA ASN C 262 55.59 40.83 -9.12
C ASN C 262 56.31 40.48 -10.43
N SER C 263 57.49 39.88 -10.34
CA SER C 263 58.29 39.63 -11.53
C SER C 263 57.83 38.33 -12.21
N ALA C 264 57.30 37.40 -11.42
CA ALA C 264 56.58 36.25 -11.93
C ALA C 264 55.36 36.65 -12.76
N VAL C 265 54.57 37.61 -12.31
CA VAL C 265 53.44 38.09 -13.15
C VAL C 265 53.95 38.80 -14.40
N PHE C 266 54.96 39.64 -14.24
CA PHE C 266 55.59 40.28 -15.39
C PHE C 266 57.04 40.57 -15.05
N PRO C 267 58.02 40.24 -15.89
CA PRO C 267 57.83 39.76 -17.25
C PRO C 267 57.95 38.24 -17.46
N SER C 268 57.92 37.45 -16.38
CA SER C 268 57.99 36.01 -16.53
C SER C 268 56.82 35.46 -17.37
N PHE C 269 55.58 35.81 -17.03
CA PHE C 269 54.40 35.15 -17.60
C PHE C 269 53.60 36.03 -18.56
N GLN C 270 53.18 37.21 -18.11
CA GLN C 270 52.29 38.06 -18.87
C GLN C 270 53.01 39.20 -19.55
N GLY C 271 52.30 39.87 -20.45
CA GLY C 271 52.72 41.08 -21.12
C GLY C 271 51.91 42.25 -20.59
N GLY C 272 51.22 42.97 -21.47
CA GLY C 272 50.53 44.19 -21.05
C GLY C 272 49.32 43.89 -20.17
N PRO C 273 49.12 44.66 -19.08
CA PRO C 273 47.91 44.36 -18.30
C PRO C 273 46.63 44.75 -19.02
N HIS C 274 45.53 44.18 -18.58
CA HIS C 274 44.23 44.47 -19.15
C HIS C 274 43.57 45.48 -18.21
N ASN C 275 43.69 46.75 -18.58
CA ASN C 275 43.38 47.84 -17.66
C ASN C 275 41.90 47.94 -17.39
N ASN C 276 41.07 47.51 -18.36
CA ASN C 276 39.62 47.31 -18.17
C ASN C 276 39.27 46.37 -17.05
N LYS C 277 39.99 45.27 -16.94
CA LYS C 277 39.84 44.34 -15.81
C LYS C 277 40.23 45.01 -14.51
N ILE C 278 41.37 45.68 -14.51
CA ILE C 278 41.85 46.37 -13.31
C ILE C 278 40.83 47.43 -12.83
N ALA C 279 40.35 48.26 -13.75
CA ALA C 279 39.25 49.19 -13.48
C ALA C 279 38.00 48.49 -12.94
N ALA C 280 37.58 47.41 -13.58
CA ALA C 280 36.37 46.69 -13.14
C ALA C 280 36.52 46.08 -11.74
N VAL C 281 37.68 45.50 -11.49
CA VAL C 281 37.98 44.98 -10.17
C VAL C 281 37.91 46.10 -9.13
N ALA C 282 38.43 47.27 -9.49
CA ALA C 282 38.45 48.43 -8.60
C ALA C 282 37.02 48.82 -8.23
N CYS C 283 36.18 48.95 -9.23
CA CYS C 283 34.75 49.23 -9.04
C CYS C 283 34.11 48.26 -8.06
N GLN C 284 34.31 46.97 -8.28
CA GLN C 284 33.65 46.00 -7.44
C GLN C 284 34.22 45.95 -6.03
N LEU C 285 35.52 46.20 -5.90
CA LEU C 285 36.16 46.23 -4.59
C LEU C 285 35.64 47.34 -3.67
N LYS C 286 35.20 48.45 -4.25
CA LYS C 286 34.53 49.48 -3.46
C LYS C 286 33.26 48.91 -2.83
N GLU C 287 32.44 48.28 -3.67
CA GLU C 287 31.22 47.61 -3.22
C GLU C 287 31.50 46.54 -2.18
N VAL C 288 32.60 45.78 -2.33
CA VAL C 288 32.89 44.68 -1.41
C VAL C 288 32.99 45.16 0.03
N HIS C 289 33.59 46.33 0.22
CA HIS C 289 33.82 46.88 1.57
C HIS C 289 32.56 47.47 2.24
N SER C 290 31.55 47.78 1.44
CA SER C 290 30.32 48.34 1.97
C SER C 290 29.61 47.36 2.88
N PRO C 291 28.87 47.89 3.89
CA PRO C 291 28.08 46.98 4.75
C PRO C 291 26.90 46.35 4.01
N ALA C 292 26.42 46.99 2.94
CA ALA C 292 25.45 46.38 2.02
C ALA C 292 25.91 45.02 1.45
N PHE C 293 27.18 44.95 1.04
CA PHE C 293 27.72 43.73 0.44
C PHE C 293 27.86 42.65 1.49
N LYS C 294 28.20 43.05 2.72
CA LYS C 294 28.25 42.08 3.84
C LYS C 294 26.88 41.45 4.08
N GLU C 295 25.82 42.21 3.88
CA GLU C 295 24.47 41.66 4.00
C GLU C 295 24.17 40.64 2.89
N TYR C 296 24.59 40.95 1.65
CA TYR C 296 24.48 40.02 0.52
C TYR C 296 25.21 38.70 0.80
N THR C 297 26.45 38.79 1.28
CA THR C 297 27.30 37.64 1.61
C THR C 297 26.67 36.78 2.70
N GLN C 298 26.02 37.44 3.66
CA GLN C 298 25.30 36.74 4.72
C GLN C 298 24.10 36.01 4.15
N GLN C 299 23.40 36.68 3.24
CA GLN C 299 22.27 36.09 2.57
C GLN C 299 22.69 34.83 1.77
N VAL C 300 23.91 34.85 1.19
CA VAL C 300 24.46 33.70 0.45
C VAL C 300 24.52 32.48 1.36
N LEU C 301 25.14 32.65 2.53
CA LEU C 301 25.20 31.59 3.50
C LEU C 301 23.82 31.19 4.04
N LEU C 302 22.96 32.17 4.34
CA LEU C 302 21.63 31.88 4.88
C LEU C 302 20.86 30.98 3.91
N ASN C 303 21.00 31.24 2.60
CA ASN C 303 20.32 30.47 1.56
C ASN C 303 20.89 29.09 1.36
N SER C 304 22.21 29.00 1.45
CA SER C 304 22.93 27.73 1.34
C SER C 304 22.54 26.80 2.46
N LYS C 305 22.47 27.36 3.66
CA LYS C 305 22.03 26.62 4.85
C LYS C 305 20.62 26.07 4.64
N ALA C 306 19.70 26.93 4.22
CA ALA C 306 18.31 26.54 4.03
C ALA C 306 18.13 25.56 2.87
N LEU C 307 18.95 25.72 1.82
CA LEU C 307 18.98 24.76 0.72
C LEU C 307 19.45 23.38 1.21
N ALA C 308 20.57 23.34 1.92
CA ALA C 308 21.05 22.08 2.47
C ALA C 308 19.97 21.36 3.27
N LYS C 309 19.32 22.14 4.14
CA LYS C 309 18.32 21.66 5.08
C LYS C 309 17.13 21.11 4.31
N ALA C 310 16.66 21.87 3.32
CA ALA C 310 15.49 21.45 2.55
C ALA C 310 15.76 20.14 1.76
N LEU C 311 16.96 20.00 1.25
CA LEU C 311 17.34 18.80 0.52
C LEU C 311 17.41 17.60 1.44
N ILE C 312 18.03 17.77 2.61
CA ILE C 312 18.04 16.73 3.63
C ILE C 312 16.62 16.34 4.04
N SER C 313 15.70 17.31 4.17
CA SER C 313 14.30 17.00 4.50
C SER C 313 13.57 16.17 3.40
N LYS C 314 14.12 16.19 2.18
CA LYS C 314 13.64 15.39 1.06
C LYS C 314 14.48 14.16 0.83
N GLN C 315 15.19 13.72 1.87
CA GLN C 315 15.95 12.44 1.83
C GLN C 315 17.07 12.43 0.78
N ILE C 316 17.67 13.58 0.51
CA ILE C 316 18.79 13.69 -0.41
C ILE C 316 20.06 13.83 0.43
N ASP C 317 21.08 13.01 0.14
CA ASP C 317 22.37 13.05 0.85
C ASP C 317 23.30 14.12 0.30
N LEU C 318 23.88 14.90 1.21
CA LEU C 318 24.91 15.89 0.93
C LEU C 318 26.25 15.45 1.52
N VAL C 319 27.34 15.62 0.78
CA VAL C 319 28.67 15.30 1.28
C VAL C 319 28.97 16.25 2.43
N THR C 320 29.44 15.65 3.54
CA THR C 320 29.61 16.30 4.84
C THR C 320 28.29 16.61 5.54
N ASN C 321 27.17 16.17 4.96
CA ASN C 321 25.82 16.42 5.46
C ASN C 321 25.44 17.88 5.67
N GLY C 322 26.03 18.76 4.89
CA GLY C 322 25.67 20.17 4.95
C GLY C 322 26.80 21.04 4.41
N THR C 323 26.80 22.27 4.86
CA THR C 323 27.69 23.26 4.33
C THR C 323 27.99 24.39 5.33
N ASP C 324 29.24 24.85 5.33
CA ASP C 324 29.62 26.08 6.06
C ASP C 324 29.64 27.25 5.16
N ASN C 325 29.52 27.02 3.86
CA ASN C 325 29.71 28.08 2.90
C ASN C 325 28.52 28.18 1.93
N HIS C 326 28.82 28.62 0.73
CA HIS C 326 27.89 28.89 -0.35
C HIS C 326 27.58 27.65 -1.21
N LEU C 327 28.27 26.54 -0.95
CA LEU C 327 28.13 25.41 -1.84
C LEU C 327 27.82 24.12 -1.14
N ILE C 328 27.10 23.27 -1.85
CA ILE C 328 26.66 21.98 -1.39
C ILE C 328 27.05 20.96 -2.46
N VAL C 329 27.48 19.78 -2.08
CA VAL C 329 27.66 18.72 -3.05
C VAL C 329 26.67 17.61 -2.69
N VAL C 330 25.80 17.30 -3.66
CA VAL C 330 24.82 16.25 -3.50
C VAL C 330 25.48 14.93 -3.86
N ASP C 331 25.37 13.94 -2.96
CA ASP C 331 25.76 12.54 -3.25
C ASP C 331 24.55 11.73 -3.77
N LEU C 332 24.61 11.37 -5.06
CA LEU C 332 23.48 10.69 -5.72
C LEU C 332 23.54 9.16 -5.73
N ARG C 333 24.44 8.54 -4.97
CA ARG C 333 24.55 7.07 -5.01
C ARG C 333 23.29 6.29 -4.61
N LYS C 334 22.49 6.85 -3.70
CA LYS C 334 21.24 6.18 -3.29
C LYS C 334 20.22 6.10 -4.41
N PHE C 335 20.30 7.02 -5.38
CA PHE C 335 19.37 7.03 -6.50
C PHE C 335 19.89 6.28 -7.73
N SER C 336 21.14 5.78 -7.66
CA SER C 336 21.79 5.03 -8.74
C SER C 336 21.76 5.75 -10.09
N ILE C 337 22.04 7.05 -10.03
CA ILE C 337 22.19 7.91 -11.19
C ILE C 337 23.48 8.71 -11.07
N THR C 338 24.01 9.16 -12.20
CA THR C 338 25.26 9.93 -12.21
C THR C 338 24.93 11.42 -12.14
N GLY C 339 25.90 12.23 -11.75
CA GLY C 339 25.78 13.68 -11.87
C GLY C 339 25.67 14.11 -13.31
N SER C 340 26.39 13.42 -14.20
CA SER C 340 26.28 13.63 -15.65
C SER C 340 24.84 13.52 -16.14
N LYS C 341 24.12 12.50 -15.69
CA LYS C 341 22.69 12.38 -16.03
C LYS C 341 21.84 13.54 -15.48
N LEU C 342 22.02 13.85 -14.19
CA LEU C 342 21.24 14.91 -13.53
C LEU C 342 21.48 16.28 -14.14
N GLN C 343 22.74 16.55 -14.46
CA GLN C 343 23.13 17.79 -15.12
C GLN C 343 22.33 17.97 -16.43
N GLU C 344 22.31 16.94 -17.25
CA GLU C 344 21.59 17.00 -18.52
C GLU C 344 20.13 17.29 -18.25
N THR C 345 19.54 16.61 -17.27
CA THR C 345 18.14 16.84 -16.88
C THR C 345 17.89 18.24 -16.38
N CYS C 346 18.78 18.73 -15.54
CA CYS C 346 18.64 20.08 -15.02
C CYS C 346 18.83 21.08 -16.17
N ASN C 347 19.80 20.87 -17.06
CA ASN C 347 19.96 21.78 -18.24
C ASN C 347 18.67 21.90 -19.07
N ALA C 348 17.98 20.78 -19.32
CA ALA C 348 16.67 20.79 -20.04
C ALA C 348 15.52 21.57 -19.32
N ILE C 349 15.59 21.73 -17.99
CA ILE C 349 14.58 22.55 -17.28
C ILE C 349 15.11 23.95 -16.91
N ASN C 350 16.15 24.43 -17.59
CA ASN C 350 16.80 25.70 -17.27
C ASN C 350 17.31 25.75 -15.82
N VAL C 351 17.87 24.62 -15.36
CA VAL C 351 18.56 24.55 -14.08
C VAL C 351 20.04 24.27 -14.35
N SER C 352 20.87 25.28 -14.11
CA SER C 352 22.32 25.14 -14.27
C SER C 352 22.93 24.65 -13.00
N LEU C 353 23.65 23.54 -13.12
CA LEU C 353 24.49 23.02 -12.06
C LEU C 353 25.53 22.18 -12.79
N ASN C 354 26.55 21.72 -12.07
CA ASN C 354 27.57 20.91 -12.73
C ASN C 354 27.77 19.62 -12.02
N LYS C 355 28.20 18.62 -12.79
CA LYS C 355 28.56 17.33 -12.25
C LYS C 355 29.82 17.48 -11.39
N ASN C 356 29.94 16.63 -10.39
CA ASN C 356 30.99 16.79 -9.41
C ASN C 356 31.31 15.47 -8.75
N THR C 357 32.60 15.20 -8.66
CA THR C 357 33.11 14.02 -7.96
C THR C 357 32.77 14.05 -6.48
N ILE C 358 32.64 12.87 -5.90
CA ILE C 358 32.55 12.66 -4.46
C ILE C 358 33.81 11.90 -4.02
N PRO C 359 33.99 11.64 -2.70
CA PRO C 359 35.20 10.95 -2.24
C PRO C 359 35.33 9.51 -2.73
N SER C 360 34.22 8.79 -2.75
CA SER C 360 34.20 7.40 -3.20
C SER C 360 34.50 7.23 -4.71
N ASP C 361 34.45 8.31 -5.49
CA ASP C 361 34.72 8.21 -6.93
C ASP C 361 36.19 7.92 -7.18
N VAL C 362 36.44 6.75 -7.79
CA VAL C 362 37.78 6.36 -8.21
C VAL C 362 38.30 7.34 -9.26
N ASP C 363 37.49 7.57 -10.31
CA ASP C 363 37.90 8.30 -11.52
C ASP C 363 36.98 9.50 -11.81
N CYS C 364 37.55 10.51 -12.48
CA CYS C 364 36.85 11.74 -12.88
C CYS C 364 35.67 11.65 -13.86
N VAL C 365 35.64 10.64 -14.72
CA VAL C 365 34.49 10.44 -15.65
C VAL C 365 33.41 9.67 -14.89
N SER C 366 32.16 10.07 -15.12
CA SER C 366 31.00 9.57 -14.37
C SER C 366 31.08 9.85 -12.85
N PRO C 367 31.16 11.14 -12.47
CA PRO C 367 31.10 11.46 -11.03
C PRO C 367 29.71 11.23 -10.44
N SER C 368 29.67 10.89 -9.17
CA SER C 368 28.44 10.46 -8.52
C SER C 368 27.71 11.61 -7.81
N GLY C 369 27.99 12.85 -8.18
CA GLY C 369 27.29 13.98 -7.60
C GLY C 369 27.15 15.18 -8.48
N VAL C 370 26.48 16.19 -7.93
CA VAL C 370 26.43 17.50 -8.51
C VAL C 370 26.79 18.52 -7.42
N ARG C 371 27.36 19.64 -7.84
CA ARG C 371 27.60 20.76 -6.98
C ARG C 371 26.61 21.85 -7.33
N ILE C 372 26.03 22.44 -6.28
CA ILE C 372 25.17 23.59 -6.42
C ILE C 372 25.73 24.71 -5.51
N GLY C 373 25.33 25.93 -5.81
CA GLY C 373 25.75 27.08 -5.02
C GLY C 373 24.77 28.22 -5.10
N THR C 374 24.74 29.03 -4.06
CA THR C 374 23.75 30.10 -3.95
C THR C 374 24.15 31.53 -4.35
N PRO C 375 25.43 31.78 -4.69
CA PRO C 375 25.73 33.21 -4.93
C PRO C 375 24.90 33.89 -6.01
N ALA C 376 24.70 33.20 -7.14
CA ALA C 376 23.96 33.79 -8.27
C ALA C 376 22.49 34.15 -7.95
N MET C 377 21.73 33.19 -7.43
CA MET C 377 20.31 33.43 -7.10
C MET C 377 20.11 34.36 -5.90
N THR C 378 21.05 34.31 -4.98
CA THR C 378 21.11 35.29 -3.92
C THR C 378 21.31 36.67 -4.52
N THR C 379 22.12 36.77 -5.59
CA THR C 379 22.25 38.06 -6.28
C THR C 379 20.92 38.48 -6.90
N ARG C 380 20.16 37.51 -7.41
CA ARG C 380 18.85 37.75 -8.02
C ARG C 380 17.66 37.93 -7.05
N GLY C 381 17.94 38.09 -5.75
CA GLY C 381 16.94 38.46 -4.78
C GLY C 381 16.21 37.31 -4.08
N ALA C 382 16.59 36.06 -4.37
CA ALA C 382 15.98 34.92 -3.67
C ALA C 382 16.38 34.89 -2.20
N LYS C 383 15.45 34.45 -1.35
CA LYS C 383 15.62 34.38 0.08
C LYS C 383 15.44 32.93 0.56
N GLU C 384 15.52 32.72 1.88
CA GLU C 384 15.46 31.36 2.44
C GLU C 384 14.25 30.54 2.06
N LYS C 385 13.10 31.20 2.06
CA LYS C 385 11.80 30.63 1.63
C LYS C 385 11.81 30.09 0.20
N ASP C 386 12.60 30.74 -0.66
CA ASP C 386 12.74 30.34 -2.06
C ASP C 386 13.56 29.08 -2.27
N MET C 387 14.29 28.68 -1.25
CA MET C 387 15.17 27.53 -1.32
C MET C 387 14.40 26.20 -1.28
N GLU C 388 13.26 26.16 -0.59
CA GLU C 388 12.38 24.99 -0.61
C GLU C 388 11.93 24.69 -2.04
N PHE C 389 11.54 25.73 -2.77
CA PHE C 389 11.22 25.61 -4.19
C PHE C 389 12.37 25.04 -5.05
N ILE C 390 13.58 25.56 -4.86
CA ILE C 390 14.74 25.08 -5.61
C ILE C 390 15.03 23.62 -5.22
N ALA C 391 14.89 23.31 -3.93
CA ALA C 391 14.99 21.95 -3.47
C ALA C 391 13.92 21.01 -4.09
N ASP C 392 12.68 21.50 -4.14
CA ASP C 392 11.55 20.81 -4.80
C ASP C 392 11.84 20.53 -6.28
N VAL C 393 12.32 21.54 -7.01
CA VAL C 393 12.71 21.38 -8.42
C VAL C 393 13.81 20.33 -8.61
N LEU C 394 14.84 20.38 -7.76
CA LEU C 394 15.97 19.43 -7.87
C LEU C 394 15.57 18.00 -7.52
N ALA C 395 14.70 17.85 -6.51
CA ALA C 395 14.13 16.53 -6.17
C ALA C 395 13.36 15.94 -7.38
N ARG C 396 12.52 16.78 -7.98
CA ARG C 396 11.71 16.39 -9.13
C ARG C 396 12.60 16.01 -10.32
N ALA C 397 13.68 16.77 -10.55
CA ALA C 397 14.70 16.40 -11.53
C ALA C 397 15.35 15.09 -11.22
N ILE C 398 15.66 14.83 -9.95
CA ILE C 398 16.28 13.56 -9.59
C ILE C 398 15.31 12.42 -9.90
N LYS C 399 14.07 12.58 -9.46
CA LYS C 399 13.02 11.61 -9.73
C LYS C 399 12.90 11.31 -11.24
N ILE C 400 12.86 12.38 -12.04
CA ILE C 400 12.70 12.26 -13.50
C ILE C 400 13.90 11.55 -14.09
N THR C 401 15.07 11.88 -13.56
CA THR C 401 16.28 11.23 -13.99
C THR C 401 16.23 9.76 -13.71
N VAL C 402 15.70 9.33 -12.57
CA VAL C 402 15.62 7.91 -12.25
C VAL C 402 14.69 7.19 -13.26
N ASP C 403 13.54 7.81 -13.50
CA ASP C 403 12.55 7.28 -14.44
C ASP C 403 13.05 7.18 -15.89
N LEU C 404 13.80 8.18 -16.35
CA LEU C 404 14.36 8.18 -17.69
C LEU C 404 15.50 7.15 -17.85
N GLN C 405 16.31 6.98 -16.81
CA GLN C 405 17.30 5.92 -16.80
C GLN C 405 16.65 4.52 -16.77
N GLU C 406 15.50 4.43 -16.10
CA GLU C 406 14.69 3.22 -16.11
C GLU C 406 14.15 2.89 -17.52
N GLN C 407 13.57 3.89 -18.20
CA GLN C 407 12.96 3.70 -19.52
C GLN C 407 13.94 3.56 -20.70
N TYR C 408 15.01 4.34 -20.71
CA TYR C 408 15.92 4.43 -21.87
C TYR C 408 17.30 3.82 -21.65
N GLY C 409 17.68 3.56 -20.40
CA GLY C 409 18.92 2.85 -20.08
C GLY C 409 19.98 3.63 -19.34
N LYS C 410 21.00 2.91 -18.90
CA LYS C 410 22.12 3.45 -18.11
C LYS C 410 23.19 4.17 -18.92
N LYS C 411 23.28 3.89 -20.22
CA LYS C 411 24.23 4.57 -21.11
C LYS C 411 23.79 6.01 -21.30
N LEU C 412 24.75 6.95 -21.22
CA LEU C 412 24.43 8.38 -21.35
C LEU C 412 23.86 8.73 -22.72
N VAL C 413 24.37 8.08 -23.77
CA VAL C 413 23.88 8.31 -25.16
C VAL C 413 22.36 8.07 -25.25
N ASP C 414 21.90 6.96 -24.67
CA ASP C 414 20.49 6.55 -24.68
C ASP C 414 19.61 7.46 -23.79
N PHE C 415 20.14 7.85 -22.62
CA PHE C 415 19.45 8.68 -21.63
C PHE C 415 18.95 10.00 -22.20
N LYS C 416 19.87 10.73 -22.85
CA LYS C 416 19.53 12.00 -23.50
C LYS C 416 18.39 11.86 -24.51
N LYS C 417 18.30 10.72 -25.20
CA LYS C 417 17.23 10.48 -26.20
C LYS C 417 15.84 10.65 -25.58
N GLY C 418 15.71 10.31 -24.30
CA GLY C 418 14.45 10.49 -23.57
C GLY C 418 14.15 11.90 -23.08
N LEU C 419 15.05 12.84 -23.30
CA LEU C 419 14.97 14.16 -22.69
C LEU C 419 14.10 15.13 -23.49
N PRO C 420 14.30 15.23 -24.82
CA PRO C 420 13.46 16.15 -25.58
C PRO C 420 12.02 15.69 -25.67
N GLY C 421 11.09 16.64 -25.61
CA GLY C 421 9.66 16.38 -25.73
C GLY C 421 8.94 15.84 -24.50
N ASN C 422 9.70 15.47 -23.46
CA ASN C 422 9.13 14.92 -22.22
C ASN C 422 8.22 15.97 -21.61
N ALA C 423 6.95 15.60 -21.46
CA ALA C 423 5.93 16.51 -20.93
C ALA C 423 6.24 17.04 -19.52
N GLN C 424 6.83 16.21 -18.65
CA GLN C 424 7.12 16.63 -17.27
C GLN C 424 8.22 17.67 -17.20
N LEU C 425 9.28 17.45 -17.98
CA LEU C 425 10.37 18.41 -18.12
C LEU C 425 9.88 19.74 -18.69
N GLN C 426 9.00 19.69 -19.69
CA GLN C 426 8.39 20.92 -20.24
C GLN C 426 7.55 21.62 -19.18
N GLN C 427 6.81 20.85 -18.38
CA GLN C 427 6.06 21.40 -17.25
C GLN C 427 6.99 22.04 -16.21
N LEU C 428 8.13 21.40 -15.96
CA LEU C 428 9.04 21.87 -14.94
C LEU C 428 9.82 23.07 -15.45
N LYS C 429 10.39 22.97 -16.65
CA LYS C 429 10.99 24.14 -17.34
C LYS C 429 10.08 25.37 -17.28
N GLN C 430 8.81 25.16 -17.62
CA GLN C 430 7.82 26.22 -17.55
C GLN C 430 7.79 26.86 -16.16
N GLU C 431 7.63 26.04 -15.13
CA GLU C 431 7.66 26.52 -13.72
C GLU C 431 8.97 27.24 -13.37
N VAL C 432 10.09 26.73 -13.88
CA VAL C 432 11.39 27.35 -13.63
C VAL C 432 11.51 28.73 -14.30
N VAL C 433 11.14 28.79 -15.58
CA VAL C 433 11.25 30.02 -16.36
C VAL C 433 10.42 31.13 -15.74
N THR C 434 9.22 30.78 -15.28
CA THR C 434 8.27 31.75 -14.75
C THR C 434 8.78 32.39 -13.46
N TRP C 435 9.33 31.58 -12.56
CA TRP C 435 9.87 32.11 -11.31
C TRP C 435 11.17 32.90 -11.54
N ALA C 436 12.12 32.33 -12.28
CA ALA C 436 13.45 32.96 -12.57
C ALA C 436 13.36 34.23 -13.41
N GLY C 437 12.62 34.11 -14.52
CA GLY C 437 12.34 35.22 -15.43
C GLY C 437 11.77 36.49 -14.81
N ALA C 438 11.15 36.38 -13.64
CA ALA C 438 10.60 37.53 -12.94
C ALA C 438 11.47 38.04 -11.80
N LEU C 439 12.62 37.42 -11.56
CA LEU C 439 13.54 37.85 -10.49
C LEU C 439 14.39 39.04 -10.98
N PRO C 440 14.84 39.90 -10.04
CA PRO C 440 15.76 40.97 -10.42
C PRO C 440 17.00 40.46 -11.17
N PHE C 441 17.39 41.19 -12.21
CA PHE C 441 18.49 40.81 -13.07
C PHE C 441 19.37 42.06 -13.31
N PRO C 442 20.61 42.08 -12.76
CA PRO C 442 21.49 43.23 -13.06
C PRO C 442 21.92 43.32 -14.51
#